data_3P99
#
_entry.id   3P99
#
_cell.length_a   59.610
_cell.length_b   80.570
_cell.length_c   115.800
_cell.angle_alpha   107.93
_cell.angle_beta   102.43
_cell.angle_gamma   99.57
#
_symmetry.space_group_name_H-M   'P 1'
#
loop_
_entity.id
_entity.type
_entity.pdbx_description
1 polymer 'Sterol 14-alpha-demethylase'
2 non-polymer 'PROTOPORPHYRIN IX CONTAINING FE'
3 non-polymer (3alpha,9beta,10alpha,13alpha)-30-cyclopropylidenelanost-7-en-3-ol
4 water water
#
_entity_poly.entity_id   1
_entity_poly.type   'polypeptide(L)'
_entity_poly.pdbx_seq_one_letter_code
;GKLPPVYPVTVPILGHIIQFGKSPLGFMQECKRQLKSGIFTINIVGKRVTIVGDPHEHSRFFLPRNEVLSPREVYSFMVP
VFGEGVAYAAPYPRMREQLNFLAEELTIAKFQNFVPAIQHEVRKFMAANWDKDEGEINLLEDCSTMIINTACQCLFGEDL
RKRLDARRFAQLLAKMESSLIPAAVFLPILLKLPLPQSARCHEARTELQKILSEIIIARKEEEVNKDSSTSDLLSGLLSA
VYRDGTPMSLHEVCGMIVAAMFAGQHTSSITTTWSMLHLMHPANVKHLEALRKEIEEFPAQLNYNNVMDEMPFAERCARE
SIRRDPPLLMLMRKVMADVKVGSYVVPKGDIIACSPLLSHHDEEAFPEPRRWDPERDEKVEGAFIGFGAGVHKCIGQKFG
LLQVKTILATAFRSYDFQLLRDEVPDPDYHTMVVGPTASQCRVKYIRRKAAAA
;
_entity_poly.pdbx_strand_id   A,B,C,D
#
loop_
_chem_comp.id
_chem_comp.type
_chem_comp.name
_chem_comp.formula
HEM non-polymer 'PROTOPORPHYRIN IX CONTAINING FE' 'C34 H32 Fe N4 O4'
LNP non-polymer (3alpha,9beta,10alpha,13alpha)-30-cyclopropylidenelanost-7-en-3-ol 'C33 H54 O'
#
# COMPACT_ATOMS: atom_id res chain seq x y z
N GLY A 1 -59.25 1.54 -8.96
CA GLY A 1 -59.45 2.15 -10.31
C GLY A 1 -59.18 1.17 -11.44
N LYS A 2 -59.34 1.64 -12.67
CA LYS A 2 -59.14 0.81 -13.85
C LYS A 2 -57.66 0.70 -14.22
N LEU A 3 -57.34 -0.26 -15.06
CA LEU A 3 -55.97 -0.44 -15.53
C LEU A 3 -55.91 -0.43 -17.06
N PRO A 4 -54.80 0.07 -17.63
CA PRO A 4 -54.61 0.10 -19.08
C PRO A 4 -54.61 -1.32 -19.65
N PRO A 5 -54.76 -1.43 -20.98
CA PRO A 5 -54.75 -2.73 -21.64
C PRO A 5 -53.38 -3.38 -21.56
N VAL A 6 -53.34 -4.62 -21.08
CA VAL A 6 -52.10 -5.39 -21.07
C VAL A 6 -51.90 -5.99 -22.46
N TYR A 7 -50.69 -5.89 -22.99
CA TYR A 7 -50.41 -6.44 -24.31
C TYR A 7 -50.08 -7.93 -24.22
N PRO A 8 -50.68 -8.74 -25.11
CA PRO A 8 -50.55 -10.20 -25.10
C PRO A 8 -49.10 -10.66 -25.09
N VAL A 9 -48.75 -11.49 -24.11
CA VAL A 9 -47.39 -12.01 -24.00
C VAL A 9 -47.26 -13.37 -24.69
N THR A 10 -46.57 -13.39 -25.84
CA THR A 10 -46.38 -14.60 -26.59
C THR A 10 -45.28 -15.47 -25.97
N VAL A 11 -44.10 -14.88 -25.79
CA VAL A 11 -43.02 -15.56 -25.10
C VAL A 11 -43.05 -15.19 -23.62
N PRO A 12 -43.17 -16.20 -22.75
CA PRO A 12 -43.46 -16.00 -21.33
C PRO A 12 -42.40 -15.18 -20.60
N ILE A 13 -41.17 -15.68 -20.56
CA ILE A 13 -40.11 -15.09 -19.74
C ILE A 13 -39.70 -13.69 -20.19
N LEU A 14 -39.33 -13.57 -21.46
CA LEU A 14 -38.77 -12.32 -21.99
C LEU A 14 -39.80 -11.20 -22.10
N GLY A 15 -40.95 -11.53 -22.65
CA GLY A 15 -41.96 -10.52 -22.96
C GLY A 15 -41.81 -10.05 -24.39
N HIS A 16 -41.78 -8.74 -24.59
CA HIS A 16 -41.62 -8.18 -25.93
C HIS A 16 -40.29 -7.46 -26.07
N ILE A 17 -39.32 -7.87 -25.28
CA ILE A 17 -38.01 -7.23 -25.28
C ILE A 17 -37.29 -7.42 -26.62
N ILE A 18 -37.38 -8.63 -27.16
CA ILE A 18 -36.75 -8.93 -28.46
C ILE A 18 -37.50 -8.24 -29.60
N GLN A 19 -38.82 -8.29 -29.55
CA GLN A 19 -39.65 -7.59 -30.53
C GLN A 19 -39.34 -6.09 -30.46
N PHE A 20 -39.46 -5.53 -29.26
CA PHE A 20 -39.15 -4.13 -29.03
C PHE A 20 -37.81 -3.77 -29.64
N GLY A 21 -36.83 -4.65 -29.44
CA GLY A 21 -35.47 -4.42 -29.93
C GLY A 21 -35.36 -4.32 -31.43
N LYS A 22 -36.08 -5.16 -32.15
CA LYS A 22 -35.99 -5.19 -33.61
C LYS A 22 -36.58 -3.94 -34.26
N SER A 23 -37.84 -3.64 -33.97
CA SER A 23 -38.48 -2.44 -34.49
C SER A 23 -39.25 -1.72 -33.40
N PRO A 24 -38.53 -0.98 -32.54
CA PRO A 24 -39.18 -0.25 -31.45
C PRO A 24 -40.39 0.52 -31.95
N LEU A 25 -40.19 1.35 -32.96
CA LEU A 25 -41.27 2.14 -33.55
C LEU A 25 -42.40 1.25 -34.05
N GLY A 26 -42.06 0.32 -34.92
CA GLY A 26 -43.04 -0.63 -35.46
C GLY A 26 -43.78 -1.34 -34.35
N PHE A 27 -43.04 -2.04 -33.50
CA PHE A 27 -43.64 -2.78 -32.41
C PHE A 27 -44.61 -1.93 -31.61
N MET A 28 -44.22 -0.68 -31.32
CA MET A 28 -45.04 0.20 -30.50
C MET A 28 -46.27 0.73 -31.24
N GLN A 29 -46.07 1.19 -32.47
CA GLN A 29 -47.20 1.66 -33.27
C GLN A 29 -48.24 0.54 -33.39
N GLU A 30 -47.76 -0.69 -33.30
CA GLU A 30 -48.61 -1.88 -33.35
C GLU A 30 -49.40 -2.02 -32.05
N CYS A 31 -48.72 -1.80 -30.93
CA CYS A 31 -49.34 -1.98 -29.62
C CYS A 31 -50.46 -0.96 -29.36
N LYS A 32 -50.30 0.25 -29.89
CA LYS A 32 -51.34 1.28 -29.71
C LYS A 32 -52.44 1.14 -30.76
N ARG A 33 -52.13 0.47 -31.86
CA ARG A 33 -53.11 0.27 -32.92
C ARG A 33 -54.11 -0.84 -32.60
N GLN A 34 -53.66 -1.84 -31.83
CA GLN A 34 -54.45 -3.04 -31.62
C GLN A 34 -55.21 -3.04 -30.29
N LEU A 35 -55.24 -1.90 -29.63
CA LEU A 35 -55.94 -1.77 -28.35
C LEU A 35 -56.75 -0.47 -28.28
N LYS A 36 -56.83 0.23 -29.40
CA LYS A 36 -57.61 1.46 -29.45
C LYS A 36 -57.22 2.43 -28.35
N SER A 37 -55.91 2.58 -28.11
CA SER A 37 -55.44 3.42 -27.02
C SER A 37 -53.94 3.67 -27.09
N GLY A 38 -53.52 4.85 -26.65
CA GLY A 38 -52.11 5.20 -26.62
C GLY A 38 -51.55 5.11 -25.21
N ILE A 39 -52.23 4.35 -24.36
CA ILE A 39 -51.78 4.14 -22.99
C ILE A 39 -51.80 2.66 -22.66
N PHE A 40 -50.76 1.94 -23.08
CA PHE A 40 -50.72 0.49 -22.94
C PHE A 40 -49.63 0.00 -21.99
N THR A 41 -49.61 -1.31 -21.76
CA THR A 41 -48.65 -1.93 -20.86
C THR A 41 -47.98 -3.13 -21.50
N ILE A 42 -46.73 -2.96 -21.92
CA ILE A 42 -45.94 -4.07 -22.45
C ILE A 42 -45.19 -4.74 -21.31
N ASN A 43 -44.86 -6.02 -21.49
CA ASN A 43 -44.19 -6.78 -20.46
C ASN A 43 -42.72 -7.05 -20.81
N ILE A 44 -41.81 -6.35 -20.16
CA ILE A 44 -40.40 -6.57 -20.37
C ILE A 44 -39.87 -7.41 -19.24
N VAL A 45 -39.48 -8.62 -19.57
CA VAL A 45 -38.80 -9.44 -18.60
C VAL A 45 -39.58 -9.44 -17.33
N GLY A 46 -40.88 -9.44 -17.48
CA GLY A 46 -41.75 -9.60 -16.35
C GLY A 46 -42.14 -8.35 -15.61
N LYS A 47 -41.47 -7.25 -15.84
CA LYS A 47 -41.89 -6.00 -15.20
C LYS A 47 -42.88 -5.22 -16.07
N ARG A 48 -44.05 -4.89 -15.50
CA ARG A 48 -45.03 -4.09 -16.20
C ARG A 48 -44.41 -2.76 -16.64
N VAL A 49 -44.42 -2.50 -17.94
CA VAL A 49 -43.88 -1.26 -18.48
C VAL A 49 -44.98 -0.45 -19.16
N THR A 50 -45.68 0.38 -18.39
CA THR A 50 -46.78 1.18 -18.92
C THR A 50 -46.30 2.41 -19.67
N ILE A 51 -46.54 2.42 -20.98
CA ILE A 51 -46.12 3.52 -21.84
C ILE A 51 -47.26 4.50 -22.07
N VAL A 52 -47.08 5.74 -21.63
CA VAL A 52 -48.06 6.78 -21.87
C VAL A 52 -47.88 7.34 -23.28
N GLY A 53 -48.51 6.69 -24.25
CA GLY A 53 -48.31 7.02 -25.65
C GLY A 53 -49.34 7.96 -26.27
N ASP A 54 -49.93 8.82 -25.44
CA ASP A 54 -50.87 9.84 -25.93
C ASP A 54 -50.49 11.22 -25.42
N PRO A 55 -50.03 12.10 -26.32
CA PRO A 55 -49.55 13.44 -26.04
C PRO A 55 -50.43 14.24 -25.08
N HIS A 56 -51.74 14.03 -25.14
CA HIS A 56 -52.68 14.77 -24.30
C HIS A 56 -52.54 14.41 -22.82
N GLU A 57 -51.59 13.53 -22.51
CA GLU A 57 -51.39 13.08 -21.13
C GLU A 57 -49.92 13.12 -20.73
N HIS A 58 -49.13 13.87 -21.48
CA HIS A 58 -47.69 13.98 -21.24
C HIS A 58 -47.36 14.59 -19.88
N SER A 59 -48.02 15.69 -19.55
CA SER A 59 -47.82 16.34 -18.26
C SER A 59 -48.10 15.31 -17.17
N ARG A 60 -49.01 14.43 -17.44
CA ARG A 60 -49.35 13.51 -16.44
C ARG A 60 -48.03 12.89 -16.17
N PHE A 61 -47.24 12.70 -17.20
CA PHE A 61 -45.91 12.10 -17.02
C PHE A 61 -44.80 12.88 -16.31
N PHE A 62 -44.62 14.13 -16.67
CA PHE A 62 -43.43 14.91 -16.35
C PHE A 62 -43.64 15.75 -15.08
N LEU A 63 -44.88 16.12 -14.79
CA LEU A 63 -45.17 17.06 -13.71
C LEU A 63 -45.04 16.49 -12.29
N PRO A 64 -45.39 15.20 -12.13
CA PRO A 64 -45.32 14.55 -10.81
C PRO A 64 -43.97 14.72 -10.13
N ARG A 65 -43.97 14.76 -8.81
CA ARG A 65 -42.75 14.88 -8.06
C ARG A 65 -42.02 13.57 -8.02
N ASN A 66 -40.75 13.63 -7.68
CA ASN A 66 -39.89 12.47 -7.68
C ASN A 66 -40.42 11.49 -6.69
N GLU A 67 -41.16 12.03 -5.76
CA GLU A 67 -41.86 11.23 -4.79
C GLU A 67 -42.94 10.36 -5.45
N VAL A 68 -43.63 10.92 -6.45
CA VAL A 68 -44.66 10.16 -7.19
C VAL A 68 -44.12 9.39 -8.41
N LEU A 69 -43.31 10.09 -9.21
CA LEU A 69 -42.60 9.52 -10.31
C LEU A 69 -41.18 9.84 -10.02
N SER A 70 -40.41 8.82 -9.70
CA SER A 70 -39.03 8.97 -9.34
C SER A 70 -38.16 8.19 -10.28
N PRO A 71 -37.16 8.82 -10.86
CA PRO A 71 -36.26 8.16 -11.80
C PRO A 71 -34.98 7.58 -11.21
N ARG A 72 -34.74 7.76 -9.92
CA ARG A 72 -33.56 7.17 -9.30
C ARG A 72 -33.49 5.65 -9.50
N GLU A 73 -34.61 4.98 -9.27
CA GLU A 73 -34.66 3.52 -9.39
C GLU A 73 -34.47 3.05 -10.82
N VAL A 74 -35.20 3.67 -11.75
CA VAL A 74 -35.19 3.25 -13.14
C VAL A 74 -33.86 3.54 -13.83
N TYR A 75 -33.26 4.69 -13.52
CA TYR A 75 -32.00 5.09 -14.16
C TYR A 75 -30.77 4.82 -13.29
N SER A 76 -30.78 3.72 -12.54
CA SER A 76 -29.70 3.45 -11.61
C SER A 76 -28.52 2.69 -12.23
N PHE A 77 -28.70 2.21 -13.45
CA PHE A 77 -27.61 1.56 -14.17
C PHE A 77 -26.55 2.61 -14.52
N MET A 78 -26.91 3.87 -14.34
CA MET A 78 -26.03 4.98 -14.68
C MET A 78 -25.05 5.33 -13.55
N VAL A 79 -25.29 4.83 -12.37
CA VAL A 79 -24.53 5.26 -11.22
C VAL A 79 -23.04 5.07 -11.32
N PRO A 80 -22.57 4.01 -11.92
CA PRO A 80 -21.14 3.82 -11.97
C PRO A 80 -20.53 4.99 -12.65
N VAL A 81 -21.16 5.47 -13.69
CA VAL A 81 -20.62 6.61 -14.43
C VAL A 81 -20.40 7.84 -13.53
N PHE A 82 -21.49 8.36 -12.98
CA PHE A 82 -21.43 9.56 -12.15
C PHE A 82 -20.55 9.35 -10.92
N GLY A 83 -20.43 8.09 -10.50
CA GLY A 83 -19.79 7.79 -9.23
C GLY A 83 -20.84 7.90 -8.14
N GLU A 84 -20.47 7.53 -6.92
CA GLU A 84 -21.42 7.56 -5.80
C GLU A 84 -21.53 8.95 -5.20
N GLY A 85 -22.77 9.41 -5.02
CA GLY A 85 -23.01 10.73 -4.43
C GLY A 85 -23.35 11.79 -5.46
N VAL A 86 -23.39 11.39 -6.72
CA VAL A 86 -23.71 12.31 -7.81
C VAL A 86 -25.03 11.95 -8.48
N ALA A 87 -25.91 12.94 -8.60
CA ALA A 87 -27.19 12.77 -9.28
C ALA A 87 -28.03 11.64 -8.69
N TYR A 88 -28.59 10.82 -9.56
CA TYR A 88 -29.47 9.73 -9.14
C TYR A 88 -28.76 8.79 -8.17
N ALA A 89 -27.44 8.95 -8.05
CA ALA A 89 -26.67 8.18 -7.09
C ALA A 89 -26.62 8.89 -5.75
N ALA A 90 -27.46 9.92 -5.60
CA ALA A 90 -27.55 10.69 -4.37
C ALA A 90 -28.98 11.15 -4.13
N PRO A 91 -29.29 11.51 -2.88
CA PRO A 91 -30.63 12.01 -2.54
C PRO A 91 -31.06 13.12 -3.48
N TYR A 92 -32.36 13.28 -3.69
CA TYR A 92 -32.85 14.22 -4.67
C TYR A 92 -32.41 15.62 -4.40
N PRO A 93 -32.34 15.99 -3.14
CA PRO A 93 -31.93 17.33 -2.82
C PRO A 93 -30.54 17.57 -3.30
N ARG A 94 -29.66 16.60 -3.18
CA ARG A 94 -28.29 16.80 -3.62
C ARG A 94 -28.19 16.92 -5.14
N MET A 95 -28.84 16.01 -5.86
CA MET A 95 -28.86 16.08 -7.30
C MET A 95 -29.37 17.45 -7.74
N ARG A 96 -30.48 17.88 -7.14
CA ARG A 96 -31.04 19.20 -7.42
C ARG A 96 -29.95 20.25 -7.28
N GLU A 97 -29.24 20.22 -6.15
CA GLU A 97 -28.16 21.16 -5.90
C GLU A 97 -27.10 21.10 -6.99
N GLN A 98 -26.72 19.89 -7.39
CA GLN A 98 -25.76 19.71 -8.47
C GLN A 98 -26.31 20.19 -9.81
N LEU A 99 -27.62 20.01 -10.01
CA LEU A 99 -28.28 20.53 -11.20
C LEU A 99 -28.20 22.05 -11.20
N ASN A 100 -28.52 22.65 -10.06
CA ASN A 100 -28.41 24.09 -9.92
C ASN A 100 -27.00 24.55 -10.31
N PHE A 101 -26.00 23.77 -9.90
CA PHE A 101 -24.60 24.14 -10.13
C PHE A 101 -24.19 24.06 -11.61
N LEU A 102 -24.66 23.03 -12.30
CA LEU A 102 -24.36 22.89 -13.72
C LEU A 102 -25.08 23.97 -14.52
N ALA A 103 -26.36 24.17 -14.21
CA ALA A 103 -27.18 25.16 -14.89
C ALA A 103 -26.51 26.53 -14.92
N GLU A 104 -25.75 26.84 -13.87
CA GLU A 104 -25.14 28.16 -13.73
C GLU A 104 -23.82 28.29 -14.47
N GLU A 105 -23.35 27.20 -15.06
CA GLU A 105 -22.18 27.25 -15.93
C GLU A 105 -22.65 27.41 -17.36
N LEU A 106 -23.96 27.33 -17.55
CA LEU A 106 -24.55 27.39 -18.90
C LEU A 106 -25.56 28.51 -19.06
N THR A 107 -25.47 29.53 -18.22
CA THR A 107 -26.39 30.67 -18.31
C THR A 107 -26.12 31.50 -19.56
N ILE A 108 -26.99 32.47 -19.81
CA ILE A 108 -26.91 33.28 -21.02
C ILE A 108 -25.62 34.11 -21.12
N ALA A 109 -25.07 34.49 -19.98
CA ALA A 109 -23.83 35.26 -19.97
C ALA A 109 -22.63 34.37 -20.28
N LYS A 110 -22.79 33.08 -20.01
CA LYS A 110 -21.73 32.11 -20.26
C LYS A 110 -21.51 31.90 -21.76
N PHE A 111 -22.57 32.06 -22.53
CA PHE A 111 -22.52 31.82 -23.97
C PHE A 111 -21.79 32.92 -24.72
N GLN A 112 -21.57 34.05 -24.04
CA GLN A 112 -20.87 35.18 -24.65
C GLN A 112 -19.57 34.74 -25.34
N ASN A 113 -18.85 33.84 -24.68
CA ASN A 113 -17.57 33.37 -25.20
C ASN A 113 -17.71 31.99 -25.85
N PHE A 114 -18.87 31.36 -25.65
CA PHE A 114 -19.14 30.04 -26.20
C PHE A 114 -19.24 30.05 -27.72
N VAL A 115 -19.86 31.10 -28.26
CA VAL A 115 -20.06 31.20 -29.70
C VAL A 115 -18.76 31.14 -30.50
N PRO A 116 -17.89 32.14 -30.33
CA PRO A 116 -16.61 32.17 -31.04
C PRO A 116 -15.77 30.93 -30.75
N ALA A 117 -15.85 30.43 -29.53
CA ALA A 117 -15.14 29.22 -29.14
C ALA A 117 -15.59 28.04 -29.99
N ILE A 118 -16.90 27.83 -30.07
CA ILE A 118 -17.48 26.78 -30.88
C ILE A 118 -17.10 26.95 -32.35
N GLN A 119 -17.28 28.16 -32.86
CA GLN A 119 -16.97 28.47 -34.25
C GLN A 119 -15.46 28.39 -34.50
N HIS A 120 -14.68 28.51 -33.43
CA HIS A 120 -13.24 28.37 -33.52
C HIS A 120 -12.89 26.93 -33.88
N GLU A 121 -13.58 25.99 -33.24
CA GLU A 121 -13.31 24.57 -33.44
C GLU A 121 -13.81 24.07 -34.80
N VAL A 122 -15.05 24.39 -35.14
CA VAL A 122 -15.63 23.94 -36.40
C VAL A 122 -14.81 24.41 -37.59
N ARG A 123 -14.00 25.44 -37.38
CA ARG A 123 -13.14 25.96 -38.44
C ARG A 123 -11.78 25.26 -38.49
N LYS A 124 -11.35 24.71 -37.36
CA LYS A 124 -10.11 23.94 -37.31
C LYS A 124 -10.31 22.56 -37.93
N PHE A 125 -11.53 22.05 -37.84
CA PHE A 125 -11.83 20.70 -38.33
C PHE A 125 -12.30 20.73 -39.78
N MET A 126 -12.79 21.87 -40.23
CA MET A 126 -13.16 22.06 -41.62
C MET A 126 -11.96 22.50 -42.43
N ALA A 127 -10.85 22.73 -41.74
CA ALA A 127 -9.62 23.16 -42.39
C ALA A 127 -8.62 22.01 -42.52
N ALA A 128 -8.40 21.29 -41.43
CA ALA A 128 -7.41 20.21 -41.39
C ALA A 128 -7.91 18.95 -42.10
N ASN A 129 -9.22 18.71 -42.02
CA ASN A 129 -9.80 17.49 -42.57
C ASN A 129 -10.63 17.71 -43.84
N TRP A 130 -10.80 18.97 -44.22
CA TRP A 130 -11.61 19.30 -45.40
C TRP A 130 -10.91 20.35 -46.26
N ASP A 131 -9.75 19.99 -46.79
CA ASP A 131 -8.94 20.93 -47.56
C ASP A 131 -8.90 20.63 -49.07
N LYS A 132 -9.97 20.01 -49.57
CA LYS A 132 -10.15 19.83 -51.01
C LYS A 132 -11.55 20.23 -51.46
N ASP A 133 -11.67 20.64 -52.72
CA ASP A 133 -12.95 21.08 -53.27
C ASP A 133 -14.06 20.06 -53.03
N GLU A 134 -13.73 18.79 -53.22
CA GLU A 134 -14.67 17.71 -52.94
C GLU A 134 -13.99 16.60 -52.13
N GLY A 135 -14.79 15.78 -51.46
CA GLY A 135 -14.27 14.69 -50.66
C GLY A 135 -15.37 13.84 -50.05
N GLU A 136 -15.06 12.59 -49.77
CA GLU A 136 -16.02 11.67 -49.17
C GLU A 136 -15.72 11.50 -47.68
N ILE A 137 -16.77 11.55 -46.86
CA ILE A 137 -16.60 11.54 -45.42
C ILE A 137 -17.66 10.72 -44.69
N ASN A 138 -17.43 10.51 -43.39
CA ASN A 138 -18.44 9.94 -42.52
C ASN A 138 -18.98 11.03 -41.60
N LEU A 139 -20.09 11.62 -42.00
CA LEU A 139 -20.66 12.79 -41.32
C LEU A 139 -20.94 12.52 -39.84
N LEU A 140 -21.49 11.35 -39.54
CA LEU A 140 -21.80 10.99 -38.16
C LEU A 140 -20.54 10.88 -37.31
N GLU A 141 -19.48 10.31 -37.90
CA GLU A 141 -18.20 10.24 -37.24
C GLU A 141 -17.63 11.65 -37.04
N ASP A 142 -17.78 12.48 -38.07
CA ASP A 142 -17.20 13.82 -38.06
C ASP A 142 -17.88 14.78 -37.09
N CYS A 143 -19.18 15.01 -37.29
CA CYS A 143 -19.93 15.83 -36.36
C CYS A 143 -19.55 15.45 -34.94
N SER A 144 -19.53 14.14 -34.68
CA SER A 144 -19.16 13.62 -33.37
C SER A 144 -17.81 14.18 -32.94
N THR A 145 -16.84 14.14 -33.84
CA THR A 145 -15.51 14.67 -33.55
C THR A 145 -15.56 16.16 -33.25
N MET A 146 -16.36 16.89 -34.03
CA MET A 146 -16.49 18.34 -33.87
C MET A 146 -17.26 18.69 -32.60
N ILE A 147 -18.26 17.89 -32.29
CA ILE A 147 -19.13 18.14 -31.13
C ILE A 147 -18.36 17.94 -29.82
N ILE A 148 -17.45 17.00 -29.79
CA ILE A 148 -16.64 16.75 -28.60
C ILE A 148 -15.57 17.85 -28.48
N ASN A 149 -15.17 18.38 -29.63
CA ASN A 149 -14.18 19.45 -29.65
C ASN A 149 -14.80 20.81 -29.31
N THR A 150 -15.94 21.11 -29.92
CA THR A 150 -16.66 22.32 -29.61
C THR A 150 -17.03 22.33 -28.13
N ALA A 151 -17.56 21.21 -27.66
CA ALA A 151 -17.98 21.08 -26.26
C ALA A 151 -16.86 21.45 -25.30
N CYS A 152 -15.68 20.86 -25.51
CA CYS A 152 -14.56 21.05 -24.60
C CYS A 152 -13.99 22.47 -24.65
N GLN A 153 -13.94 23.04 -25.86
CA GLN A 153 -13.48 24.41 -26.01
C GLN A 153 -14.32 25.33 -25.14
N CYS A 154 -15.63 25.14 -25.20
CA CYS A 154 -16.58 25.94 -24.41
C CYS A 154 -16.40 25.72 -22.91
N LEU A 155 -16.25 24.47 -22.51
CA LEU A 155 -16.29 24.12 -21.09
C LEU A 155 -14.93 24.11 -20.40
N PHE A 156 -13.90 23.67 -21.12
CA PHE A 156 -12.58 23.52 -20.50
C PHE A 156 -11.58 24.60 -20.92
N GLY A 157 -10.67 24.92 -20.02
CA GLY A 157 -9.65 25.93 -20.27
C GLY A 157 -8.57 25.46 -21.24
N GLU A 158 -7.79 26.42 -21.73
CA GLU A 158 -6.70 26.14 -22.65
C GLU A 158 -5.78 25.03 -22.13
N ASP A 159 -5.38 25.15 -20.86
CA ASP A 159 -4.47 24.19 -20.26
C ASP A 159 -5.03 22.76 -20.25
N LEU A 160 -6.26 22.62 -19.77
CA LEU A 160 -6.88 21.31 -19.64
C LEU A 160 -7.00 20.59 -20.99
N ARG A 161 -7.06 21.38 -22.06
CA ARG A 161 -7.22 20.81 -23.41
C ARG A 161 -5.91 20.22 -23.95
N LYS A 162 -4.79 20.81 -23.55
CA LYS A 162 -3.50 20.23 -23.89
C LYS A 162 -3.34 18.92 -23.13
N ARG A 163 -3.56 19.01 -21.81
CA ARG A 163 -3.46 17.85 -20.93
C ARG A 163 -4.41 16.74 -21.34
N LEU A 164 -5.57 17.12 -21.88
CA LEU A 164 -6.61 16.15 -22.22
C LEU A 164 -7.22 16.45 -23.59
N ASP A 165 -6.57 15.99 -24.65
CA ASP A 165 -7.04 16.24 -26.01
C ASP A 165 -8.46 15.70 -26.23
N ALA A 166 -9.08 16.13 -27.33
CA ALA A 166 -10.42 15.68 -27.68
C ALA A 166 -10.43 14.19 -28.00
N ARG A 167 -9.29 13.67 -28.44
CA ARG A 167 -9.18 12.26 -28.77
C ARG A 167 -9.13 11.39 -27.51
N ARG A 168 -8.29 11.80 -26.55
CA ARG A 168 -8.10 11.00 -25.35
C ARG A 168 -9.25 11.12 -24.36
N PHE A 169 -10.27 11.90 -24.72
CA PHE A 169 -11.45 12.03 -23.88
C PHE A 169 -12.57 11.14 -24.42
N ALA A 170 -12.78 11.19 -25.73
CA ALA A 170 -13.75 10.32 -26.37
C ALA A 170 -13.45 8.86 -26.05
N GLN A 171 -12.18 8.58 -25.74
CA GLN A 171 -11.76 7.24 -25.35
C GLN A 171 -12.18 6.91 -23.92
N LEU A 172 -11.78 7.76 -22.99
CA LEU A 172 -12.12 7.53 -21.58
C LEU A 172 -13.62 7.40 -21.39
N LEU A 173 -14.39 8.29 -22.01
CA LEU A 173 -15.84 8.21 -21.95
C LEU A 173 -16.31 6.87 -22.50
N ALA A 174 -16.04 6.65 -23.78
CA ALA A 174 -16.43 5.41 -24.45
C ALA A 174 -16.23 4.19 -23.56
N LYS A 175 -15.06 4.10 -22.93
CA LYS A 175 -14.74 2.98 -22.07
C LYS A 175 -15.79 2.82 -20.98
N MET A 176 -16.32 3.94 -20.51
CA MET A 176 -17.37 3.94 -19.50
C MET A 176 -18.72 3.60 -20.12
N GLU A 177 -19.00 4.19 -21.27
CA GLU A 177 -20.27 4.00 -21.95
C GLU A 177 -20.57 2.54 -22.25
N SER A 178 -19.59 1.83 -22.78
CA SER A 178 -19.76 0.43 -23.13
C SER A 178 -20.02 -0.43 -21.90
N SER A 179 -19.55 0.03 -20.75
CA SER A 179 -19.70 -0.72 -19.51
C SER A 179 -21.11 -0.59 -18.91
N LEU A 180 -22.04 -0.12 -19.74
CA LEU A 180 -23.42 0.10 -19.29
C LEU A 180 -24.35 -0.96 -19.85
N ILE A 181 -25.25 -1.45 -19.00
CA ILE A 181 -26.23 -2.45 -19.42
C ILE A 181 -27.65 -1.98 -19.07
N PRO A 182 -28.25 -1.19 -19.98
CA PRO A 182 -29.56 -0.58 -19.78
C PRO A 182 -30.63 -1.57 -19.35
N ALA A 183 -30.45 -2.84 -19.71
CA ALA A 183 -31.42 -3.87 -19.40
C ALA A 183 -31.53 -4.08 -17.89
N ALA A 184 -30.59 -3.50 -17.15
CA ALA A 184 -30.55 -3.66 -15.70
C ALA A 184 -31.74 -3.00 -15.02
N VAL A 185 -32.55 -2.30 -15.80
CA VAL A 185 -33.75 -1.65 -15.29
C VAL A 185 -34.83 -2.68 -14.99
N PHE A 186 -34.83 -3.76 -15.76
CA PHE A 186 -35.83 -4.82 -15.63
C PHE A 186 -35.17 -6.06 -15.04
N LEU A 187 -33.86 -6.02 -14.95
CA LEU A 187 -33.10 -7.09 -14.37
C LEU A 187 -32.19 -6.44 -13.36
N PRO A 188 -32.82 -5.91 -12.36
CA PRO A 188 -32.19 -5.04 -11.40
C PRO A 188 -31.08 -5.76 -10.69
N ILE A 189 -31.21 -7.05 -10.57
CA ILE A 189 -30.26 -7.77 -9.77
C ILE A 189 -28.95 -7.65 -10.44
N LEU A 190 -28.98 -7.16 -11.65
CA LEU A 190 -27.80 -7.12 -12.51
C LEU A 190 -26.79 -6.07 -12.03
N LEU A 191 -27.25 -5.13 -11.21
CA LEU A 191 -26.42 -4.05 -10.74
C LEU A 191 -25.67 -4.39 -9.45
N LYS A 192 -25.72 -5.65 -9.05
CA LYS A 192 -25.08 -6.08 -7.81
C LYS A 192 -23.98 -7.10 -8.05
N LEU A 193 -24.07 -7.84 -9.14
CA LEU A 193 -23.05 -8.82 -9.50
C LEU A 193 -21.81 -8.09 -9.98
N PRO A 194 -20.63 -8.66 -9.70
CA PRO A 194 -19.38 -8.03 -10.14
C PRO A 194 -19.07 -8.35 -11.60
N LEU A 195 -19.73 -7.64 -12.51
CA LEU A 195 -19.46 -7.76 -13.93
C LEU A 195 -18.07 -7.22 -14.25
N PRO A 196 -17.34 -7.88 -15.16
CA PRO A 196 -16.05 -7.36 -15.57
C PRO A 196 -16.19 -5.92 -16.10
N GLN A 197 -17.38 -5.58 -16.57
CA GLN A 197 -17.66 -4.25 -17.10
C GLN A 197 -17.57 -3.16 -16.04
N SER A 198 -18.37 -3.30 -14.98
CA SER A 198 -18.44 -2.28 -13.94
C SER A 198 -17.06 -1.88 -13.44
N ALA A 199 -16.14 -2.85 -13.41
CA ALA A 199 -14.77 -2.57 -13.00
C ALA A 199 -14.10 -1.60 -13.97
N ARG A 200 -14.20 -1.88 -15.26
CA ARG A 200 -13.62 -1.02 -16.28
C ARG A 200 -14.33 0.34 -16.32
N CYS A 201 -15.63 0.32 -16.12
CA CYS A 201 -16.40 1.56 -16.06
C CYS A 201 -15.82 2.49 -15.00
N HIS A 202 -14.98 1.94 -14.14
CA HIS A 202 -14.42 2.70 -13.03
C HIS A 202 -12.91 2.91 -13.20
N GLU A 203 -12.25 1.98 -13.89
CA GLU A 203 -10.83 2.11 -14.18
C GLU A 203 -10.58 3.31 -15.11
N ALA A 204 -11.55 3.59 -15.97
CA ALA A 204 -11.46 4.73 -16.87
C ALA A 204 -11.77 6.02 -16.11
N ARG A 205 -12.76 5.95 -15.24
CA ARG A 205 -13.17 7.10 -14.45
C ARG A 205 -12.00 7.66 -13.65
N THR A 206 -11.28 6.79 -12.97
CA THR A 206 -10.14 7.20 -12.13
C THR A 206 -9.08 7.96 -12.92
N GLU A 207 -8.91 7.59 -14.19
CA GLU A 207 -7.86 8.18 -15.02
C GLU A 207 -8.14 9.63 -15.42
N LEU A 208 -9.42 9.94 -15.65
CA LEU A 208 -9.82 11.32 -15.92
C LEU A 208 -9.63 12.16 -14.66
N GLN A 209 -9.86 11.53 -13.51
CA GLN A 209 -9.73 12.21 -12.23
C GLN A 209 -8.26 12.44 -11.87
N LYS A 210 -7.40 11.53 -12.32
CA LYS A 210 -5.96 11.68 -12.09
C LYS A 210 -5.39 12.76 -13.00
N ILE A 211 -6.18 13.21 -13.96
CA ILE A 211 -5.80 14.29 -14.84
C ILE A 211 -6.35 15.61 -14.32
N LEU A 212 -7.55 15.56 -13.74
CA LEU A 212 -8.16 16.75 -13.15
C LEU A 212 -7.28 17.30 -12.03
N SER A 213 -6.83 16.42 -11.13
CA SER A 213 -5.98 16.81 -10.03
C SER A 213 -4.63 17.35 -10.52
N GLU A 214 -4.10 16.74 -11.58
CA GLU A 214 -2.85 17.18 -12.16
C GLU A 214 -3.03 18.51 -12.90
N ILE A 215 -4.27 18.87 -13.16
CA ILE A 215 -4.59 20.17 -13.75
C ILE A 215 -4.89 21.20 -12.65
N ILE A 216 -5.64 20.76 -11.63
CA ILE A 216 -5.98 21.62 -10.51
C ILE A 216 -4.73 22.01 -9.72
N ILE A 217 -3.68 21.20 -9.83
CA ILE A 217 -2.42 21.50 -9.15
C ILE A 217 -1.64 22.58 -9.91
N ALA A 218 -1.80 22.59 -11.22
CA ALA A 218 -1.10 23.55 -12.07
C ALA A 218 -1.77 24.92 -12.06
N ARG A 219 -3.07 24.95 -11.79
CA ARG A 219 -3.80 26.21 -11.76
C ARG A 219 -3.53 26.98 -10.46
N LYS A 220 -3.23 26.27 -9.39
CA LYS A 220 -2.87 26.90 -8.13
C LYS A 220 -1.40 27.32 -8.15
N GLU A 221 -0.65 26.80 -9.11
CA GLU A 221 0.73 27.22 -9.32
C GLU A 221 0.77 28.46 -10.20
N GLU A 222 -0.07 28.48 -11.22
CA GLU A 222 -0.17 29.61 -12.10
C GLU A 222 -0.73 30.84 -11.39
N GLU A 223 -1.77 30.69 -10.61
CA GLU A 223 -2.32 31.88 -10.03
C GLU A 223 -1.24 32.50 -9.21
N VAL A 224 -0.52 31.68 -8.48
CA VAL A 224 0.47 32.22 -7.59
C VAL A 224 1.64 32.93 -8.26
N ASN A 225 2.29 32.30 -9.23
CA ASN A 225 3.38 33.00 -9.90
C ASN A 225 2.97 34.11 -10.81
N LYS A 226 1.96 33.83 -11.61
CA LYS A 226 1.45 34.78 -12.55
C LYS A 226 0.00 34.51 -12.58
N ASP A 227 -0.84 35.42 -12.14
CA ASP A 227 -2.23 35.04 -11.92
C ASP A 227 -3.01 34.40 -13.06
N SER A 228 -3.69 33.32 -12.72
CA SER A 228 -4.50 32.60 -13.68
C SER A 228 -5.82 32.26 -13.03
N SER A 229 -6.60 33.28 -12.73
CA SER A 229 -7.89 33.01 -12.17
C SER A 229 -8.66 32.73 -13.40
N THR A 230 -8.31 31.63 -14.04
CA THR A 230 -8.97 31.17 -15.25
C THR A 230 -10.30 30.49 -14.94
N SER A 231 -11.35 30.93 -15.64
CA SER A 231 -12.69 30.41 -15.41
C SER A 231 -13.18 29.47 -16.51
N ASP A 232 -13.55 28.26 -16.12
CA ASP A 232 -14.17 27.30 -17.03
C ASP A 232 -15.19 26.48 -16.26
N LEU A 233 -15.73 25.45 -16.90
CA LEU A 233 -16.68 24.57 -16.21
C LEU A 233 -16.05 24.01 -14.94
N LEU A 234 -14.79 23.59 -15.05
CA LEU A 234 -14.07 23.00 -13.93
C LEU A 234 -13.78 24.02 -12.83
N SER A 235 -13.34 25.21 -13.23
CA SER A 235 -13.01 26.25 -12.26
C SER A 235 -14.26 26.70 -11.51
N GLY A 236 -15.39 26.72 -12.21
CA GLY A 236 -16.64 27.14 -11.61
C GLY A 236 -17.17 26.13 -10.61
N LEU A 237 -17.17 24.86 -11.00
CA LEU A 237 -17.66 23.79 -10.13
C LEU A 237 -16.76 23.58 -8.92
N LEU A 238 -15.45 23.73 -9.11
CA LEU A 238 -14.49 23.56 -8.02
C LEU A 238 -14.70 24.61 -6.94
N SER A 239 -15.41 25.67 -7.28
CA SER A 239 -15.65 26.77 -6.35
C SER A 239 -17.06 26.72 -5.77
N ALA A 240 -17.76 25.63 -6.04
CA ALA A 240 -19.13 25.47 -5.56
C ALA A 240 -19.17 25.00 -4.11
N VAL A 241 -20.24 25.35 -3.40
CA VAL A 241 -20.39 24.95 -2.00
C VAL A 241 -21.84 24.58 -1.68
N TYR A 242 -22.02 23.43 -1.06
CA TYR A 242 -23.35 22.91 -0.74
C TYR A 242 -24.04 23.73 0.37
N ARG A 243 -25.35 23.91 0.22
CA ARG A 243 -26.16 24.59 1.22
C ARG A 243 -25.95 23.96 2.58
N ASP A 244 -25.76 22.64 2.59
CA ASP A 244 -25.46 21.91 3.80
C ASP A 244 -24.19 22.45 4.46
N GLY A 245 -23.39 23.18 3.69
CA GLY A 245 -22.23 23.88 4.25
C GLY A 245 -20.87 23.46 3.71
N THR A 246 -20.77 22.21 3.27
CA THR A 246 -19.49 21.65 2.82
C THR A 246 -19.21 21.92 1.35
N PRO A 247 -17.92 21.97 0.98
CA PRO A 247 -17.52 22.18 -0.40
C PRO A 247 -17.84 20.96 -1.27
N MET A 248 -17.63 21.08 -2.57
CA MET A 248 -17.84 19.96 -3.48
C MET A 248 -16.52 19.23 -3.69
N SER A 249 -16.56 17.90 -3.67
CA SER A 249 -15.34 17.09 -3.72
C SER A 249 -14.87 16.81 -5.15
N LEU A 250 -13.56 16.60 -5.29
CA LEU A 250 -12.94 16.30 -6.58
C LEU A 250 -13.64 15.10 -7.22
N HIS A 251 -14.00 14.13 -6.39
CA HIS A 251 -14.72 12.94 -6.84
C HIS A 251 -16.03 13.33 -7.52
N GLU A 252 -16.71 14.32 -6.94
CA GLU A 252 -18.01 14.75 -7.45
C GLU A 252 -17.87 15.68 -8.64
N VAL A 253 -17.01 16.69 -8.52
CA VAL A 253 -16.75 17.61 -9.62
C VAL A 253 -16.42 16.83 -10.88
N CYS A 254 -15.56 15.83 -10.74
CA CYS A 254 -15.21 14.94 -11.84
C CYS A 254 -16.42 14.18 -12.34
N GLY A 255 -17.19 13.63 -11.40
CA GLY A 255 -18.40 12.89 -11.73
C GLY A 255 -19.38 13.69 -12.57
N MET A 256 -19.66 14.92 -12.13
CA MET A 256 -20.58 15.79 -12.84
C MET A 256 -20.13 16.04 -14.28
N ILE A 257 -18.84 16.32 -14.44
CA ILE A 257 -18.26 16.56 -15.76
C ILE A 257 -18.58 15.44 -16.72
N VAL A 258 -18.66 14.22 -16.20
CA VAL A 258 -18.99 13.05 -17.00
C VAL A 258 -20.49 13.02 -17.32
N ALA A 259 -21.30 13.26 -16.30
CA ALA A 259 -22.75 13.27 -16.48
C ALA A 259 -23.14 14.13 -17.67
N ALA A 260 -22.49 15.28 -17.80
CA ALA A 260 -22.80 16.21 -18.88
C ALA A 260 -22.31 15.69 -20.24
N MET A 261 -21.10 15.18 -20.27
CA MET A 261 -20.51 14.68 -21.51
C MET A 261 -21.33 13.55 -22.13
N PHE A 262 -21.92 12.70 -21.29
CA PHE A 262 -22.78 11.64 -21.77
C PHE A 262 -24.00 12.21 -22.47
N ALA A 263 -24.72 13.07 -21.74
CA ALA A 263 -25.89 13.73 -22.29
C ALA A 263 -25.55 14.47 -23.58
N GLY A 264 -24.58 15.34 -23.45
CA GLY A 264 -24.22 16.23 -24.50
C GLY A 264 -23.68 15.59 -25.71
N GLN A 265 -22.90 14.55 -25.53
CA GLN A 265 -22.07 14.13 -26.60
C GLN A 265 -22.67 13.49 -27.80
N HIS A 266 -23.29 12.35 -27.66
CA HIS A 266 -23.82 11.80 -28.85
C HIS A 266 -24.96 12.62 -29.28
N THR A 267 -25.79 12.95 -28.33
CA THR A 267 -27.06 13.47 -28.65
C THR A 267 -26.87 14.68 -29.49
N SER A 268 -25.95 15.53 -29.12
CA SER A 268 -25.71 16.71 -29.90
C SER A 268 -25.13 16.47 -31.24
N SER A 269 -24.23 15.51 -31.34
CA SER A 269 -23.57 15.18 -32.59
C SER A 269 -24.56 14.52 -33.57
N ILE A 270 -25.47 13.74 -33.03
CA ILE A 270 -26.50 13.08 -33.84
C ILE A 270 -27.51 14.07 -34.37
N THR A 271 -28.01 14.94 -33.50
CA THR A 271 -28.96 15.96 -33.90
C THR A 271 -28.39 16.80 -35.03
N THR A 272 -27.07 16.84 -35.12
CA THR A 272 -26.38 17.57 -36.17
C THR A 272 -26.50 16.81 -37.49
N THR A 273 -26.06 15.56 -37.46
CA THR A 273 -26.05 14.73 -38.66
C THR A 273 -27.45 14.60 -39.25
N TRP A 274 -28.40 14.10 -38.45
CA TRP A 274 -29.78 14.03 -38.89
C TRP A 274 -30.16 15.29 -39.65
N SER A 275 -29.98 16.43 -38.99
CA SER A 275 -30.31 17.73 -39.58
C SER A 275 -29.58 17.96 -40.89
N MET A 276 -28.26 17.79 -40.88
CA MET A 276 -27.46 17.99 -42.09
C MET A 276 -27.91 17.05 -43.21
N LEU A 277 -28.12 15.78 -42.87
CA LEU A 277 -28.61 14.81 -43.83
C LEU A 277 -29.94 15.25 -44.41
N HIS A 278 -30.88 15.59 -43.53
CA HIS A 278 -32.18 16.09 -43.94
C HIS A 278 -32.06 17.31 -44.86
N LEU A 279 -31.17 18.22 -44.47
CA LEU A 279 -31.00 19.48 -45.20
C LEU A 279 -30.32 19.30 -46.56
N MET A 280 -29.27 18.50 -46.59
CA MET A 280 -28.51 18.28 -47.83
C MET A 280 -29.32 17.43 -48.81
N HIS A 281 -30.47 16.96 -48.37
CA HIS A 281 -31.34 16.13 -49.19
C HIS A 281 -32.12 17.00 -50.19
N PRO A 282 -32.11 16.59 -51.47
CA PRO A 282 -32.81 17.29 -52.55
C PRO A 282 -34.28 17.56 -52.24
N ALA A 283 -34.94 16.61 -51.58
CA ALA A 283 -36.36 16.75 -51.26
C ALA A 283 -36.62 17.91 -50.32
N ASN A 284 -35.57 18.40 -49.67
CA ASN A 284 -35.68 19.52 -48.74
C ASN A 284 -34.94 20.76 -49.25
N VAL A 285 -34.91 20.90 -50.57
CA VAL A 285 -34.23 22.03 -51.22
C VAL A 285 -34.78 23.36 -50.70
N LYS A 286 -36.09 23.44 -50.56
CA LYS A 286 -36.72 24.64 -50.01
C LYS A 286 -36.27 24.84 -48.56
N HIS A 287 -35.77 23.77 -47.95
CA HIS A 287 -35.29 23.83 -46.57
C HIS A 287 -33.80 24.15 -46.51
N LEU A 288 -33.13 24.03 -47.66
CA LEU A 288 -31.75 24.49 -47.80
C LEU A 288 -31.76 25.98 -48.12
N GLU A 289 -32.64 26.37 -49.04
CA GLU A 289 -32.80 27.76 -49.42
C GLU A 289 -33.22 28.62 -48.23
N ALA A 290 -34.13 28.08 -47.42
CA ALA A 290 -34.58 28.77 -46.22
C ALA A 290 -33.42 28.94 -45.25
N LEU A 291 -32.60 27.91 -45.13
CA LEU A 291 -31.47 27.92 -44.20
C LEU A 291 -30.39 28.90 -44.61
N ARG A 292 -29.97 28.84 -45.88
CA ARG A 292 -28.87 29.68 -46.35
C ARG A 292 -29.20 31.16 -46.44
N LYS A 293 -30.49 31.49 -46.50
CA LYS A 293 -30.90 32.90 -46.50
C LYS A 293 -30.96 33.44 -45.08
N GLU A 294 -31.16 32.54 -44.12
CA GLU A 294 -31.13 32.90 -42.71
C GLU A 294 -29.70 33.22 -42.28
N ILE A 295 -28.73 32.49 -42.82
CA ILE A 295 -27.33 32.69 -42.49
C ILE A 295 -26.61 33.52 -43.56
N GLU A 296 -27.29 33.75 -44.67
CA GLU A 296 -26.76 34.55 -45.76
C GLU A 296 -26.19 35.88 -45.26
N GLU A 297 -26.86 36.46 -44.27
CA GLU A 297 -26.57 37.82 -43.82
C GLU A 297 -25.38 37.92 -42.87
N PHE A 298 -25.12 36.84 -42.14
CA PHE A 298 -24.15 36.87 -41.05
C PHE A 298 -22.74 37.28 -41.47
N PRO A 299 -21.97 37.80 -40.50
CA PRO A 299 -20.57 38.15 -40.69
C PRO A 299 -19.70 36.90 -40.73
N ALA A 300 -18.39 37.08 -40.81
CA ALA A 300 -17.47 35.95 -40.87
C ALA A 300 -17.52 35.14 -39.58
N GLN A 301 -17.58 35.84 -38.45
CA GLN A 301 -17.57 35.19 -37.15
C GLN A 301 -18.78 35.59 -36.32
N LEU A 302 -19.75 34.69 -36.23
CA LEU A 302 -21.00 34.94 -35.53
C LEU A 302 -20.77 35.25 -34.06
N ASN A 303 -21.79 35.79 -33.41
CA ASN A 303 -21.77 36.15 -32.02
C ASN A 303 -23.00 35.63 -31.35
N TYR A 304 -23.15 35.86 -30.07
CA TYR A 304 -24.22 35.26 -29.34
C TYR A 304 -25.56 35.66 -29.92
N ASN A 305 -25.73 36.91 -30.25
CA ASN A 305 -26.99 37.33 -30.79
C ASN A 305 -27.34 36.68 -32.10
N ASN A 306 -26.39 36.48 -32.98
CA ASN A 306 -26.80 35.89 -34.21
C ASN A 306 -27.38 34.55 -34.00
N VAL A 307 -26.67 33.70 -33.26
CA VAL A 307 -27.13 32.32 -33.11
C VAL A 307 -28.36 32.18 -32.23
N MET A 308 -28.37 32.89 -31.10
CA MET A 308 -29.45 32.74 -30.13
C MET A 308 -30.76 33.40 -30.58
N ASP A 309 -30.65 34.49 -31.33
CA ASP A 309 -31.82 35.24 -31.76
C ASP A 309 -32.10 35.06 -33.26
N GLU A 310 -31.07 35.26 -34.08
CA GLU A 310 -31.26 35.38 -35.52
C GLU A 310 -31.20 34.07 -36.31
N MET A 311 -31.45 32.95 -35.65
CA MET A 311 -31.46 31.65 -36.34
C MET A 311 -32.62 30.77 -35.91
N PRO A 312 -33.86 31.24 -36.15
CA PRO A 312 -35.07 30.52 -35.74
C PRO A 312 -35.39 29.32 -36.64
N PHE A 313 -34.90 29.33 -37.87
CA PHE A 313 -35.15 28.24 -38.81
C PHE A 313 -34.18 27.09 -38.61
N ALA A 314 -32.90 27.42 -38.45
CA ALA A 314 -31.89 26.41 -38.15
C ALA A 314 -32.35 25.56 -36.97
N GLU A 315 -32.76 26.22 -35.90
CA GLU A 315 -33.26 25.55 -34.71
C GLU A 315 -34.48 24.70 -35.03
N ARG A 316 -35.30 25.17 -35.98
CA ARG A 316 -36.48 24.42 -36.41
C ARG A 316 -36.07 23.16 -37.17
N CYS A 317 -34.90 23.21 -37.79
CA CYS A 317 -34.34 22.05 -38.48
C CYS A 317 -33.85 21.05 -37.45
N ALA A 318 -33.20 21.57 -36.42
CA ALA A 318 -32.70 20.76 -35.34
C ALA A 318 -33.85 20.14 -34.56
N ARG A 319 -34.78 20.97 -34.11
CA ARG A 319 -35.90 20.51 -33.29
C ARG A 319 -36.74 19.47 -34.01
N GLU A 320 -36.82 19.58 -35.33
CA GLU A 320 -37.58 18.62 -36.13
C GLU A 320 -36.79 17.35 -36.39
N SER A 321 -35.48 17.49 -36.65
CA SER A 321 -34.62 16.34 -36.84
C SER A 321 -34.70 15.45 -35.62
N ILE A 322 -34.74 16.06 -34.45
CA ILE A 322 -34.93 15.35 -33.19
C ILE A 322 -36.34 14.76 -33.14
N ARG A 323 -37.33 15.57 -33.54
CA ARG A 323 -38.72 15.14 -33.54
C ARG A 323 -38.89 13.87 -34.35
N ARG A 324 -38.39 13.89 -35.58
CA ARG A 324 -38.50 12.74 -36.48
C ARG A 324 -37.73 11.52 -35.97
N ASP A 325 -36.54 11.75 -35.43
CA ASP A 325 -35.70 10.66 -34.94
C ASP A 325 -34.99 11.04 -33.64
N PRO A 326 -35.73 11.02 -32.53
CA PRO A 326 -35.25 11.45 -31.22
C PRO A 326 -34.17 10.53 -30.67
N PRO A 327 -32.99 11.10 -30.36
CA PRO A 327 -31.87 10.33 -29.83
C PRO A 327 -32.23 9.49 -28.62
N LEU A 328 -33.16 9.98 -27.79
CA LEU A 328 -33.63 9.21 -26.64
C LEU A 328 -35.05 8.71 -26.86
N LEU A 329 -35.19 7.40 -26.99
CA LEU A 329 -36.47 6.78 -27.33
C LEU A 329 -37.37 6.56 -26.12
N MET A 330 -36.77 6.40 -24.95
CA MET A 330 -37.54 6.05 -23.75
C MET A 330 -37.19 6.86 -22.51
N LEU A 331 -38.15 7.66 -22.06
CA LEU A 331 -38.06 8.32 -20.77
C LEU A 331 -38.81 7.45 -19.77
N MET A 332 -38.26 7.29 -18.57
CA MET A 332 -38.85 6.36 -17.61
C MET A 332 -38.87 6.86 -16.17
N ARG A 333 -39.86 6.39 -15.41
CA ARG A 333 -40.00 6.73 -14.00
C ARG A 333 -40.50 5.52 -13.24
N LYS A 334 -40.22 5.45 -11.95
CA LYS A 334 -40.71 4.34 -11.16
C LYS A 334 -41.89 4.86 -10.42
N VAL A 335 -42.99 4.13 -10.46
CA VAL A 335 -44.19 4.63 -9.85
C VAL A 335 -44.17 4.37 -8.36
N MET A 336 -43.89 5.42 -7.61
CA MET A 336 -43.85 5.39 -6.17
C MET A 336 -45.21 5.18 -5.48
N ALA A 337 -46.25 5.74 -6.09
CA ALA A 337 -47.61 5.69 -5.59
C ALA A 337 -48.58 5.66 -6.76
N ASP A 338 -49.74 5.05 -6.61
CA ASP A 338 -50.58 4.93 -7.77
C ASP A 338 -50.85 6.29 -8.29
N VAL A 339 -50.74 6.46 -9.59
CA VAL A 339 -51.03 7.74 -10.24
C VAL A 339 -52.12 7.59 -11.31
N LYS A 340 -52.63 8.71 -11.79
CA LYS A 340 -53.73 8.70 -12.75
C LYS A 340 -53.30 9.20 -14.13
N VAL A 341 -53.65 8.44 -15.16
CA VAL A 341 -53.36 8.82 -16.54
C VAL A 341 -54.49 8.35 -17.46
N GLY A 342 -54.90 9.23 -18.37
CA GLY A 342 -56.04 8.95 -19.24
C GLY A 342 -57.27 8.74 -18.39
N SER A 343 -57.81 7.53 -18.42
CA SER A 343 -58.91 7.15 -17.54
C SER A 343 -58.55 5.85 -16.83
N TYR A 344 -57.27 5.53 -16.83
CA TYR A 344 -56.76 4.32 -16.20
C TYR A 344 -55.89 4.68 -15.01
N VAL A 345 -55.79 3.75 -14.05
CA VAL A 345 -54.89 3.92 -12.91
C VAL A 345 -53.62 3.11 -13.13
N VAL A 346 -52.48 3.69 -12.78
CA VAL A 346 -51.21 3.01 -12.88
C VAL A 346 -50.69 2.64 -11.48
N PRO A 347 -50.67 1.33 -11.18
CA PRO A 347 -50.35 0.80 -9.85
C PRO A 347 -48.96 1.17 -9.37
N LYS A 348 -48.68 0.95 -8.08
CA LYS A 348 -47.34 1.12 -7.57
C LYS A 348 -46.47 -0.04 -8.00
N GLY A 349 -45.18 0.18 -8.08
CA GLY A 349 -44.22 -0.86 -8.34
C GLY A 349 -44.20 -1.01 -9.81
N ASP A 350 -45.21 -0.43 -10.42
CA ASP A 350 -45.29 -0.39 -11.87
C ASP A 350 -44.22 0.54 -12.43
N ILE A 351 -43.82 0.29 -13.67
CA ILE A 351 -42.80 1.12 -14.32
C ILE A 351 -43.42 1.93 -15.45
N ILE A 352 -43.50 3.24 -15.27
CA ILE A 352 -44.09 4.10 -16.29
C ILE A 352 -43.02 4.67 -17.22
N ALA A 353 -43.29 4.59 -18.52
CA ALA A 353 -42.38 5.11 -19.53
C ALA A 353 -43.11 6.07 -20.45
N CYS A 354 -42.37 7.02 -21.02
CA CYS A 354 -42.95 7.97 -21.96
C CYS A 354 -42.04 8.10 -23.18
N SER A 355 -42.30 7.28 -24.20
CA SER A 355 -41.44 7.19 -25.37
C SER A 355 -41.60 8.38 -26.32
N PRO A 356 -40.52 9.16 -26.48
CA PRO A 356 -40.47 10.22 -27.48
C PRO A 356 -40.70 9.67 -28.89
N LEU A 357 -40.06 8.55 -29.20
CA LEU A 357 -40.19 7.93 -30.51
C LEU A 357 -41.65 7.69 -30.88
N LEU A 358 -42.41 7.08 -29.96
CA LEU A 358 -43.82 6.80 -30.19
C LEU A 358 -44.63 8.09 -30.29
N SER A 359 -44.49 8.92 -29.26
CA SER A 359 -45.25 10.17 -29.19
C SER A 359 -44.90 11.08 -30.38
N HIS A 360 -43.63 11.08 -30.76
CA HIS A 360 -43.17 11.86 -31.90
C HIS A 360 -43.79 11.38 -33.20
N HIS A 361 -44.65 10.37 -33.10
CA HIS A 361 -45.27 9.80 -34.28
C HIS A 361 -46.78 9.62 -34.14
N ASP A 362 -47.37 10.34 -33.19
CA ASP A 362 -48.82 10.32 -33.01
C ASP A 362 -49.47 11.09 -34.15
N GLU A 363 -50.50 10.50 -34.76
CA GLU A 363 -51.12 11.04 -35.96
C GLU A 363 -51.91 12.33 -35.72
N GLU A 364 -52.54 12.43 -34.54
CA GLU A 364 -53.30 13.63 -34.22
C GLU A 364 -52.38 14.83 -33.98
N ALA A 365 -51.14 14.55 -33.59
CA ALA A 365 -50.18 15.60 -33.26
C ALA A 365 -49.10 15.78 -34.32
N PHE A 366 -48.80 14.72 -35.06
CA PHE A 366 -47.79 14.78 -36.11
C PHE A 366 -48.20 13.97 -37.34
N PRO A 367 -49.04 14.56 -38.21
CA PRO A 367 -49.41 13.92 -39.47
C PRO A 367 -48.18 13.73 -40.35
N GLU A 368 -48.17 12.65 -41.14
CA GLU A 368 -47.00 12.32 -41.94
C GLU A 368 -45.76 12.19 -41.04
N PRO A 369 -45.88 11.36 -39.99
CA PRO A 369 -44.84 11.18 -38.99
C PRO A 369 -43.43 11.07 -39.57
N ARG A 370 -43.31 10.52 -40.77
CA ARG A 370 -41.98 10.29 -41.36
C ARG A 370 -41.54 11.42 -42.30
N ARG A 371 -42.33 12.48 -42.40
CA ARG A 371 -41.95 13.62 -43.22
C ARG A 371 -41.26 14.70 -42.40
N TRP A 372 -40.02 14.99 -42.75
CA TRP A 372 -39.21 15.98 -42.05
C TRP A 372 -39.57 17.39 -42.49
N ASP A 373 -40.34 18.09 -41.66
CA ASP A 373 -40.80 19.44 -42.00
C ASP A 373 -40.45 20.44 -40.91
N PRO A 374 -39.34 21.18 -41.10
CA PRO A 374 -38.90 22.20 -40.15
C PRO A 374 -39.89 23.36 -40.06
N GLU A 375 -40.99 23.24 -40.80
CA GLU A 375 -42.02 24.27 -40.83
C GLU A 375 -43.23 23.88 -40.00
N ARG A 376 -43.27 22.60 -39.59
CA ARG A 376 -44.43 22.07 -38.89
C ARG A 376 -44.44 22.40 -37.41
N ASP A 377 -45.62 22.28 -36.80
CA ASP A 377 -45.78 22.48 -35.36
C ASP A 377 -46.64 21.36 -34.77
N GLU A 378 -46.49 21.14 -33.46
CA GLU A 378 -47.27 20.12 -32.77
C GLU A 378 -48.74 20.48 -32.75
N LYS A 379 -49.59 19.56 -33.20
CA LYS A 379 -51.03 19.80 -33.24
C LYS A 379 -51.70 19.35 -31.93
N VAL A 380 -50.87 18.87 -31.00
CA VAL A 380 -51.27 18.65 -29.63
C VAL A 380 -50.16 19.20 -28.74
N GLU A 381 -50.52 19.78 -27.60
CA GLU A 381 -49.51 20.45 -26.78
C GLU A 381 -48.73 19.53 -25.86
N GLY A 382 -47.46 19.88 -25.64
CA GLY A 382 -46.53 19.01 -24.92
C GLY A 382 -46.21 17.80 -25.76
N ALA A 383 -46.75 17.79 -26.98
CA ALA A 383 -46.60 16.64 -27.88
C ALA A 383 -45.14 16.36 -28.23
N PHE A 384 -44.32 17.38 -28.26
CA PHE A 384 -42.94 17.14 -28.59
C PHE A 384 -42.16 17.06 -27.31
N ILE A 385 -41.51 15.94 -27.09
CA ILE A 385 -40.76 15.71 -25.88
C ILE A 385 -39.32 15.28 -26.11
N GLY A 386 -38.68 15.82 -27.11
CA GLY A 386 -37.32 15.50 -27.46
C GLY A 386 -36.31 15.83 -26.40
N PHE A 387 -36.61 16.86 -25.63
CA PHE A 387 -35.77 17.32 -24.53
C PHE A 387 -36.43 17.03 -23.20
N GLY A 388 -37.25 15.98 -23.15
CA GLY A 388 -38.02 15.68 -21.95
C GLY A 388 -38.91 16.86 -21.63
N ALA A 389 -39.42 16.92 -20.40
CA ALA A 389 -40.28 18.02 -19.98
C ALA A 389 -40.59 17.97 -18.49
N GLY A 390 -41.15 19.06 -17.98
CA GLY A 390 -41.56 19.13 -16.59
C GLY A 390 -40.42 19.17 -15.60
N VAL A 391 -40.50 18.31 -14.58
CA VAL A 391 -39.57 18.32 -13.47
C VAL A 391 -38.12 18.08 -13.90
N HIS A 392 -37.91 17.13 -14.80
CA HIS A 392 -36.57 16.73 -15.20
C HIS A 392 -36.20 17.24 -16.59
N LYS A 393 -36.93 18.23 -17.06
CA LYS A 393 -36.67 18.82 -18.37
C LYS A 393 -35.18 19.08 -18.58
N CYS A 394 -34.71 18.85 -19.79
CA CYS A 394 -33.29 19.00 -20.06
C CYS A 394 -32.87 20.43 -19.80
N ILE A 395 -31.74 20.57 -19.13
CA ILE A 395 -31.17 21.87 -18.81
C ILE A 395 -29.97 22.20 -19.70
N GLY A 396 -29.80 21.44 -20.76
CA GLY A 396 -28.74 21.68 -21.72
C GLY A 396 -29.15 21.90 -23.15
N GLN A 397 -30.43 22.09 -23.42
CA GLN A 397 -30.83 22.25 -24.80
C GLN A 397 -30.21 23.43 -25.45
N LYS A 398 -30.27 24.55 -24.79
CA LYS A 398 -29.71 25.78 -25.35
C LYS A 398 -28.23 25.67 -25.68
N PHE A 399 -27.52 24.80 -24.98
CA PHE A 399 -26.09 24.61 -25.21
C PHE A 399 -25.86 23.59 -26.33
N GLY A 400 -26.71 22.58 -26.39
CA GLY A 400 -26.62 21.58 -27.44
C GLY A 400 -27.08 22.14 -28.77
N LEU A 401 -28.27 22.74 -28.77
CA LEU A 401 -28.78 23.40 -29.96
C LEU A 401 -27.88 24.55 -30.36
N LEU A 402 -27.24 25.17 -29.37
CA LEU A 402 -26.28 26.22 -29.62
C LEU A 402 -25.10 25.68 -30.42
N GLN A 403 -24.64 24.48 -30.06
CA GLN A 403 -23.60 23.80 -30.80
C GLN A 403 -24.13 23.42 -32.19
N VAL A 404 -25.24 22.69 -32.20
CA VAL A 404 -25.84 22.22 -33.43
C VAL A 404 -26.00 23.34 -34.45
N LYS A 405 -26.58 24.45 -34.01
CA LYS A 405 -26.91 25.56 -34.89
C LYS A 405 -25.68 26.34 -35.35
N THR A 406 -24.57 26.18 -34.64
CA THR A 406 -23.33 26.86 -35.00
C THR A 406 -22.57 26.11 -36.08
N ILE A 407 -22.59 24.78 -36.01
CA ILE A 407 -21.96 23.97 -37.03
C ILE A 407 -22.67 24.18 -38.35
N LEU A 408 -24.00 24.17 -38.31
CA LEU A 408 -24.82 24.38 -39.50
C LEU A 408 -24.47 25.70 -40.17
N ALA A 409 -24.58 26.79 -39.41
CA ALA A 409 -24.25 28.11 -39.93
C ALA A 409 -22.82 28.15 -40.47
N THR A 410 -21.95 27.33 -39.89
CA THR A 410 -20.56 27.26 -40.32
C THR A 410 -20.40 26.32 -41.51
N ALA A 411 -21.11 25.19 -41.47
CA ALA A 411 -21.00 24.17 -42.50
C ALA A 411 -21.63 24.60 -43.83
N PHE A 412 -22.90 25.02 -43.78
CA PHE A 412 -23.62 25.39 -44.99
C PHE A 412 -23.27 26.81 -45.47
N ARG A 413 -22.31 27.43 -44.82
CA ARG A 413 -21.86 28.75 -45.23
C ARG A 413 -20.52 28.65 -45.90
N SER A 414 -20.01 27.43 -45.95
CA SER A 414 -18.74 27.17 -46.55
C SER A 414 -18.69 25.88 -47.33
N TYR A 415 -19.82 25.25 -47.62
CA TYR A 415 -19.79 23.99 -48.33
C TYR A 415 -21.13 23.59 -48.91
N ASP A 416 -21.16 22.52 -49.70
CA ASP A 416 -22.40 21.92 -50.18
C ASP A 416 -22.23 20.44 -49.87
N PHE A 417 -23.32 19.74 -49.63
CA PHE A 417 -23.25 18.32 -49.28
C PHE A 417 -24.18 17.46 -50.12
N GLN A 418 -23.74 16.24 -50.43
CA GLN A 418 -24.57 15.28 -51.14
C GLN A 418 -24.64 13.94 -50.40
N LEU A 419 -25.64 13.13 -50.75
CA LEU A 419 -25.79 11.83 -50.14
C LEU A 419 -25.49 10.72 -51.15
N LEU A 420 -24.67 9.75 -50.75
CA LEU A 420 -24.29 8.69 -51.63
C LEU A 420 -25.34 7.63 -51.54
N ARG A 421 -26.49 8.06 -51.05
CA ARG A 421 -27.66 7.20 -50.95
C ARG A 421 -28.81 7.98 -51.55
N ASP A 422 -29.74 7.31 -52.20
CA ASP A 422 -30.95 7.94 -52.70
C ASP A 422 -31.81 8.44 -51.55
N GLU A 423 -31.83 7.67 -50.45
CA GLU A 423 -32.65 8.00 -49.30
C GLU A 423 -31.78 8.31 -48.07
N VAL A 424 -32.41 8.85 -47.05
CA VAL A 424 -31.74 9.12 -45.78
C VAL A 424 -31.38 7.79 -45.10
N PRO A 425 -30.31 7.80 -44.29
CA PRO A 425 -29.87 6.59 -43.59
C PRO A 425 -30.93 6.09 -42.62
N ASP A 426 -30.92 4.78 -42.38
CA ASP A 426 -31.86 4.16 -41.45
C ASP A 426 -31.43 4.41 -40.01
N PRO A 427 -32.39 4.76 -39.15
CA PRO A 427 -32.08 4.95 -37.74
C PRO A 427 -31.56 3.65 -37.13
N ASP A 428 -30.29 3.61 -36.75
CA ASP A 428 -29.71 2.39 -36.24
C ASP A 428 -30.10 2.24 -34.80
N TYR A 429 -31.16 1.47 -34.60
CA TYR A 429 -31.84 1.34 -33.31
C TYR A 429 -31.11 0.47 -32.29
N HIS A 430 -29.89 0.03 -32.60
CA HIS A 430 -29.21 -0.92 -31.74
C HIS A 430 -28.41 -0.26 -30.60
N THR A 431 -28.05 1.01 -30.79
CA THR A 431 -27.25 1.71 -29.80
C THR A 431 -28.09 2.33 -28.69
N MET A 432 -27.43 2.72 -27.61
CA MET A 432 -28.11 3.35 -26.48
C MET A 432 -28.71 4.69 -26.90
N VAL A 433 -27.87 5.55 -27.46
CA VAL A 433 -28.33 6.82 -28.03
C VAL A 433 -28.45 6.65 -29.54
N VAL A 434 -29.67 6.82 -30.05
CA VAL A 434 -29.96 6.49 -31.44
C VAL A 434 -29.68 7.61 -32.43
N GLY A 435 -28.95 7.29 -33.48
CA GLY A 435 -28.78 8.15 -34.64
C GLY A 435 -28.98 7.32 -35.88
N PRO A 436 -28.68 7.87 -37.05
CA PRO A 436 -28.76 7.07 -38.27
C PRO A 436 -27.59 6.10 -38.36
N THR A 437 -27.76 5.04 -39.15
CA THR A 437 -26.69 4.06 -39.34
C THR A 437 -25.39 4.75 -39.72
N ALA A 438 -24.28 4.30 -39.14
CA ALA A 438 -22.98 4.93 -39.37
C ALA A 438 -22.42 4.64 -40.76
N SER A 439 -22.71 3.45 -41.28
CA SER A 439 -22.23 3.06 -42.60
C SER A 439 -22.97 3.83 -43.69
N GLN A 440 -24.25 4.10 -43.46
CA GLN A 440 -25.09 4.80 -44.42
C GLN A 440 -24.90 6.31 -44.32
N CYS A 441 -23.79 6.73 -43.74
CA CYS A 441 -23.55 8.16 -43.52
C CYS A 441 -22.32 8.67 -44.28
N ARG A 442 -21.93 7.97 -45.33
CA ARG A 442 -20.89 8.47 -46.21
C ARG A 442 -21.46 9.58 -47.07
N VAL A 443 -20.86 10.76 -47.00
CA VAL A 443 -21.35 11.94 -47.72
C VAL A 443 -20.24 12.65 -48.50
N LYS A 444 -20.61 13.65 -49.29
CA LYS A 444 -19.64 14.39 -50.08
C LYS A 444 -19.75 15.89 -49.84
N TYR A 445 -18.67 16.47 -49.32
CA TYR A 445 -18.62 17.90 -49.04
C TYR A 445 -18.01 18.67 -50.20
N ILE A 446 -18.77 19.60 -50.76
CA ILE A 446 -18.32 20.38 -51.91
C ILE A 446 -18.13 21.84 -51.55
N ARG A 447 -16.99 22.41 -51.91
CA ARG A 447 -16.73 23.81 -51.66
C ARG A 447 -17.49 24.68 -52.66
N ARG A 448 -17.86 25.89 -52.22
CA ARG A 448 -18.69 26.77 -53.02
C ARG A 448 -17.87 27.67 -53.95
N GLY B 1 -12.85 -29.78 37.67
CA GLY B 1 -11.69 -29.26 36.88
C GLY B 1 -11.31 -30.17 35.73
N LYS B 2 -10.67 -29.60 34.72
CA LYS B 2 -10.26 -30.36 33.53
C LYS B 2 -8.76 -30.66 33.50
N LEU B 3 -8.43 -31.92 33.25
CA LEU B 3 -7.04 -32.29 32.99
C LEU B 3 -6.76 -32.24 31.50
N PRO B 4 -5.59 -31.70 31.11
CA PRO B 4 -5.21 -31.58 29.71
C PRO B 4 -4.95 -32.93 29.05
N PRO B 5 -5.16 -33.01 27.72
CA PRO B 5 -5.03 -34.25 26.96
C PRO B 5 -3.64 -34.87 27.07
N VAL B 6 -3.60 -36.12 27.53
CA VAL B 6 -2.32 -36.83 27.68
C VAL B 6 -1.90 -37.48 26.36
N TYR B 7 -0.68 -37.17 25.92
CA TYR B 7 -0.14 -37.75 24.70
C TYR B 7 0.18 -39.22 24.93
N PRO B 8 -0.10 -40.07 23.93
CA PRO B 8 0.12 -41.51 24.05
C PRO B 8 1.57 -41.85 24.38
N VAL B 9 1.76 -42.87 25.21
CA VAL B 9 3.09 -43.35 25.58
C VAL B 9 3.36 -44.71 24.94
N THR B 10 4.44 -44.83 24.18
CA THR B 10 4.78 -46.09 23.56
C THR B 10 6.03 -46.73 24.11
N VAL B 11 6.93 -45.94 24.66
CA VAL B 11 8.12 -46.54 25.19
C VAL B 11 7.83 -46.79 26.64
N PRO B 12 8.06 -48.01 27.06
CA PRO B 12 7.55 -48.40 28.35
C PRO B 12 8.08 -47.67 29.55
N ILE B 13 9.39 -47.54 29.68
CA ILE B 13 9.97 -46.93 30.87
C ILE B 13 10.41 -45.48 30.68
N LEU B 14 10.67 -45.09 29.44
CA LEU B 14 11.28 -43.79 29.15
C LEU B 14 10.28 -42.71 28.77
N GLY B 15 9.21 -43.09 28.07
CA GLY B 15 8.20 -42.12 27.66
C GLY B 15 8.52 -41.47 26.33
N HIS B 16 8.65 -40.15 26.34
CA HIS B 16 8.87 -39.40 25.11
C HIS B 16 10.24 -38.72 25.08
N ILE B 17 11.05 -38.95 26.11
CA ILE B 17 12.31 -38.22 26.27
C ILE B 17 13.24 -38.37 25.07
N ILE B 18 13.28 -39.56 24.47
CA ILE B 18 14.17 -39.80 23.34
C ILE B 18 13.66 -39.14 22.06
N GLN B 19 12.34 -39.20 21.84
CA GLN B 19 11.74 -38.60 20.66
C GLN B 19 11.80 -37.08 20.75
N PHE B 20 11.72 -36.57 21.97
CA PHE B 20 11.75 -35.13 22.20
C PHE B 20 13.17 -34.57 22.12
N GLY B 21 14.15 -35.42 22.37
CA GLY B 21 15.55 -35.01 22.38
C GLY B 21 16.10 -34.79 20.98
N LYS B 22 15.80 -35.72 20.08
CA LYS B 22 16.22 -35.63 18.69
C LYS B 22 15.66 -34.37 18.03
N SER B 23 14.34 -34.22 18.13
CA SER B 23 13.64 -33.12 17.47
C SER B 23 12.52 -32.56 18.33
N PRO B 24 12.87 -31.65 19.25
CA PRO B 24 11.85 -31.00 20.08
C PRO B 24 10.75 -30.39 19.22
N LEU B 25 11.14 -29.51 18.30
CA LEU B 25 10.19 -28.83 17.44
C LEU B 25 9.18 -29.78 16.80
N GLY B 26 9.69 -30.74 16.03
CA GLY B 26 8.84 -31.71 15.35
C GLY B 26 7.96 -32.49 16.32
N PHE B 27 8.58 -33.05 17.36
CA PHE B 27 7.86 -33.81 18.36
C PHE B 27 6.68 -33.01 18.93
N MET B 28 6.97 -31.83 19.45
CA MET B 28 5.94 -30.98 20.04
C MET B 28 4.96 -30.46 18.99
N GLN B 29 5.48 -29.98 17.86
CA GLN B 29 4.62 -29.53 16.77
C GLN B 29 3.52 -30.56 16.54
N GLU B 30 3.92 -31.82 16.39
CA GLU B 30 2.98 -32.92 16.18
C GLU B 30 2.02 -33.06 17.37
N CYS B 31 2.58 -33.08 18.58
CA CYS B 31 1.76 -33.22 19.78
C CYS B 31 0.60 -32.24 19.81
N LYS B 32 0.87 -30.97 19.48
CA LYS B 32 -0.16 -29.94 19.55
C LYS B 32 -1.18 -30.06 18.41
N ARG B 33 -0.86 -30.87 17.41
CA ARG B 33 -1.78 -31.08 16.29
C ARG B 33 -2.62 -32.34 16.47
N GLN B 34 -2.00 -33.37 17.06
CA GLN B 34 -2.69 -34.63 17.35
C GLN B 34 -3.87 -34.38 18.28
N LEU B 35 -3.68 -33.44 19.21
CA LEU B 35 -4.67 -33.16 20.24
C LEU B 35 -5.34 -31.81 20.01
N LYS B 36 -5.05 -31.20 18.87
CA LYS B 36 -5.68 -29.93 18.49
C LYS B 36 -5.68 -28.93 19.64
N SER B 37 -4.55 -28.84 20.34
CA SER B 37 -4.42 -27.90 21.45
C SER B 37 -2.96 -27.69 21.81
N GLY B 38 -2.58 -26.44 22.08
CA GLY B 38 -1.23 -26.09 22.48
C GLY B 38 -0.95 -26.42 23.93
N ILE B 39 -1.93 -27.02 24.60
CA ILE B 39 -1.77 -27.43 26.00
C ILE B 39 -1.95 -28.93 26.14
N PHE B 40 -0.84 -29.63 26.36
CA PHE B 40 -0.83 -31.08 26.43
C PHE B 40 0.17 -31.57 27.49
N THR B 41 0.10 -32.85 27.79
CA THR B 41 0.98 -33.45 28.80
C THR B 41 1.76 -34.64 28.27
N ILE B 42 3.00 -34.40 27.87
CA ILE B 42 3.88 -35.48 27.46
C ILE B 42 4.49 -36.14 28.69
N ASN B 43 5.14 -37.28 28.51
CA ASN B 43 5.68 -38.04 29.63
C ASN B 43 7.18 -38.33 29.49
N ILE B 44 7.97 -37.73 30.38
CA ILE B 44 9.41 -37.92 30.36
C ILE B 44 9.88 -38.84 31.49
N VAL B 45 10.38 -40.02 31.11
CA VAL B 45 10.87 -40.99 32.08
C VAL B 45 9.89 -41.15 33.23
N GLY B 46 8.62 -41.35 32.90
CA GLY B 46 7.59 -41.57 33.91
C GLY B 46 7.21 -40.32 34.68
N LYS B 47 7.58 -39.17 34.14
CA LYS B 47 7.26 -37.90 34.79
C LYS B 47 6.34 -37.04 33.94
N ARG B 48 5.17 -36.73 34.47
CA ARG B 48 4.20 -35.90 33.77
C ARG B 48 4.74 -34.49 33.55
N VAL B 49 4.80 -34.08 32.29
CA VAL B 49 5.21 -32.72 31.96
C VAL B 49 4.11 -32.04 31.14
N THR B 50 3.44 -31.06 31.75
CA THR B 50 2.41 -30.30 31.06
C THR B 50 3.01 -29.06 30.40
N ILE B 51 2.73 -28.89 29.11
CA ILE B 51 3.30 -27.77 28.36
C ILE B 51 2.24 -26.73 28.01
N VAL B 52 2.51 -25.48 28.37
CA VAL B 52 1.63 -24.37 28.03
C VAL B 52 2.08 -23.77 26.70
N GLY B 53 1.89 -24.54 25.63
CA GLY B 53 2.33 -24.13 24.30
C GLY B 53 1.30 -23.35 23.51
N ASP B 54 0.51 -22.54 24.21
CA ASP B 54 -0.49 -21.71 23.57
C ASP B 54 -0.26 -20.24 23.92
N PRO B 55 0.30 -19.48 22.99
CA PRO B 55 0.71 -18.09 23.20
C PRO B 55 -0.29 -17.28 24.02
N HIS B 56 -1.56 -17.66 23.96
CA HIS B 56 -2.60 -16.94 24.67
C HIS B 56 -2.59 -17.22 26.18
N GLU B 57 -1.74 -18.15 26.60
CA GLU B 57 -1.72 -18.56 28.01
C GLU B 57 -0.35 -18.38 28.67
N HIS B 58 0.60 -17.80 27.94
CA HIS B 58 1.94 -17.57 28.47
C HIS B 58 1.89 -16.92 29.85
N SER B 59 0.85 -16.14 30.10
CA SER B 59 0.74 -15.40 31.36
C SER B 59 0.44 -16.31 32.56
N ARG B 60 -0.18 -17.45 32.30
CA ARG B 60 -0.53 -18.37 33.37
C ARG B 60 0.67 -19.17 33.86
N PHE B 61 1.74 -19.16 33.07
CA PHE B 61 3.00 -19.80 33.47
C PHE B 61 3.93 -18.80 34.16
N PHE B 62 4.01 -17.59 33.61
CA PHE B 62 4.97 -16.60 34.09
C PHE B 62 4.49 -15.78 35.29
N LEU B 63 3.18 -15.54 35.39
CA LEU B 63 2.65 -14.65 36.40
C LEU B 63 2.64 -15.21 37.82
N PRO B 64 2.18 -16.47 37.99
CA PRO B 64 2.09 -17.08 39.32
C PRO B 64 3.32 -16.85 40.17
N ARG B 65 3.13 -16.84 41.49
CA ARG B 65 4.22 -16.60 42.44
C ARG B 65 5.09 -17.84 42.60
N ASN B 66 6.17 -17.70 43.36
CA ASN B 66 7.07 -18.83 43.64
C ASN B 66 6.40 -19.93 44.43
N GLU B 67 5.41 -19.57 45.25
CA GLU B 67 4.70 -20.54 46.09
C GLU B 67 3.83 -21.49 45.27
N VAL B 68 3.37 -21.01 44.11
CA VAL B 68 2.56 -21.84 43.23
C VAL B 68 3.43 -22.55 42.20
N LEU B 69 4.16 -21.78 41.41
CA LEU B 69 5.05 -22.33 40.39
C LEU B 69 6.52 -22.13 40.77
N SER B 70 7.06 -23.08 41.51
CA SER B 70 8.44 -23.01 41.98
C SER B 70 9.41 -23.53 40.91
N PRO B 71 10.33 -22.68 40.51
CA PRO B 71 11.35 -23.02 39.55
C PRO B 71 12.38 -23.99 40.06
N ARG B 72 12.75 -23.86 41.31
CA ARG B 72 13.89 -24.54 41.88
C ARG B 72 13.94 -26.05 41.89
N GLU B 73 12.92 -26.74 42.34
CA GLU B 73 12.93 -28.19 42.19
C GLU B 73 13.28 -28.50 40.74
N VAL B 74 13.00 -27.53 39.87
CA VAL B 74 13.25 -27.67 38.44
C VAL B 74 14.70 -27.37 38.10
N TYR B 75 15.22 -26.27 38.60
CA TYR B 75 16.59 -25.85 38.29
C TYR B 75 17.59 -26.27 39.37
N SER B 76 17.25 -27.32 40.11
CA SER B 76 18.11 -27.78 41.21
C SER B 76 19.37 -28.49 40.69
N PHE B 77 19.34 -28.93 39.44
CA PHE B 77 20.50 -29.61 38.87
C PHE B 77 21.67 -28.66 38.72
N MET B 78 21.40 -27.37 38.95
CA MET B 78 22.44 -26.35 38.85
C MET B 78 22.80 -25.79 40.22
N VAL B 79 22.25 -26.38 41.27
CA VAL B 79 22.53 -25.95 42.64
C VAL B 79 24.05 -25.95 42.90
N PRO B 80 24.72 -27.06 42.57
CA PRO B 80 26.16 -27.22 42.74
C PRO B 80 26.98 -26.15 42.02
N VAL B 81 26.47 -25.62 40.91
CA VAL B 81 27.18 -24.60 40.15
C VAL B 81 27.36 -23.32 40.97
N PHE B 82 26.25 -22.70 41.35
CA PHE B 82 26.31 -21.47 42.14
C PHE B 82 26.94 -21.75 43.49
N GLY B 83 26.55 -22.86 44.10
CA GLY B 83 27.03 -23.23 45.43
C GLY B 83 25.94 -23.12 46.47
N GLU B 84 25.87 -24.07 47.37
CA GLU B 84 24.74 -24.15 48.23
C GLU B 84 24.55 -22.80 48.87
N GLY B 85 23.29 -22.40 48.97
CA GLY B 85 22.93 -21.13 49.59
C GLY B 85 22.96 -19.94 48.65
N VAL B 86 23.16 -20.19 47.37
CA VAL B 86 23.19 -19.13 46.38
C VAL B 86 22.19 -19.39 45.26
N ALA B 87 21.44 -18.35 44.87
CA ALA B 87 20.43 -18.48 43.83
C ALA B 87 19.34 -19.45 44.24
N TYR B 88 19.11 -20.46 43.40
CA TYR B 88 18.07 -21.45 43.67
C TYR B 88 18.35 -22.20 44.98
N ALA B 89 19.58 -22.08 45.48
CA ALA B 89 19.95 -22.69 46.75
C ALA B 89 19.28 -21.97 47.90
N ALA B 90 19.41 -20.64 47.92
CA ALA B 90 18.83 -19.83 48.98
C ALA B 90 17.33 -19.68 48.84
N PRO B 91 16.65 -19.41 49.92
CA PRO B 91 15.19 -19.30 49.91
C PRO B 91 14.85 -18.16 49.00
N TYR B 92 13.63 -18.11 48.52
CA TYR B 92 13.34 -17.22 47.43
C TYR B 92 13.70 -15.81 47.78
N PRO B 93 13.42 -15.45 49.00
CA PRO B 93 13.62 -14.06 49.40
C PRO B 93 15.05 -13.67 49.26
N ARG B 94 15.93 -14.58 49.60
CA ARG B 94 17.38 -14.33 49.53
C ARG B 94 17.90 -14.32 48.09
N MET B 95 17.24 -15.07 47.21
CA MET B 95 17.58 -15.03 45.80
C MET B 95 17.04 -13.76 45.17
N ARG B 96 15.77 -13.48 45.45
CA ARG B 96 15.14 -12.25 44.98
C ARG B 96 16.05 -11.06 45.25
N GLU B 97 16.83 -11.16 46.33
CA GLU B 97 17.73 -10.07 46.71
C GLU B 97 19.12 -10.23 46.12
N GLN B 98 19.55 -11.48 45.91
CA GLN B 98 20.77 -11.74 45.18
C GLN B 98 20.56 -11.32 43.73
N LEU B 99 19.31 -11.39 43.29
CA LEU B 99 18.94 -10.94 41.96
C LEU B 99 18.99 -9.41 41.88
N ASN B 100 18.56 -8.75 42.95
CA ASN B 100 18.53 -7.30 43.00
C ASN B 100 19.93 -6.68 42.95
N PHE B 101 20.88 -7.30 43.66
CA PHE B 101 22.23 -6.77 43.74
C PHE B 101 22.98 -6.91 42.42
N LEU B 102 22.54 -7.86 41.59
CA LEU B 102 23.09 -8.00 40.26
C LEU B 102 22.47 -6.95 39.35
N ALA B 103 21.15 -6.97 39.25
CA ALA B 103 20.41 -5.99 38.46
C ALA B 103 20.96 -4.58 38.65
N GLU B 104 21.24 -4.22 39.89
CA GLU B 104 21.70 -2.88 40.23
C GLU B 104 23.10 -2.60 39.67
N GLU B 105 23.88 -3.64 39.47
CA GLU B 105 25.23 -3.49 38.94
C GLU B 105 25.22 -3.03 37.49
N LEU B 106 24.13 -3.34 36.78
CA LEU B 106 24.03 -2.98 35.37
C LEU B 106 23.14 -1.75 35.15
N THR B 107 23.15 -0.83 36.11
CA THR B 107 22.38 0.38 35.99
C THR B 107 22.97 1.25 34.94
N ILE B 108 22.14 2.10 34.40
CA ILE B 108 22.43 2.79 33.19
C ILE B 108 23.70 3.51 33.38
N ALA B 109 23.81 4.18 34.48
CA ALA B 109 25.07 4.85 34.75
C ALA B 109 26.26 3.92 34.51
N LYS B 110 26.04 2.63 34.66
CA LYS B 110 27.09 1.64 34.43
C LYS B 110 27.41 1.54 32.94
N PHE B 111 26.41 1.54 32.11
CA PHE B 111 26.65 1.27 30.73
C PHE B 111 27.58 2.25 30.06
N GLN B 112 27.82 3.41 30.62
CA GLN B 112 28.58 4.35 29.84
C GLN B 112 29.92 3.78 29.48
N ASN B 113 30.66 3.32 30.46
CA ASN B 113 31.96 2.70 30.22
C ASN B 113 31.83 1.43 29.38
N PHE B 114 30.77 0.66 29.64
CA PHE B 114 30.51 -0.58 28.92
C PHE B 114 30.63 -0.44 27.41
N VAL B 115 29.86 0.48 26.85
CA VAL B 115 29.74 0.63 25.40
C VAL B 115 31.10 0.64 24.68
N PRO B 116 31.95 1.62 25.02
CA PRO B 116 33.26 1.74 24.38
C PRO B 116 34.15 0.55 24.72
N ALA B 117 34.03 0.04 25.93
CA ALA B 117 34.79 -1.14 26.36
C ALA B 117 34.55 -2.31 25.42
N ILE B 118 33.28 -2.56 25.08
CA ILE B 118 32.94 -3.60 24.13
C ILE B 118 33.52 -3.29 22.75
N GLN B 119 33.22 -2.10 22.26
CA GLN B 119 33.73 -1.66 20.96
C GLN B 119 35.26 -1.77 20.95
N HIS B 120 35.85 -1.73 22.13
CA HIS B 120 37.28 -1.92 22.28
C HIS B 120 37.65 -3.38 22.05
N GLU B 121 36.91 -4.29 22.69
CA GLU B 121 37.23 -5.71 22.64
C GLU B 121 36.91 -6.37 21.30
N VAL B 122 35.98 -5.78 20.54
CA VAL B 122 35.63 -6.31 19.23
C VAL B 122 36.75 -6.04 18.22
N ARG B 123 37.41 -4.90 18.37
CA ARG B 123 38.47 -4.52 17.46
C ARG B 123 39.83 -5.08 17.88
N LYS B 124 39.98 -5.35 19.18
CA LYS B 124 41.21 -5.96 19.68
C LYS B 124 41.20 -7.45 19.38
N PHE B 125 40.08 -7.93 18.85
CA PHE B 125 39.97 -9.31 18.40
C PHE B 125 40.35 -9.38 16.91
N MET B 126 39.94 -8.37 16.16
CA MET B 126 40.36 -8.25 14.76
C MET B 126 41.83 -7.83 14.72
N ALA B 127 42.25 -7.22 15.81
CA ALA B 127 43.59 -6.71 15.92
C ALA B 127 44.53 -7.86 15.74
N ALA B 128 44.19 -9.02 16.27
CA ALA B 128 45.09 -10.15 16.13
C ALA B 128 44.57 -11.35 15.35
N ASN B 129 43.28 -11.39 15.04
CA ASN B 129 42.75 -12.55 14.32
C ASN B 129 42.18 -12.41 12.92
N TRP B 130 41.59 -11.29 12.59
CA TRP B 130 41.02 -11.15 11.27
C TRP B 130 41.82 -10.16 10.52
N ASP B 131 43.10 -10.08 10.84
CA ASP B 131 43.93 -9.03 10.31
C ASP B 131 44.07 -9.00 8.79
N LYS B 132 44.22 -10.16 8.20
CA LYS B 132 44.50 -10.22 6.80
C LYS B 132 43.33 -9.72 5.99
N ASP B 133 43.59 -9.47 4.73
CA ASP B 133 42.58 -8.90 3.84
C ASP B 133 41.37 -9.82 3.70
N GLU B 134 41.62 -11.09 3.40
CA GLU B 134 40.57 -12.09 3.29
C GLU B 134 41.01 -13.41 3.91
N GLY B 135 40.05 -14.29 4.19
CA GLY B 135 40.36 -15.58 4.78
C GLY B 135 39.14 -16.40 5.12
N GLU B 136 39.28 -17.30 6.09
CA GLU B 136 38.20 -18.18 6.49
C GLU B 136 38.21 -18.41 8.00
N ILE B 137 37.02 -18.47 8.59
CA ILE B 137 36.90 -18.62 10.04
C ILE B 137 35.73 -19.52 10.42
N ASN B 138 35.41 -19.51 11.71
CA ASN B 138 34.22 -20.20 12.23
C ASN B 138 33.43 -19.24 13.11
N LEU B 139 32.38 -18.66 12.56
CA LEU B 139 31.66 -17.57 13.22
C LEU B 139 31.25 -17.88 14.66
N LEU B 140 30.67 -19.05 14.89
CA LEU B 140 30.20 -19.42 16.22
C LEU B 140 31.26 -19.21 17.29
N GLU B 141 32.34 -19.99 17.20
CA GLU B 141 33.43 -19.91 18.16
C GLU B 141 33.95 -18.48 18.28
N ASP B 142 34.12 -17.82 17.15
CA ASP B 142 34.62 -16.45 17.14
C ASP B 142 33.69 -15.51 17.89
N CYS B 143 32.41 -15.48 17.51
CA CYS B 143 31.43 -14.70 18.23
C CYS B 143 31.45 -15.09 19.71
N SER B 144 31.55 -16.39 19.97
CA SER B 144 31.62 -16.90 21.33
C SER B 144 32.91 -16.42 22.01
N THR B 145 33.96 -16.25 21.21
CA THR B 145 35.24 -15.79 21.74
C THR B 145 35.18 -14.30 22.08
N MET B 146 34.65 -13.50 21.17
CA MET B 146 34.52 -12.07 21.38
C MET B 146 33.65 -11.76 22.59
N ILE B 147 32.50 -12.42 22.68
CA ILE B 147 31.54 -12.18 23.76
C ILE B 147 32.18 -12.23 25.15
N ILE B 148 32.94 -13.28 25.43
CA ILE B 148 33.56 -13.44 26.74
C ILE B 148 34.56 -12.31 27.01
N ASN B 149 35.16 -11.79 25.95
CA ASN B 149 36.08 -10.66 26.08
C ASN B 149 35.31 -9.38 26.36
N THR B 150 34.30 -9.11 25.55
CA THR B 150 33.46 -7.93 25.73
C THR B 150 32.83 -7.95 27.12
N ALA B 151 32.47 -9.13 27.60
CA ALA B 151 31.83 -9.29 28.89
C ALA B 151 32.80 -9.13 30.05
N CYS B 152 34.07 -9.47 29.82
CA CYS B 152 35.10 -9.30 30.84
C CYS B 152 35.60 -7.87 30.87
N GLN B 153 35.53 -7.20 29.74
CA GLN B 153 35.99 -5.82 29.63
C GLN B 153 35.06 -4.88 30.42
N CYS B 154 33.76 -5.03 30.21
CA CYS B 154 32.78 -4.21 30.91
C CYS B 154 32.78 -4.51 32.40
N LEU B 155 32.52 -5.78 32.73
CA LEU B 155 32.23 -6.19 34.10
C LEU B 155 33.42 -6.08 35.05
N PHE B 156 34.61 -6.36 34.54
CA PHE B 156 35.81 -6.33 35.39
C PHE B 156 36.84 -5.32 34.89
N GLY B 157 37.57 -4.72 35.83
CA GLY B 157 38.66 -3.83 35.48
C GLY B 157 39.85 -4.63 34.99
N GLU B 158 40.89 -3.94 34.54
CA GLU B 158 42.08 -4.62 34.03
C GLU B 158 42.77 -5.47 35.10
N ASP B 159 42.61 -5.07 36.36
CA ASP B 159 43.31 -5.73 37.47
C ASP B 159 42.82 -7.16 37.67
N LEU B 160 41.75 -7.53 36.98
CA LEU B 160 41.23 -8.90 37.03
C LEU B 160 41.54 -9.59 35.71
N ARG B 161 41.54 -8.81 34.64
CA ARG B 161 41.82 -9.34 33.30
C ARG B 161 43.31 -9.69 33.15
N LYS B 162 44.09 -9.44 34.20
CA LYS B 162 45.49 -9.82 34.23
C LYS B 162 45.63 -11.24 34.76
N ARG B 163 45.15 -11.45 35.98
CA ARG B 163 45.25 -12.74 36.65
C ARG B 163 44.23 -13.75 36.13
N LEU B 164 43.16 -13.24 35.50
CA LEU B 164 42.10 -14.11 35.00
C LEU B 164 41.72 -13.75 33.56
N ASP B 165 42.58 -14.15 32.65
CA ASP B 165 42.38 -13.83 31.27
C ASP B 165 41.10 -14.47 30.84
N ALA B 166 40.51 -13.87 29.83
CA ALA B 166 39.24 -14.30 29.27
C ALA B 166 39.44 -15.66 28.63
N ARG B 167 40.68 -16.08 28.50
CA ARG B 167 41.01 -17.36 27.88
C ARG B 167 41.17 -18.46 28.92
N ARG B 168 41.64 -18.09 30.11
CA ARG B 168 41.71 -19.03 31.21
C ARG B 168 40.41 -19.00 32.00
N PHE B 169 39.45 -18.22 31.54
CA PHE B 169 38.20 -18.14 32.23
C PHE B 169 37.17 -19.06 31.64
N ALA B 170 37.00 -18.98 30.35
CA ALA B 170 35.97 -19.74 29.69
C ALA B 170 36.34 -21.15 29.99
N GLN B 171 37.61 -21.35 30.21
CA GLN B 171 38.15 -22.65 30.48
C GLN B 171 37.61 -23.23 31.76
N LEU B 172 37.55 -22.43 32.81
CA LEU B 172 37.12 -22.90 34.11
C LEU B 172 35.59 -22.97 34.16
N LEU B 173 34.94 -22.06 33.45
CA LEU B 173 33.50 -22.10 33.30
C LEU B 173 33.09 -23.35 32.54
N ALA B 174 33.69 -23.52 31.36
CA ALA B 174 33.38 -24.66 30.50
C ALA B 174 33.55 -25.98 31.25
N LYS B 175 34.33 -25.94 32.33
CA LYS B 175 34.53 -27.13 33.15
C LYS B 175 33.39 -27.27 34.16
N MET B 176 32.92 -26.14 34.67
CA MET B 176 31.80 -26.13 35.61
C MET B 176 30.51 -26.56 34.90
N GLU B 177 30.41 -26.23 33.62
CA GLU B 177 29.22 -26.55 32.84
C GLU B 177 29.22 -28.00 32.39
N SER B 178 30.39 -28.52 32.17
CA SER B 178 30.56 -29.84 31.66
C SER B 178 30.03 -30.79 32.68
N SER B 179 29.86 -30.36 33.91
CA SER B 179 29.45 -31.25 34.98
C SER B 179 27.95 -31.37 35.17
N LEU B 180 27.18 -30.74 34.29
CA LEU B 180 25.75 -30.53 34.44
C LEU B 180 24.92 -31.55 33.68
N ILE B 181 23.82 -31.98 34.31
CA ILE B 181 22.90 -32.92 33.68
C ILE B 181 21.45 -32.51 33.96
N PRO B 182 20.84 -31.77 33.04
CA PRO B 182 19.47 -31.27 33.16
C PRO B 182 18.47 -32.41 33.32
N ALA B 183 18.76 -33.56 32.72
CA ALA B 183 17.89 -34.71 32.83
C ALA B 183 17.70 -35.10 34.29
N ALA B 184 18.41 -34.41 35.18
CA ALA B 184 18.34 -34.67 36.61
C ALA B 184 17.04 -34.14 37.21
N VAL B 185 16.23 -33.51 36.37
CA VAL B 185 14.93 -32.98 36.80
C VAL B 185 13.85 -34.05 36.71
N PHE B 186 14.14 -35.07 35.93
CA PHE B 186 13.25 -36.17 35.77
C PHE B 186 13.81 -37.39 36.44
N LEU B 187 15.04 -37.29 36.89
CA LEU B 187 15.70 -38.36 37.58
C LEU B 187 16.43 -37.70 38.69
N PRO B 188 15.71 -37.29 39.70
CA PRO B 188 16.21 -36.42 40.74
C PRO B 188 17.39 -37.00 41.46
N ILE B 189 17.51 -38.30 41.36
CA ILE B 189 18.50 -39.06 42.13
C ILE B 189 19.93 -38.65 41.78
N LEU B 190 20.13 -38.14 40.57
CA LEU B 190 21.45 -37.75 40.10
C LEU B 190 22.06 -36.67 41.00
N LEU B 191 21.22 -36.06 41.82
CA LEU B 191 21.63 -34.94 42.65
C LEU B 191 22.10 -35.39 44.04
N LYS B 192 21.99 -36.69 44.31
CA LYS B 192 22.45 -37.24 45.57
C LYS B 192 23.70 -38.09 45.35
N LEU B 193 23.74 -38.78 44.21
CA LEU B 193 24.91 -39.57 43.84
C LEU B 193 26.00 -38.64 43.31
N PRO B 194 27.16 -38.62 43.98
CA PRO B 194 28.27 -37.78 43.54
C PRO B 194 28.96 -38.36 42.31
N LEU B 195 28.83 -37.66 41.18
CA LEU B 195 29.46 -38.09 39.94
C LEU B 195 30.92 -37.66 39.92
N PRO B 196 31.74 -38.31 39.09
CA PRO B 196 33.12 -37.89 38.91
C PRO B 196 33.18 -36.46 38.39
N GLN B 197 32.02 -35.94 37.99
CA GLN B 197 31.92 -34.57 37.49
C GLN B 197 31.83 -33.58 38.64
N SER B 198 30.79 -33.72 39.46
CA SER B 198 30.54 -32.80 40.57
C SER B 198 31.83 -32.38 41.29
N ALA B 199 32.68 -33.35 41.59
CA ALA B 199 33.93 -33.08 42.29
C ALA B 199 34.91 -32.33 41.39
N ARG B 200 34.57 -32.25 40.10
CA ARG B 200 35.32 -31.42 39.17
C ARG B 200 34.61 -30.08 39.02
N CYS B 201 33.38 -30.03 39.49
CA CYS B 201 32.59 -28.81 39.43
C CYS B 201 32.95 -27.91 40.61
N HIS B 202 32.93 -28.47 41.82
CA HIS B 202 33.43 -27.77 42.99
C HIS B 202 34.89 -27.39 42.76
N GLU B 203 35.61 -28.29 42.11
CA GLU B 203 37.03 -28.11 41.85
C GLU B 203 37.30 -26.83 41.06
N ALA B 204 36.82 -26.79 39.82
CA ALA B 204 36.98 -25.61 38.99
C ALA B 204 36.46 -24.38 39.72
N ARG B 205 35.37 -24.54 40.45
CA ARG B 205 34.78 -23.47 41.23
C ARG B 205 35.70 -23.09 42.38
N THR B 206 36.77 -23.87 42.56
CA THR B 206 37.70 -23.68 43.66
C THR B 206 38.78 -22.66 43.31
N GLU B 207 39.26 -22.71 42.07
CA GLU B 207 40.28 -21.78 41.60
C GLU B 207 39.63 -20.50 41.11
N LEU B 208 38.32 -20.39 41.34
CA LEU B 208 37.56 -19.20 40.98
C LEU B 208 37.26 -18.35 42.22
N GLN B 209 37.38 -18.97 43.39
CA GLN B 209 37.22 -18.25 44.65
C GLN B 209 38.59 -17.96 45.26
N LYS B 210 39.64 -18.46 44.59
CA LYS B 210 41.02 -18.17 45.00
C LYS B 210 41.79 -17.48 43.88
N ILE B 211 41.08 -17.10 42.83
CA ILE B 211 41.60 -16.18 41.84
C ILE B 211 40.89 -14.85 42.06
N LEU B 212 39.89 -14.88 42.94
CA LEU B 212 39.19 -13.68 43.37
C LEU B 212 39.86 -13.08 44.60
N SER B 213 39.99 -13.89 45.64
CA SER B 213 40.64 -13.45 46.88
C SER B 213 42.12 -13.14 46.63
N GLU B 214 42.69 -13.80 45.63
CA GLU B 214 44.07 -13.54 45.24
C GLU B 214 44.14 -12.33 44.30
N ILE B 215 42.98 -11.72 44.08
CA ILE B 215 42.93 -10.46 43.36
C ILE B 215 42.22 -9.40 44.19
N ILE B 216 41.47 -9.85 45.19
CA ILE B 216 40.86 -8.97 46.19
C ILE B 216 41.83 -8.29 47.16
N ILE B 217 42.83 -9.04 47.61
CA ILE B 217 43.89 -8.50 48.46
C ILE B 217 44.84 -7.69 47.60
N ALA B 218 45.17 -8.22 46.42
CA ALA B 218 46.03 -7.53 45.47
C ALA B 218 45.43 -6.18 45.11
N ARG B 219 44.11 -6.15 44.98
CA ARG B 219 43.40 -4.91 44.66
C ARG B 219 43.41 -3.96 45.84
N LYS B 220 43.58 -4.50 47.05
CA LYS B 220 43.65 -3.68 48.25
C LYS B 220 44.99 -2.96 48.36
N GLU B 221 46.07 -3.67 48.03
CA GLU B 221 47.39 -3.07 48.03
C GLU B 221 47.46 -1.92 47.03
N GLU B 222 46.86 -2.17 45.87
CA GLU B 222 46.86 -1.24 44.78
C GLU B 222 46.17 -0.04 45.32
N GLU B 223 45.12 -0.24 46.11
CA GLU B 223 44.44 0.90 46.66
C GLU B 223 45.39 1.64 47.59
N VAL B 224 46.03 0.90 48.47
CA VAL B 224 46.95 1.52 49.40
C VAL B 224 48.32 1.99 48.87
N ASN B 225 49.05 1.15 48.15
CA ASN B 225 50.35 1.55 47.63
C ASN B 225 50.25 2.72 46.65
N LYS B 226 49.24 2.68 45.79
CA LYS B 226 48.95 3.72 44.83
C LYS B 226 47.48 4.00 45.01
N ASP B 227 47.00 5.09 44.47
CA ASP B 227 45.60 5.46 44.71
C ASP B 227 44.64 5.08 43.58
N SER B 228 43.70 4.23 43.96
CA SER B 228 42.57 3.90 43.15
C SER B 228 41.54 3.21 44.02
N SER B 229 40.29 3.36 43.58
CA SER B 229 39.16 2.63 44.12
C SER B 229 38.43 2.13 42.88
N THR B 230 38.91 1.03 42.30
CA THR B 230 38.39 0.53 41.03
C THR B 230 36.89 0.22 41.03
N SER B 231 36.19 0.57 39.95
CA SER B 231 34.74 0.35 39.89
C SER B 231 34.30 -0.74 38.93
N ASP B 232 33.74 -1.82 39.47
CA ASP B 232 33.30 -2.93 38.66
C ASP B 232 32.44 -3.89 39.43
N LEU B 233 31.81 -4.80 38.74
CA LEU B 233 30.93 -5.75 39.41
C LEU B 233 31.52 -6.32 40.69
N LEU B 234 32.71 -6.91 40.57
CA LEU B 234 33.40 -7.49 41.70
C LEU B 234 33.38 -6.54 42.89
N SER B 235 33.74 -5.28 42.65
CA SER B 235 33.78 -4.28 43.71
C SER B 235 32.39 -4.00 44.27
N GLY B 236 31.41 -3.89 43.39
CA GLY B 236 30.04 -3.56 43.79
C GLY B 236 29.37 -4.63 44.63
N LEU B 237 29.76 -5.88 44.42
CA LEU B 237 29.16 -7.00 45.12
C LEU B 237 29.79 -7.25 46.49
N LEU B 238 31.07 -6.92 46.62
CA LEU B 238 31.76 -7.05 47.90
C LEU B 238 31.17 -6.06 48.91
N SER B 239 30.63 -4.97 48.40
CA SER B 239 30.04 -3.94 49.25
C SER B 239 28.53 -4.14 49.39
N ALA B 240 28.05 -5.32 49.04
CA ALA B 240 26.63 -5.64 49.13
C ALA B 240 26.26 -6.17 50.51
N VAL B 241 25.16 -5.65 51.05
CA VAL B 241 24.68 -6.07 52.36
C VAL B 241 23.17 -6.23 52.35
N TYR B 242 22.68 -7.34 52.91
CA TYR B 242 21.25 -7.64 52.90
C TYR B 242 20.50 -6.83 53.95
N ARG B 243 19.20 -6.95 53.93
CA ARG B 243 18.37 -6.29 54.91
C ARG B 243 18.65 -7.01 56.22
N ASP B 244 19.36 -8.12 56.08
CA ASP B 244 19.88 -8.92 57.18
C ASP B 244 20.93 -8.14 57.96
N GLY B 245 21.73 -7.36 57.23
CA GLY B 245 22.85 -6.66 57.81
C GLY B 245 24.11 -7.50 57.73
N THR B 246 24.01 -8.61 57.03
CA THR B 246 25.15 -9.53 56.86
C THR B 246 25.73 -9.47 55.44
N PRO B 247 27.05 -9.29 55.37
CA PRO B 247 27.78 -9.19 54.12
C PRO B 247 27.60 -10.46 53.29
N MET B 248 28.10 -10.45 52.06
CA MET B 248 27.97 -11.60 51.18
C MET B 248 29.30 -12.34 51.09
N SER B 249 29.32 -13.57 51.62
CA SER B 249 30.55 -14.35 51.68
C SER B 249 31.18 -14.56 50.31
N LEU B 250 32.51 -14.51 50.26
CA LEU B 250 33.23 -14.71 49.02
C LEU B 250 32.58 -15.85 48.24
N HIS B 251 32.13 -16.87 48.97
CA HIS B 251 31.40 -17.98 48.38
C HIS B 251 30.18 -17.48 47.61
N GLU B 252 29.40 -16.61 48.24
CA GLU B 252 28.26 -15.99 47.57
C GLU B 252 28.71 -15.21 46.34
N VAL B 253 29.43 -14.11 46.59
CA VAL B 253 29.90 -13.26 45.51
C VAL B 253 30.39 -14.07 44.32
N CYS B 254 31.30 -15.01 44.56
CA CYS B 254 31.86 -15.83 43.50
C CYS B 254 30.76 -16.58 42.74
N GLY B 255 29.76 -17.07 43.46
CA GLY B 255 28.65 -17.77 42.83
C GLY B 255 27.81 -16.83 41.97
N MET B 256 27.68 -15.59 42.43
CA MET B 256 26.95 -14.57 41.68
C MET B 256 27.62 -14.34 40.33
N ILE B 257 28.94 -14.14 40.36
CA ILE B 257 29.71 -13.95 39.14
C ILE B 257 29.47 -15.08 38.14
N VAL B 258 29.55 -16.31 38.62
CA VAL B 258 29.32 -17.49 37.79
C VAL B 258 27.92 -17.46 37.17
N ALA B 259 26.92 -17.16 37.98
CA ALA B 259 25.56 -17.05 37.48
C ALA B 259 25.50 -16.13 36.27
N ALA B 260 26.01 -14.91 36.44
CA ALA B 260 26.03 -13.94 35.36
C ALA B 260 26.69 -14.51 34.11
N MET B 261 27.92 -15.00 34.26
CA MET B 261 28.68 -15.52 33.13
C MET B 261 28.01 -16.70 32.46
N PHE B 262 27.43 -17.59 33.26
CA PHE B 262 26.69 -18.72 32.71
C PHE B 262 25.51 -18.23 31.88
N ALA B 263 24.67 -17.41 32.50
CA ALA B 263 23.49 -16.90 31.84
C ALA B 263 23.84 -16.14 30.57
N GLY B 264 24.67 -15.15 30.71
CA GLY B 264 25.05 -14.33 29.61
C GLY B 264 25.84 -14.96 28.52
N GLN B 265 26.80 -15.77 28.88
CA GLN B 265 27.76 -16.18 27.90
C GLN B 265 27.40 -17.01 26.70
N HIS B 266 26.88 -18.20 26.86
CA HIS B 266 26.59 -18.90 25.66
C HIS B 266 25.54 -18.16 24.89
N THR B 267 24.50 -17.73 25.56
CA THR B 267 23.34 -17.23 24.90
C THR B 267 23.62 -16.03 24.04
N SER B 268 24.31 -15.08 24.60
CA SER B 268 24.69 -13.89 23.83
C SER B 268 25.45 -14.30 22.57
N SER B 269 26.54 -15.04 22.74
CA SER B 269 27.34 -15.48 21.61
C SER B 269 26.47 -16.19 20.58
N ILE B 270 25.65 -17.14 21.04
CA ILE B 270 24.74 -17.86 20.17
C ILE B 270 23.81 -16.92 19.42
N THR B 271 23.22 -15.97 20.14
CA THR B 271 22.36 -14.96 19.51
C THR B 271 23.16 -14.15 18.50
N THR B 272 24.24 -13.55 18.97
CA THR B 272 25.12 -12.76 18.10
C THR B 272 25.36 -13.47 16.77
N THR B 273 25.68 -14.76 16.84
CA THR B 273 26.04 -15.54 15.66
C THR B 273 24.90 -15.67 14.64
N TRP B 274 23.75 -16.17 15.10
CA TRP B 274 22.59 -16.33 14.23
C TRP B 274 22.32 -15.07 13.42
N SER B 275 22.26 -13.94 14.11
CA SER B 275 22.06 -12.66 13.45
C SER B 275 23.03 -12.50 12.29
N MET B 276 24.32 -12.49 12.61
CA MET B 276 25.38 -12.37 11.60
C MET B 276 25.09 -13.21 10.36
N LEU B 277 24.89 -14.51 10.57
CA LEU B 277 24.63 -15.43 9.48
C LEU B 277 23.39 -15.01 8.69
N HIS B 278 22.23 -15.08 9.34
CA HIS B 278 20.97 -14.73 8.69
C HIS B 278 21.12 -13.50 7.79
N LEU B 279 21.75 -12.46 8.34
CA LEU B 279 21.99 -11.24 7.58
C LEU B 279 22.88 -11.52 6.38
N MET B 280 24.14 -11.89 6.65
CA MET B 280 25.12 -12.08 5.60
C MET B 280 24.57 -12.93 4.45
N HIS B 281 23.83 -13.97 4.78
CA HIS B 281 23.28 -14.86 3.77
C HIS B 281 22.72 -14.05 2.61
N PRO B 282 23.22 -14.32 1.39
CA PRO B 282 22.81 -13.60 0.18
C PRO B 282 21.30 -13.64 -0.04
N ALA B 283 20.71 -14.64 0.59
CA ALA B 283 19.30 -14.85 0.54
C ALA B 283 18.76 -13.61 1.17
N ASN B 284 19.43 -13.18 2.23
CA ASN B 284 19.06 -11.94 2.84
C ASN B 284 20.16 -11.01 2.45
N VAL B 285 19.85 -10.12 1.50
CA VAL B 285 20.68 -8.98 1.17
C VAL B 285 19.70 -7.85 1.48
N LYS B 286 18.41 -8.23 1.48
CA LYS B 286 17.31 -7.30 1.72
C LYS B 286 17.44 -6.57 3.04
N HIS B 287 17.87 -7.29 4.08
CA HIS B 287 17.92 -6.73 5.42
C HIS B 287 19.31 -6.25 5.83
N LEU B 288 20.32 -6.67 5.09
CA LEU B 288 21.67 -6.16 5.30
C LEU B 288 21.75 -4.74 4.74
N GLU B 289 20.76 -4.40 3.91
CA GLU B 289 20.65 -3.05 3.35
C GLU B 289 20.15 -2.06 4.39
N ALA B 290 19.09 -2.45 5.10
CA ALA B 290 18.49 -1.58 6.11
C ALA B 290 19.39 -1.41 7.32
N LEU B 291 20.19 -2.43 7.61
CA LEU B 291 21.09 -2.40 8.76
C LEU B 291 22.12 -1.28 8.64
N ARG B 292 22.77 -1.20 7.48
CA ARG B 292 23.83 -0.22 7.27
C ARG B 292 23.30 1.22 7.18
N LYS B 293 22.06 1.36 6.72
CA LYS B 293 21.41 2.66 6.73
C LYS B 293 21.43 3.21 8.16
N GLU B 294 21.38 2.29 9.12
CA GLU B 294 21.33 2.65 10.53
C GLU B 294 22.73 2.85 11.13
N ILE B 295 23.69 2.05 10.68
CA ILE B 295 25.03 2.09 11.25
C ILE B 295 26.04 2.85 10.38
N GLU B 296 25.52 3.60 9.41
CA GLU B 296 26.37 4.41 8.56
C GLU B 296 26.14 5.89 8.86
N GLU B 297 25.31 6.14 9.87
CA GLU B 297 25.05 7.48 10.36
C GLU B 297 25.73 7.64 11.73
N PHE B 298 26.69 6.75 12.01
CA PHE B 298 27.34 6.73 13.32
C PHE B 298 28.84 6.95 13.25
N PRO B 299 29.37 7.76 14.19
CA PRO B 299 30.80 7.99 14.36
C PRO B 299 31.58 6.68 14.44
N ALA B 300 32.91 6.78 14.31
CA ALA B 300 33.78 5.60 14.33
C ALA B 300 33.77 4.93 15.70
N GLN B 301 33.56 5.72 16.74
CA GLN B 301 33.52 5.19 18.10
C GLN B 301 32.19 5.48 18.76
N LEU B 302 31.35 4.44 18.85
CA LEU B 302 30.01 4.58 19.39
C LEU B 302 30.00 4.92 20.87
N ASN B 303 29.02 5.72 21.27
CA ASN B 303 28.79 6.02 22.68
C ASN B 303 27.59 5.24 23.17
N TYR B 304 26.99 5.70 24.27
CA TYR B 304 25.84 5.03 24.86
C TYR B 304 24.57 5.22 24.02
N ASN B 305 24.43 6.40 23.43
CA ASN B 305 23.23 6.74 22.67
C ASN B 305 23.09 6.01 21.34
N ASN B 306 24.15 6.01 20.54
CA ASN B 306 24.12 5.39 19.22
C ASN B 306 23.45 4.03 19.19
N VAL B 307 23.59 3.28 20.28
CA VAL B 307 23.08 1.91 20.34
C VAL B 307 21.79 1.80 21.14
N MET B 308 21.71 2.52 22.26
CA MET B 308 20.60 2.37 23.19
C MET B 308 19.28 2.91 22.66
N ASP B 309 19.32 3.99 21.91
CA ASP B 309 18.11 4.66 21.45
C ASP B 309 18.04 4.84 19.93
N GLU B 310 19.14 4.57 19.24
CA GLU B 310 19.22 4.84 17.81
C GLU B 310 19.45 3.59 16.97
N MET B 311 19.43 2.43 17.61
CA MET B 311 19.57 1.16 16.91
C MET B 311 18.40 0.23 17.20
N PRO B 312 17.30 0.39 16.45
CA PRO B 312 16.11 -0.43 16.61
C PRO B 312 16.12 -1.64 15.69
N PHE B 313 16.70 -1.50 14.50
CA PHE B 313 16.73 -2.58 13.53
C PHE B 313 17.76 -3.64 13.91
N ALA B 314 18.94 -3.19 14.35
CA ALA B 314 19.96 -4.11 14.84
C ALA B 314 19.38 -4.95 15.97
N GLU B 315 18.54 -4.32 16.79
CA GLU B 315 17.86 -5.01 17.88
C GLU B 315 16.82 -5.98 17.32
N ARG B 316 16.10 -5.55 16.29
CA ARG B 316 15.15 -6.41 15.60
C ARG B 316 15.85 -7.63 15.01
N CYS B 317 17.12 -7.46 14.65
CA CYS B 317 17.91 -8.55 14.09
C CYS B 317 18.27 -9.59 15.15
N ALA B 318 18.50 -9.13 16.37
CA ALA B 318 18.89 -10.03 17.45
C ALA B 318 17.68 -10.77 18.02
N ARG B 319 16.62 -10.03 18.31
CA ARG B 319 15.41 -10.63 18.87
C ARG B 319 14.73 -11.59 17.89
N GLU B 320 14.85 -11.30 16.60
CA GLU B 320 14.26 -12.16 15.58
C GLU B 320 15.07 -13.44 15.43
N SER B 321 16.38 -13.35 15.65
CA SER B 321 17.22 -14.53 15.68
C SER B 321 16.77 -15.42 16.83
N ILE B 322 16.71 -14.82 18.01
CA ILE B 322 16.26 -15.53 19.20
C ILE B 322 14.85 -16.08 19.03
N ARG B 323 13.98 -15.30 18.40
CA ARG B 323 12.62 -15.76 18.15
C ARG B 323 12.65 -17.05 17.33
N ARG B 324 13.40 -17.02 16.23
CA ARG B 324 13.51 -18.16 15.34
C ARG B 324 14.16 -19.35 16.05
N ASP B 325 15.31 -19.10 16.66
CA ASP B 325 16.07 -20.15 17.35
C ASP B 325 16.51 -19.68 18.72
N PRO B 326 15.64 -19.82 19.73
CA PRO B 326 15.94 -19.37 21.08
C PRO B 326 17.01 -20.25 21.73
N PRO B 327 17.99 -19.61 22.39
CA PRO B 327 19.07 -20.35 23.03
C PRO B 327 18.55 -21.33 24.08
N LEU B 328 17.54 -20.92 24.84
CA LEU B 328 16.91 -21.82 25.80
C LEU B 328 15.58 -22.34 25.26
N LEU B 329 15.54 -23.63 24.96
CA LEU B 329 14.37 -24.24 24.33
C LEU B 329 13.17 -24.33 25.27
N MET B 330 13.43 -24.46 26.56
CA MET B 330 12.38 -24.79 27.52
C MET B 330 12.54 -24.06 28.85
N LEU B 331 11.42 -23.76 29.49
CA LEU B 331 11.41 -23.17 30.82
C LEU B 331 10.40 -23.93 31.66
N MET B 332 10.79 -24.34 32.86
CA MET B 332 9.95 -25.22 33.67
C MET B 332 9.62 -24.65 35.05
N ARG B 333 8.58 -25.22 35.66
CA ARG B 333 8.20 -24.89 37.03
C ARG B 333 7.61 -26.13 37.70
N LYS B 334 7.71 -26.19 39.02
CA LYS B 334 7.10 -27.28 39.77
C LYS B 334 5.74 -26.82 40.29
N VAL B 335 4.69 -27.54 39.91
CA VAL B 335 3.34 -27.19 40.34
C VAL B 335 3.12 -27.60 41.79
N MET B 336 3.25 -26.64 42.69
CA MET B 336 3.14 -26.90 44.13
C MET B 336 1.67 -26.96 44.56
N ALA B 337 0.81 -26.34 43.77
CA ALA B 337 -0.63 -26.34 44.06
C ALA B 337 -1.44 -26.37 42.75
N ASP B 338 -2.37 -27.31 42.65
CA ASP B 338 -3.08 -27.52 41.41
C ASP B 338 -3.54 -26.19 40.92
N VAL B 339 -3.32 -25.92 39.64
CA VAL B 339 -3.62 -24.62 39.06
C VAL B 339 -4.43 -24.60 37.79
N LYS B 340 -4.77 -23.41 37.35
CA LYS B 340 -5.74 -23.22 36.27
C LYS B 340 -5.07 -22.76 34.98
N VAL B 341 -5.19 -23.57 33.93
CA VAL B 341 -4.62 -23.22 32.62
C VAL B 341 -5.65 -23.46 31.52
N GLY B 342 -5.98 -22.41 30.78
CA GLY B 342 -7.00 -22.50 29.75
C GLY B 342 -8.29 -23.05 30.32
N SER B 343 -8.87 -24.02 29.63
CA SER B 343 -10.07 -24.69 30.12
C SER B 343 -9.68 -25.88 31.00
N TYR B 344 -8.39 -25.96 31.33
CA TYR B 344 -7.86 -27.12 32.04
C TYR B 344 -7.33 -26.77 33.42
N VAL B 345 -6.87 -27.79 34.14
CA VAL B 345 -6.28 -27.62 35.46
C VAL B 345 -5.04 -28.49 35.61
N VAL B 346 -3.87 -27.87 35.56
CA VAL B 346 -2.61 -28.56 35.76
C VAL B 346 -2.46 -28.94 37.23
N PRO B 347 -2.43 -30.24 37.52
CA PRO B 347 -2.43 -30.74 38.90
C PRO B 347 -1.13 -30.44 39.65
N LYS B 348 -1.19 -30.52 40.97
CA LYS B 348 -0.03 -30.35 41.82
C LYS B 348 0.89 -31.56 41.72
N GLY B 349 2.20 -31.31 41.75
CA GLY B 349 3.18 -32.38 41.63
C GLY B 349 3.58 -32.61 40.19
N ASP B 350 2.94 -31.88 39.28
CA ASP B 350 3.29 -31.95 37.87
C ASP B 350 4.44 -31.01 37.54
N ILE B 351 5.10 -31.26 36.42
CA ILE B 351 6.11 -30.36 35.92
C ILE B 351 5.54 -29.55 34.76
N ILE B 352 5.21 -28.29 35.02
CA ILE B 352 4.66 -27.44 33.97
C ILE B 352 5.77 -26.67 33.27
N ALA B 353 5.72 -26.65 31.94
CA ALA B 353 6.78 -26.02 31.15
C ALA B 353 6.23 -25.06 30.10
N CYS B 354 7.01 -24.03 29.80
CA CYS B 354 6.68 -23.08 28.76
C CYS B 354 7.87 -22.96 27.82
N SER B 355 7.72 -23.49 26.60
CA SER B 355 8.84 -23.62 25.68
C SER B 355 8.95 -22.48 24.67
N PRO B 356 10.05 -21.71 24.74
CA PRO B 356 10.32 -20.67 23.76
C PRO B 356 10.44 -21.25 22.34
N LEU B 357 10.70 -22.55 22.24
CA LEU B 357 10.82 -23.21 20.95
C LEU B 357 9.45 -23.41 20.31
N LEU B 358 8.50 -23.91 21.09
CA LEU B 358 7.15 -24.20 20.58
C LEU B 358 6.39 -22.91 20.29
N SER B 359 6.32 -22.02 21.27
CA SER B 359 5.61 -20.75 21.12
C SER B 359 6.19 -19.91 19.99
N HIS B 360 7.51 -19.85 19.91
CA HIS B 360 8.19 -19.07 18.88
C HIS B 360 7.83 -19.55 17.48
N HIS B 361 7.21 -20.73 17.40
CA HIS B 361 6.83 -21.28 16.10
C HIS B 361 5.31 -21.38 15.95
N ASP B 362 4.58 -20.82 16.90
CA ASP B 362 3.12 -20.76 16.81
C ASP B 362 2.72 -20.00 15.55
N GLU B 363 1.93 -20.66 14.70
CA GLU B 363 1.60 -20.11 13.38
C GLU B 363 0.77 -18.82 13.42
N GLU B 364 -0.19 -18.73 14.33
CA GLU B 364 -1.01 -17.51 14.45
C GLU B 364 -0.19 -16.36 15.01
N ALA B 365 0.93 -16.67 15.65
CA ALA B 365 1.78 -15.65 16.25
C ALA B 365 2.96 -15.31 15.35
N PHE B 366 3.56 -16.33 14.74
CA PHE B 366 4.72 -16.13 13.89
C PHE B 366 4.64 -16.94 12.59
N PRO B 367 3.82 -16.49 11.64
CA PRO B 367 3.69 -17.13 10.33
C PRO B 367 5.06 -17.34 9.68
N GLU B 368 5.22 -18.46 9.00
CA GLU B 368 6.49 -18.78 8.34
C GLU B 368 7.61 -18.68 9.35
N PRO B 369 7.48 -19.41 10.47
CA PRO B 369 8.36 -19.32 11.64
C PRO B 369 9.80 -19.71 11.33
N ARG B 370 10.04 -20.29 10.16
CA ARG B 370 11.39 -20.67 9.77
C ARG B 370 12.03 -19.58 8.93
N ARG B 371 11.20 -18.73 8.34
CA ARG B 371 11.69 -17.56 7.61
C ARG B 371 12.10 -16.48 8.61
N TRP B 372 13.38 -16.16 8.65
CA TRP B 372 13.91 -15.18 9.60
C TRP B 372 13.74 -13.76 9.11
N ASP B 373 12.60 -13.16 9.43
CA ASP B 373 12.31 -11.78 9.05
C ASP B 373 12.37 -10.87 10.28
N PRO B 374 13.34 -9.95 10.30
CA PRO B 374 13.55 -9.02 11.41
C PRO B 374 12.58 -7.84 11.39
N GLU B 375 11.55 -7.91 10.56
CA GLU B 375 10.56 -6.85 10.49
C GLU B 375 9.18 -7.33 10.91
N ARG B 376 9.14 -8.51 11.53
CA ARG B 376 7.88 -9.11 11.94
C ARG B 376 7.45 -8.65 13.33
N ASP B 377 6.17 -8.37 13.49
CA ASP B 377 5.57 -8.17 14.81
C ASP B 377 4.95 -9.49 15.24
N GLU B 378 4.46 -9.54 16.47
CA GLU B 378 3.74 -10.71 16.94
C GLU B 378 2.24 -10.45 16.82
N LYS B 379 1.49 -11.46 16.38
CA LYS B 379 0.05 -11.30 16.23
C LYS B 379 -0.70 -11.83 17.46
N VAL B 380 -0.04 -12.70 18.20
CA VAL B 380 -0.49 -13.06 19.53
C VAL B 380 0.46 -12.40 20.51
N GLU B 381 -0.04 -11.46 21.30
CA GLU B 381 0.83 -10.63 22.14
C GLU B 381 1.40 -11.38 23.32
N GLY B 382 2.70 -11.20 23.57
CA GLY B 382 3.41 -11.93 24.61
C GLY B 382 3.88 -13.27 24.08
N ALA B 383 4.05 -13.36 22.77
CA ALA B 383 4.42 -14.61 22.11
C ALA B 383 5.92 -14.83 22.09
N PHE B 384 6.68 -13.74 21.92
CA PHE B 384 8.13 -13.82 21.98
C PHE B 384 8.57 -13.94 23.43
N ILE B 385 9.13 -15.09 23.79
CA ILE B 385 9.56 -15.33 25.17
C ILE B 385 11.04 -15.70 25.26
N GLY B 386 11.82 -15.22 24.30
CA GLY B 386 13.25 -15.48 24.27
C GLY B 386 13.92 -15.16 25.60
N PHE B 387 13.61 -13.99 26.16
CA PHE B 387 14.17 -13.58 27.44
C PHE B 387 13.20 -13.90 28.59
N GLY B 388 12.32 -14.86 28.36
CA GLY B 388 11.28 -15.18 29.33
C GLY B 388 10.38 -13.99 29.59
N ALA B 389 9.54 -14.09 30.62
CA ALA B 389 8.61 -13.02 30.97
C ALA B 389 8.24 -13.08 32.45
N GLY B 390 7.41 -12.13 32.88
CA GLY B 390 6.86 -12.15 34.23
C GLY B 390 7.87 -12.21 35.37
N VAL B 391 7.47 -12.90 36.43
CA VAL B 391 8.24 -12.92 37.68
C VAL B 391 9.72 -13.23 37.50
N HIS B 392 10.04 -14.21 36.68
CA HIS B 392 11.43 -14.61 36.48
C HIS B 392 12.01 -14.15 35.15
N LYS B 393 11.50 -13.03 34.65
CA LYS B 393 12.01 -12.46 33.41
C LYS B 393 13.52 -12.24 33.51
N CYS B 394 14.20 -12.28 32.37
CA CYS B 394 15.65 -12.10 32.35
C CYS B 394 16.06 -10.70 32.82
N ILE B 395 17.15 -10.63 33.58
CA ILE B 395 17.66 -9.35 34.07
C ILE B 395 18.87 -8.90 33.28
N GLY B 396 19.14 -9.58 32.17
CA GLY B 396 20.34 -9.31 31.39
C GLY B 396 20.11 -9.00 29.92
N GLN B 397 18.85 -8.98 29.50
CA GLN B 397 18.53 -8.72 28.10
C GLN B 397 19.22 -7.47 27.58
N LYS B 398 19.06 -6.35 28.29
CA LYS B 398 19.67 -5.09 27.87
C LYS B 398 21.18 -5.22 27.71
N PHE B 399 21.79 -6.05 28.55
CA PHE B 399 23.23 -6.23 28.53
C PHE B 399 23.66 -7.16 27.39
N GLY B 400 22.87 -8.19 27.15
CA GLY B 400 23.14 -9.10 26.04
C GLY B 400 22.90 -8.41 24.71
N LEU B 401 21.72 -7.84 24.57
CA LEU B 401 21.36 -7.09 23.37
C LEU B 401 22.39 -6.02 23.05
N LEU B 402 22.91 -5.38 24.11
CA LEU B 402 23.95 -4.39 23.95
C LEU B 402 25.16 -4.97 23.24
N GLN B 403 25.71 -6.04 23.79
CA GLN B 403 26.87 -6.68 23.20
C GLN B 403 26.60 -7.05 21.75
N VAL B 404 25.55 -7.84 21.54
CA VAL B 404 25.18 -8.27 20.19
C VAL B 404 25.14 -7.09 19.23
N LYS B 405 24.31 -6.10 19.56
CA LYS B 405 24.13 -4.94 18.69
C LYS B 405 25.44 -4.20 18.42
N THR B 406 26.22 -3.96 19.47
CA THR B 406 27.51 -3.29 19.31
C THR B 406 28.37 -4.05 18.32
N ILE B 407 28.24 -5.37 18.32
CA ILE B 407 29.03 -6.23 17.45
C ILE B 407 28.51 -6.21 16.02
N LEU B 408 27.19 -6.32 15.87
CA LEU B 408 26.58 -6.28 14.55
C LEU B 408 26.98 -5.02 13.79
N ALA B 409 27.47 -4.02 14.54
CA ALA B 409 27.92 -2.78 13.94
C ALA B 409 29.41 -2.80 13.68
N THR B 410 30.17 -3.28 14.67
CA THR B 410 31.63 -3.23 14.61
C THR B 410 32.23 -4.19 13.60
N ALA B 411 31.48 -5.24 13.24
CA ALA B 411 31.98 -6.24 12.30
C ALA B 411 31.74 -5.91 10.83
N PHE B 412 30.48 -5.70 10.48
CA PHE B 412 30.10 -5.42 9.09
C PHE B 412 30.66 -4.09 8.64
N ARG B 413 30.81 -3.18 9.57
CA ARG B 413 31.22 -1.83 9.22
C ARG B 413 32.55 -1.95 8.53
N SER B 414 33.40 -2.85 8.97
CA SER B 414 34.66 -3.01 8.27
C SER B 414 34.81 -4.27 7.42
N TYR B 415 33.99 -5.28 7.68
CA TYR B 415 34.05 -6.57 7.03
C TYR B 415 32.71 -6.97 6.42
N ASP B 416 32.75 -7.41 5.17
CA ASP B 416 31.60 -8.10 4.59
C ASP B 416 31.79 -9.59 4.83
N PHE B 417 30.70 -10.34 4.85
CA PHE B 417 30.78 -11.77 5.12
C PHE B 417 30.06 -12.62 4.08
N GLN B 418 30.63 -13.79 3.79
CA GLN B 418 30.03 -14.72 2.83
C GLN B 418 29.67 -16.05 3.49
N LEU B 419 28.59 -16.65 3.01
CA LEU B 419 28.14 -17.95 3.53
C LEU B 419 28.81 -19.09 2.78
N LEU B 420 29.44 -20.00 3.52
CA LEU B 420 30.09 -21.16 2.92
C LEU B 420 29.10 -22.31 2.75
N ARG B 421 27.82 -21.99 2.91
CA ARG B 421 26.77 -22.99 2.79
C ARG B 421 25.65 -22.48 1.92
N ASP B 422 25.11 -23.34 1.06
CA ASP B 422 23.95 -22.97 0.27
C ASP B 422 22.82 -22.60 1.22
N GLU B 423 23.01 -22.93 2.50
CA GLU B 423 21.96 -22.69 3.50
C GLU B 423 22.48 -22.33 4.89
N VAL B 424 21.63 -21.66 5.65
CA VAL B 424 21.91 -21.31 7.02
C VAL B 424 22.21 -22.56 7.83
N PRO B 425 23.20 -22.47 8.75
CA PRO B 425 23.57 -23.59 9.60
C PRO B 425 22.37 -24.25 10.25
N ASP B 426 22.57 -25.45 10.81
CA ASP B 426 21.50 -26.21 11.44
C ASP B 426 21.54 -26.10 12.96
N PRO B 427 20.39 -25.80 13.57
CA PRO B 427 20.25 -25.80 15.02
C PRO B 427 20.67 -27.15 15.62
N ASP B 428 21.62 -27.10 16.54
CA ASP B 428 22.07 -28.29 17.26
C ASP B 428 21.26 -28.43 18.54
N TYR B 429 20.27 -29.33 18.52
CA TYR B 429 19.28 -29.42 19.61
C TYR B 429 19.66 -30.35 20.75
N HIS B 430 20.94 -30.67 20.91
CA HIS B 430 21.35 -31.56 21.99
C HIS B 430 22.32 -30.93 23.00
N THR B 431 22.74 -29.70 22.74
CA THR B 431 23.53 -28.96 23.72
C THR B 431 22.56 -28.29 24.71
N MET B 432 22.97 -28.23 25.97
CA MET B 432 22.11 -27.67 27.01
C MET B 432 21.57 -26.31 26.60
N VAL B 433 22.43 -25.50 25.98
CA VAL B 433 22.00 -24.25 25.36
C VAL B 433 22.15 -24.38 23.86
N VAL B 434 21.06 -24.13 23.13
CA VAL B 434 21.01 -24.44 21.70
C VAL B 434 21.52 -23.31 20.80
N GLY B 435 22.50 -23.66 19.97
CA GLY B 435 22.98 -22.77 18.93
C GLY B 435 23.00 -23.52 17.60
N PRO B 436 23.56 -22.90 16.56
CA PRO B 436 23.66 -23.60 15.28
C PRO B 436 24.79 -24.61 15.32
N THR B 437 24.63 -25.72 14.59
CA THR B 437 25.66 -26.73 14.53
C THR B 437 27.03 -26.08 14.39
N ALA B 438 27.92 -26.34 15.34
CA ALA B 438 29.25 -25.73 15.36
C ALA B 438 30.03 -26.01 14.08
N SER B 439 29.72 -27.12 13.41
CA SER B 439 30.40 -27.48 12.17
C SER B 439 29.81 -26.74 10.98
N GLN B 440 28.52 -26.45 11.03
CA GLN B 440 27.85 -25.74 9.95
C GLN B 440 28.00 -24.23 10.07
N CYS B 441 29.07 -23.80 10.75
CA CYS B 441 29.32 -22.38 10.93
C CYS B 441 30.66 -21.96 10.35
N ARG B 442 30.82 -22.15 9.04
CA ARG B 442 32.04 -21.76 8.35
C ARG B 442 31.78 -20.48 7.56
N VAL B 443 32.52 -19.43 7.88
CA VAL B 443 32.30 -18.13 7.26
C VAL B 443 33.54 -17.57 6.57
N LYS B 444 33.31 -16.78 5.54
CA LYS B 444 34.37 -16.09 4.82
C LYS B 444 34.33 -14.61 5.19
N TYR B 445 35.42 -14.10 5.77
CA TYR B 445 35.48 -12.69 6.15
C TYR B 445 36.15 -11.85 5.06
N ILE B 446 35.69 -10.62 4.91
CA ILE B 446 36.16 -9.76 3.83
C ILE B 446 36.38 -8.31 4.26
N ARG B 447 37.62 -7.84 4.10
CA ARG B 447 37.94 -6.44 4.35
C ARG B 447 37.41 -5.56 3.21
N ARG B 448 36.70 -4.50 3.56
CA ARG B 448 36.12 -3.59 2.57
C ARG B 448 37.06 -2.43 2.26
N GLY C 1 -15.50 2.15 34.63
CA GLY C 1 -14.26 2.34 33.83
C GLY C 1 -13.10 2.84 34.67
N LYS C 2 -12.02 2.07 34.69
CA LYS C 2 -10.87 2.43 35.52
C LYS C 2 -9.92 3.39 34.79
N LEU C 3 -10.41 4.59 34.51
CA LEU C 3 -9.59 5.64 33.95
C LEU C 3 -8.69 6.19 35.05
N PRO C 4 -7.65 6.95 34.68
CA PRO C 4 -6.72 7.51 35.65
C PRO C 4 -7.39 8.56 36.54
N PRO C 5 -6.69 9.01 37.59
CA PRO C 5 -7.22 10.04 38.48
C PRO C 5 -7.47 11.36 37.73
N VAL C 6 -8.40 12.16 38.24
CA VAL C 6 -8.75 13.42 37.60
C VAL C 6 -8.58 14.61 38.54
N TYR C 7 -7.82 15.60 38.08
CA TYR C 7 -7.64 16.84 38.85
C TYR C 7 -8.92 17.66 38.76
N PRO C 8 -9.48 18.04 39.92
CA PRO C 8 -10.80 18.66 40.03
C PRO C 8 -10.90 20.02 39.34
N VAL C 9 -12.08 20.33 38.83
CA VAL C 9 -12.32 21.60 38.15
C VAL C 9 -12.87 22.65 39.09
N THR C 10 -12.16 23.77 39.21
CA THR C 10 -12.57 24.87 40.06
C THR C 10 -13.17 25.99 39.21
N VAL C 11 -12.79 26.03 37.93
CA VAL C 11 -13.26 27.06 37.05
C VAL C 11 -14.17 26.43 36.04
N PRO C 12 -15.34 26.98 35.92
CA PRO C 12 -16.41 26.31 35.24
C PRO C 12 -16.23 25.96 33.78
N ILE C 13 -15.80 26.86 32.93
CA ILE C 13 -15.78 26.45 31.53
C ILE C 13 -14.42 26.37 30.88
N LEU C 14 -13.45 26.98 31.54
CA LEU C 14 -12.06 27.00 31.09
C LEU C 14 -11.29 25.75 31.51
N GLY C 15 -11.49 25.33 32.76
CA GLY C 15 -10.80 24.16 33.29
C GLY C 15 -9.46 24.51 33.90
N HIS C 16 -8.40 23.86 33.43
CA HIS C 16 -7.08 24.04 34.00
C HIS C 16 -6.13 24.77 33.06
N ILE C 17 -6.67 25.34 31.99
CA ILE C 17 -5.86 25.97 30.95
C ILE C 17 -5.14 27.23 31.44
N ILE C 18 -5.83 28.04 32.24
CA ILE C 18 -5.24 29.25 32.78
C ILE C 18 -4.12 28.90 33.76
N GLN C 19 -4.42 28.00 34.69
CA GLN C 19 -3.45 27.53 35.66
C GLN C 19 -2.23 26.94 34.97
N PHE C 20 -2.47 25.94 34.14
CA PHE C 20 -1.39 25.30 33.37
C PHE C 20 -0.62 26.34 32.57
N GLY C 21 -1.35 27.28 31.98
CA GLY C 21 -0.74 28.34 31.18
C GLY C 21 0.16 29.24 32.00
N LYS C 22 -0.34 29.70 33.14
CA LYS C 22 0.43 30.58 34.02
C LYS C 22 1.77 29.97 34.37
N SER C 23 1.74 28.80 35.01
CA SER C 23 2.97 28.07 35.36
C SER C 23 2.79 26.59 35.08
N PRO C 24 3.23 26.17 33.93
CA PRO C 24 3.06 24.80 33.55
C PRO C 24 3.82 23.92 34.47
N LEU C 25 5.03 24.27 34.81
CA LEU C 25 5.76 23.30 35.57
C LEU C 25 5.27 23.00 36.94
N GLY C 26 5.17 23.99 37.78
CA GLY C 26 4.75 23.69 39.11
C GLY C 26 3.39 23.08 39.07
N PHE C 27 2.56 23.60 38.21
CA PHE C 27 1.18 23.23 38.27
C PHE C 27 1.08 21.77 38.11
N MET C 28 1.82 21.25 37.17
CA MET C 28 1.77 19.82 36.89
C MET C 28 2.32 19.08 38.10
N GLN C 29 3.34 19.67 38.74
CA GLN C 29 3.97 19.04 39.89
C GLN C 29 3.04 19.02 41.10
N GLU C 30 2.15 20.00 41.18
CA GLU C 30 1.12 19.99 42.22
C GLU C 30 0.14 18.87 41.94
N CYS C 31 -0.16 18.66 40.66
CA CYS C 31 -1.12 17.65 40.23
C CYS C 31 -0.73 16.23 40.64
N LYS C 32 0.50 15.83 40.35
CA LYS C 32 0.94 14.47 40.66
C LYS C 32 1.49 14.34 42.08
N ARG C 33 1.35 15.39 42.87
CA ARG C 33 1.61 15.31 44.30
C ARG C 33 0.28 15.19 45.04
N GLN C 34 -0.75 15.82 44.49
CA GLN C 34 -2.06 15.87 45.12
C GLN C 34 -2.96 14.73 44.62
N LEU C 35 -2.46 13.94 43.68
CA LEU C 35 -3.23 12.82 43.14
C LEU C 35 -2.49 11.48 43.22
N LYS C 36 -1.29 11.49 43.74
CA LYS C 36 -0.56 10.25 44.00
C LYS C 36 -0.40 9.39 42.77
N SER C 37 -0.22 10.00 41.63
CA SER C 37 0.04 9.25 40.44
C SER C 37 0.81 10.09 39.46
N GLY C 38 1.72 9.46 38.73
CA GLY C 38 2.41 10.11 37.62
C GLY C 38 1.52 10.17 36.39
N ILE C 39 0.42 9.42 36.42
CA ILE C 39 -0.52 9.39 35.31
C ILE C 39 -1.89 9.88 35.74
N PHE C 40 -2.31 11.01 35.17
CA PHE C 40 -3.57 11.65 35.56
C PHE C 40 -4.24 12.38 34.40
N THR C 41 -5.32 13.08 34.69
CA THR C 41 -6.11 13.72 33.63
C THR C 41 -6.65 15.09 34.04
N ILE C 42 -6.14 16.14 33.43
CA ILE C 42 -6.65 17.50 33.64
C ILE C 42 -7.76 17.80 32.64
N ASN C 43 -8.46 18.90 32.86
CA ASN C 43 -9.60 19.27 32.02
C ASN C 43 -9.40 20.61 31.32
N ILE C 44 -8.90 20.57 30.09
CA ILE C 44 -8.62 21.78 29.33
C ILE C 44 -9.83 22.24 28.51
N VAL C 45 -10.44 23.33 28.96
CA VAL C 45 -11.56 23.94 28.23
C VAL C 45 -12.56 22.90 27.74
N GLY C 46 -12.91 21.95 28.59
CA GLY C 46 -13.90 20.93 28.25
C GLY C 46 -13.27 19.67 27.69
N LYS C 47 -11.97 19.72 27.41
CA LYS C 47 -11.25 18.57 26.87
C LYS C 47 -10.40 17.88 27.93
N ARG C 48 -10.37 16.54 27.87
CA ARG C 48 -9.59 15.76 28.81
C ARG C 48 -8.16 15.57 28.31
N VAL C 49 -7.19 16.04 29.08
CA VAL C 49 -5.79 15.86 28.72
C VAL C 49 -5.11 14.89 29.69
N THR C 50 -5.11 13.61 29.34
CA THR C 50 -4.42 12.62 30.14
C THR C 50 -2.92 12.77 29.98
N ILE C 51 -2.25 13.19 31.06
CA ILE C 51 -0.81 13.39 31.04
C ILE C 51 -0.08 12.11 31.42
N VAL C 52 1.08 11.91 30.82
CA VAL C 52 1.93 10.77 31.14
C VAL C 52 3.21 11.24 31.83
N GLY C 53 3.11 11.49 33.14
CA GLY C 53 4.23 12.05 33.89
C GLY C 53 5.14 11.01 34.52
N ASP C 54 5.01 9.76 34.09
CA ASP C 54 5.82 8.67 34.62
C ASP C 54 6.79 8.12 33.57
N PRO C 55 8.08 8.42 33.73
CA PRO C 55 9.13 8.00 32.80
C PRO C 55 9.05 6.52 32.41
N HIS C 56 8.69 5.66 33.35
CA HIS C 56 8.62 4.22 33.07
C HIS C 56 7.55 3.88 32.04
N GLU C 57 6.53 4.71 31.95
CA GLU C 57 5.43 4.48 31.00
C GLU C 57 5.58 5.32 29.75
N HIS C 58 6.66 6.10 29.69
CA HIS C 58 6.99 6.88 28.50
C HIS C 58 6.72 6.09 27.24
N SER C 59 7.06 4.80 27.27
CA SER C 59 6.99 3.95 26.09
C SER C 59 5.57 3.76 25.56
N ARG C 60 4.59 3.95 26.44
CA ARG C 60 3.19 3.74 26.06
C ARG C 60 2.66 4.89 25.21
N PHE C 61 3.37 6.02 25.23
CA PHE C 61 2.95 7.19 24.49
C PHE C 61 3.60 7.28 23.11
N PHE C 62 4.88 6.90 23.05
CA PHE C 62 5.67 7.10 21.83
C PHE C 62 5.62 5.92 20.85
N LEU C 63 5.20 4.77 21.31
CA LEU C 63 5.27 3.55 20.49
C LEU C 63 4.01 3.23 19.67
N PRO C 64 2.82 3.46 20.25
CA PRO C 64 1.60 3.14 19.53
C PRO C 64 1.62 3.71 18.11
N ARG C 65 1.06 2.96 17.16
CA ARG C 65 1.03 3.40 15.77
C ARG C 65 -0.01 4.48 15.55
N ASN C 66 0.21 5.33 14.54
CA ASN C 66 -0.67 6.47 14.26
C ASN C 66 -2.16 6.15 14.30
N GLU C 67 -2.52 4.92 13.94
CA GLU C 67 -3.91 4.52 13.90
C GLU C 67 -4.49 4.33 15.30
N VAL C 68 -3.61 4.21 16.29
CA VAL C 68 -4.03 4.09 17.68
C VAL C 68 -3.91 5.44 18.39
N LEU C 69 -2.72 6.03 18.33
CA LEU C 69 -2.50 7.38 18.83
C LEU C 69 -2.17 8.31 17.66
N SER C 70 -3.10 9.19 17.33
CA SER C 70 -2.96 10.03 16.14
C SER C 70 -2.64 11.49 16.43
N PRO C 71 -1.74 12.08 15.63
CA PRO C 71 -1.30 13.46 15.74
C PRO C 71 -2.00 14.45 14.81
N ARG C 72 -2.68 13.98 13.77
CA ARG C 72 -3.34 14.91 12.86
C ARG C 72 -4.26 15.86 13.62
N GLU C 73 -5.07 15.31 14.49
CA GLU C 73 -6.00 16.13 15.23
C GLU C 73 -5.31 17.10 16.10
N VAL C 74 -4.35 16.60 16.81
CA VAL C 74 -3.69 17.40 17.78
C VAL C 74 -2.92 18.56 17.21
N TYR C 75 -2.28 18.37 16.09
CA TYR C 75 -1.44 19.39 15.51
C TYR C 75 -2.16 20.08 14.42
N SER C 76 -3.45 19.91 14.40
CA SER C 76 -4.27 20.36 13.30
C SER C 76 -4.13 21.85 13.09
N PHE C 77 -4.00 22.56 14.18
CA PHE C 77 -3.91 24.02 14.11
C PHE C 77 -2.74 24.48 13.25
N MET C 78 -1.89 23.54 12.88
CA MET C 78 -0.69 23.83 12.10
C MET C 78 -0.96 23.91 10.59
N VAL C 79 -2.11 23.39 10.17
CA VAL C 79 -2.44 23.29 8.76
C VAL C 79 -2.12 24.54 7.95
N PRO C 80 -2.63 25.70 8.38
CA PRO C 80 -2.40 26.95 7.66
C PRO C 80 -0.94 27.16 7.29
N VAL C 81 -0.04 26.71 8.15
CA VAL C 81 1.39 26.90 7.93
C VAL C 81 1.96 25.96 6.87
N PHE C 82 1.92 24.66 7.13
CA PHE C 82 2.50 23.68 6.24
C PHE C 82 1.82 23.67 4.87
N GLY C 83 0.56 24.07 4.84
CA GLY C 83 -0.25 23.94 3.64
C GLY C 83 -0.93 22.58 3.65
N GLU C 84 -2.17 22.54 3.18
CA GLU C 84 -2.92 21.29 3.22
C GLU C 84 -2.39 20.31 2.19
N GLY C 85 -2.29 19.04 2.57
CA GLY C 85 -1.69 18.02 1.71
C GLY C 85 -0.24 17.80 2.07
N VAL C 86 0.27 18.60 2.99
CA VAL C 86 1.63 18.47 3.43
C VAL C 86 1.59 18.11 4.87
N ALA C 87 2.36 17.10 5.24
CA ALA C 87 2.39 16.66 6.60
C ALA C 87 1.05 16.20 7.10
N TYR C 88 0.62 16.75 8.21
CA TYR C 88 -0.59 16.26 8.87
C TYR C 88 -1.85 16.39 8.03
N ALA C 89 -1.96 17.51 7.31
CA ALA C 89 -3.06 17.66 6.36
C ALA C 89 -3.24 16.34 5.64
N ALA C 90 -2.18 15.87 5.00
CA ALA C 90 -2.20 14.64 4.21
C ALA C 90 -2.31 13.39 5.09
N PRO C 91 -2.69 12.26 4.46
CA PRO C 91 -2.78 10.96 5.13
C PRO C 91 -1.45 10.53 5.73
N TYR C 92 -1.50 9.70 6.76
CA TYR C 92 -0.29 9.28 7.48
C TYR C 92 0.77 8.70 6.54
N PRO C 93 0.35 7.79 5.65
CA PRO C 93 1.27 7.18 4.68
C PRO C 93 2.02 8.23 3.86
N ARG C 94 1.29 9.19 3.32
CA ARG C 94 1.90 10.29 2.57
C ARG C 94 2.71 11.20 3.50
N MET C 95 2.30 11.26 4.77
CA MET C 95 3.04 12.02 5.77
C MET C 95 4.46 11.48 5.92
N ARG C 96 4.57 10.21 6.28
CA ARG C 96 5.86 9.54 6.39
C ARG C 96 6.64 9.69 5.09
N GLU C 97 5.97 9.39 3.98
CA GLU C 97 6.59 9.44 2.67
C GLU C 97 7.33 10.76 2.48
N GLN C 98 6.67 11.85 2.85
CA GLN C 98 7.28 13.17 2.79
C GLN C 98 8.38 13.31 3.84
N LEU C 99 8.09 12.88 5.06
CA LEU C 99 9.04 12.99 6.17
C LEU C 99 10.37 12.32 5.86
N ASN C 100 10.32 11.13 5.24
CA ASN C 100 11.53 10.43 4.86
C ASN C 100 12.34 11.24 3.85
N PHE C 101 11.63 11.90 2.94
CA PHE C 101 12.27 12.76 1.96
C PHE C 101 13.06 13.86 2.65
N LEU C 102 12.44 14.45 3.68
CA LEU C 102 13.10 15.49 4.46
C LEU C 102 14.31 14.88 5.17
N ALA C 103 14.11 13.76 5.82
CA ALA C 103 15.20 13.14 6.49
C ALA C 103 16.25 12.76 5.49
N GLU C 104 15.85 12.26 4.36
CA GLU C 104 16.83 11.78 3.41
C GLU C 104 17.69 12.96 3.04
N GLU C 105 17.18 14.14 3.24
CA GLU C 105 17.86 15.36 2.87
C GLU C 105 18.71 15.89 3.97
N LEU C 106 18.81 15.14 5.05
CA LEU C 106 19.69 15.49 6.16
C LEU C 106 20.66 14.40 6.55
N THR C 107 21.06 13.55 5.64
CA THR C 107 21.93 12.43 6.00
C THR C 107 23.35 12.83 6.33
N ILE C 108 24.02 11.98 7.08
CA ILE C 108 25.42 12.24 7.42
C ILE C 108 26.20 12.65 6.17
N ALA C 109 25.88 12.02 5.05
CA ALA C 109 26.57 12.30 3.79
C ALA C 109 26.31 13.73 3.31
N LYS C 110 25.39 14.42 3.96
CA LYS C 110 25.09 15.80 3.62
C LYS C 110 25.85 16.77 4.51
N PHE C 111 26.33 16.27 5.65
CA PHE C 111 27.04 17.11 6.62
C PHE C 111 28.45 17.47 6.16
N GLN C 112 28.96 16.75 5.17
CA GLN C 112 30.28 17.04 4.63
C GLN C 112 30.34 18.51 4.21
N ASN C 113 29.30 18.95 3.51
CA ASN C 113 29.21 20.32 3.02
C ASN C 113 28.82 21.29 4.13
N PHE C 114 27.93 20.84 5.01
CA PHE C 114 27.32 21.73 6.02
C PHE C 114 28.32 22.41 6.96
N VAL C 115 29.22 21.63 7.54
CA VAL C 115 30.13 22.16 8.55
C VAL C 115 30.83 23.45 8.12
N PRO C 116 31.45 23.44 6.93
CA PRO C 116 32.12 24.63 6.39
C PRO C 116 31.13 25.72 5.98
N ALA C 117 29.94 25.32 5.56
CA ALA C 117 28.88 26.29 5.24
C ALA C 117 28.40 26.96 6.52
N ILE C 118 28.20 26.15 7.56
CA ILE C 118 27.76 26.63 8.86
C ILE C 118 28.76 27.61 9.47
N GLN C 119 30.04 27.28 9.38
CA GLN C 119 31.08 28.07 10.02
C GLN C 119 31.38 29.37 9.29
N HIS C 120 31.37 29.31 7.96
CA HIS C 120 31.59 30.51 7.15
C HIS C 120 30.62 31.62 7.56
N GLU C 121 29.43 31.21 7.99
CA GLU C 121 28.42 32.16 8.44
C GLU C 121 28.65 32.60 9.88
N VAL C 122 28.81 31.64 10.78
CA VAL C 122 29.01 31.92 12.19
C VAL C 122 30.13 32.94 12.40
N ARG C 123 31.20 32.80 11.61
CA ARG C 123 32.31 33.73 11.68
C ARG C 123 31.96 35.05 11.01
N LYS C 124 31.10 35.00 10.00
CA LYS C 124 30.66 36.21 9.32
C LYS C 124 29.82 37.09 10.25
N PHE C 125 29.03 36.47 11.11
CA PHE C 125 28.17 37.22 12.02
C PHE C 125 29.00 37.87 13.13
N MET C 126 30.03 37.18 13.57
CA MET C 126 30.93 37.74 14.59
C MET C 126 31.73 38.90 14.01
N ALA C 127 32.07 38.80 12.73
CA ALA C 127 32.84 39.84 12.05
C ALA C 127 32.08 41.16 11.99
N ALA C 128 30.87 41.13 11.46
CA ALA C 128 30.08 42.34 11.31
C ALA C 128 29.43 42.80 12.61
N ASN C 129 29.33 41.88 13.55
CA ASN C 129 28.70 42.19 14.81
C ASN C 129 29.59 42.06 16.03
N TRP C 130 30.76 41.47 15.88
CA TRP C 130 31.63 41.25 17.02
C TRP C 130 33.02 41.83 16.92
N ASP C 131 33.15 42.90 16.14
CA ASP C 131 34.41 43.50 15.78
C ASP C 131 35.26 44.06 16.90
N LYS C 132 34.63 44.56 17.95
CA LYS C 132 35.36 45.24 19.01
C LYS C 132 35.71 44.34 20.19
N ASP C 133 36.91 44.54 20.73
CA ASP C 133 37.44 43.68 21.79
C ASP C 133 36.38 43.28 22.83
N GLU C 134 35.67 44.27 23.37
CA GLU C 134 34.59 44.00 24.31
C GLU C 134 33.28 44.59 23.79
N GLY C 135 32.18 43.86 23.98
CA GLY C 135 30.90 44.29 23.44
C GLY C 135 29.66 43.85 24.20
N GLU C 136 28.52 44.42 23.79
CA GLU C 136 27.23 44.17 24.42
C GLU C 136 26.27 43.57 23.40
N ILE C 137 25.54 42.53 23.80
CA ILE C 137 24.64 41.85 22.87
C ILE C 137 23.46 41.16 23.57
N ASN C 138 22.35 41.03 22.84
CA ASN C 138 21.26 40.18 23.26
C ASN C 138 21.47 38.81 22.62
N LEU C 139 21.91 37.85 23.43
CA LEU C 139 22.35 36.56 22.91
C LEU C 139 21.28 35.82 22.13
N LEU C 140 20.06 35.84 22.64
CA LEU C 140 18.93 35.18 21.98
C LEU C 140 18.75 35.75 20.57
N GLU C 141 18.61 37.07 20.48
CA GLU C 141 18.42 37.72 19.19
C GLU C 141 19.58 37.43 18.23
N ASP C 142 20.78 37.23 18.79
CA ASP C 142 21.95 36.98 17.97
C ASP C 142 22.12 35.50 17.59
N CYS C 143 21.86 34.62 18.54
CA CYS C 143 21.94 33.18 18.28
C CYS C 143 20.88 32.76 17.27
N SER C 144 19.73 33.42 17.32
CA SER C 144 18.64 33.13 16.39
C SER C 144 19.03 33.56 14.97
N THR C 145 19.61 34.75 14.87
CA THR C 145 20.06 35.26 13.57
C THR C 145 21.13 34.35 12.97
N MET C 146 22.07 33.89 13.81
CA MET C 146 23.11 32.98 13.34
C MET C 146 22.50 31.68 12.81
N ILE C 147 21.52 31.14 13.53
CA ILE C 147 20.89 29.90 13.13
C ILE C 147 20.12 30.07 11.83
N ILE C 148 19.50 31.23 11.66
CA ILE C 148 18.74 31.50 10.44
C ILE C 148 19.70 31.58 9.25
N ASN C 149 20.82 32.27 9.44
CA ASN C 149 21.85 32.35 8.42
C ASN C 149 22.43 30.96 8.11
N THR C 150 22.90 30.29 9.16
CA THR C 150 23.50 28.97 9.03
C THR C 150 22.54 27.97 8.40
N ALA C 151 21.31 27.95 8.91
CA ALA C 151 20.30 27.05 8.39
C ALA C 151 20.10 27.25 6.90
N CYS C 152 19.92 28.50 6.49
CA CYS C 152 19.70 28.83 5.09
C CYS C 152 20.90 28.45 4.23
N GLN C 153 22.09 28.76 4.71
CA GLN C 153 23.31 28.41 3.99
C GLN C 153 23.36 26.92 3.68
N CYS C 154 23.07 26.11 4.70
CA CYS C 154 23.14 24.65 4.58
C CYS C 154 22.13 24.11 3.58
N LEU C 155 20.90 24.58 3.65
CA LEU C 155 19.82 24.01 2.87
C LEU C 155 19.56 24.72 1.54
N PHE C 156 19.94 25.98 1.47
CA PHE C 156 19.66 26.83 0.35
C PHE C 156 20.84 27.20 -0.51
N GLY C 157 20.63 27.13 -1.81
CA GLY C 157 21.62 27.51 -2.79
C GLY C 157 21.73 29.00 -2.84
N GLU C 158 22.80 29.52 -3.42
CA GLU C 158 22.99 30.93 -3.42
C GLU C 158 21.89 31.67 -4.12
N ASP C 159 21.46 31.18 -5.25
CA ASP C 159 20.52 31.95 -6.03
C ASP C 159 19.33 32.18 -5.18
N LEU C 160 18.91 31.16 -4.49
CA LEU C 160 17.81 31.29 -3.61
C LEU C 160 18.18 32.19 -2.49
N ARG C 161 19.40 32.06 -2.00
CA ARG C 161 19.75 32.78 -0.81
C ARG C 161 19.62 34.23 -1.09
N LYS C 162 20.01 34.63 -2.28
CA LYS C 162 19.94 36.01 -2.68
C LYS C 162 18.52 36.51 -2.83
N ARG C 163 17.69 35.77 -3.52
CA ARG C 163 16.33 36.20 -3.74
C ARG C 163 15.64 36.27 -2.42
N LEU C 164 15.86 35.24 -1.63
CA LEU C 164 15.30 35.22 -0.31
C LEU C 164 16.46 35.24 0.62
N ASP C 165 16.60 36.32 1.33
CA ASP C 165 17.74 36.42 2.24
C ASP C 165 17.21 36.03 3.61
N ALA C 166 18.13 35.73 4.54
CA ALA C 166 17.77 35.30 5.88
C ALA C 166 16.83 36.28 6.57
N ARG C 167 17.00 37.57 6.27
CA ARG C 167 16.20 38.61 6.90
C ARG C 167 14.72 38.51 6.53
N ARG C 168 14.42 38.50 5.24
CA ARG C 168 13.03 38.42 4.80
C ARG C 168 12.42 37.04 5.06
N PHE C 169 13.26 36.01 5.07
CA PHE C 169 12.79 34.67 5.38
C PHE C 169 12.35 34.60 6.84
N ALA C 170 13.13 35.24 7.71
CA ALA C 170 12.80 35.30 9.14
C ALA C 170 11.47 36.01 9.36
N GLN C 171 11.20 37.04 8.55
CA GLN C 171 9.93 37.81 8.59
C GLN C 171 8.62 37.08 8.15
N LEU C 172 8.67 36.40 7.01
CA LEU C 172 7.62 35.49 6.57
C LEU C 172 7.32 34.43 7.63
N LEU C 173 8.37 33.80 8.15
CA LEU C 173 8.23 32.75 9.14
C LEU C 173 7.62 33.27 10.45
N ALA C 174 7.67 34.59 10.65
CA ALA C 174 7.06 35.19 11.82
C ALA C 174 5.60 35.53 11.52
N LYS C 175 5.38 36.13 10.37
CA LYS C 175 4.03 36.41 9.90
C LYS C 175 3.19 35.14 10.00
N MET C 176 3.79 34.03 9.58
CA MET C 176 3.11 32.74 9.61
C MET C 176 2.89 32.25 11.03
N GLU C 177 3.77 32.67 11.95
CA GLU C 177 3.63 32.30 13.35
C GLU C 177 2.51 33.10 14.00
N SER C 178 2.38 34.36 13.62
CA SER C 178 1.30 35.19 14.13
C SER C 178 -0.02 34.46 13.91
N SER C 179 -0.14 33.83 12.74
CA SER C 179 -1.35 33.11 12.36
C SER C 179 -1.78 32.08 13.40
N LEU C 180 -0.84 31.41 14.02
CA LEU C 180 -1.15 30.27 14.87
C LEU C 180 -1.76 30.49 16.22
N ILE C 181 -2.72 29.66 16.57
CA ILE C 181 -3.29 29.66 17.89
C ILE C 181 -3.38 28.24 18.34
N PRO C 182 -2.51 27.80 19.21
CA PRO C 182 -2.54 26.42 19.64
C PRO C 182 -3.79 26.05 20.37
N ALA C 183 -4.27 26.96 21.17
CA ALA C 183 -5.48 26.75 21.95
C ALA C 183 -6.55 26.03 21.13
N ALA C 184 -6.48 26.15 19.82
CA ALA C 184 -7.47 25.56 18.91
C ALA C 184 -7.47 24.03 18.98
N VAL C 185 -6.44 23.47 19.60
CA VAL C 185 -6.38 22.02 19.78
C VAL C 185 -7.52 21.57 20.68
N PHE C 186 -8.03 22.53 21.44
CA PHE C 186 -9.18 22.36 22.30
C PHE C 186 -10.46 23.03 21.82
N LEU C 187 -10.37 23.89 20.83
CA LEU C 187 -11.53 24.53 20.27
C LEU C 187 -11.51 24.43 18.78
N PRO C 188 -11.72 23.26 18.30
CA PRO C 188 -11.73 22.99 16.86
C PRO C 188 -12.43 24.09 16.05
N ILE C 189 -13.52 24.62 16.57
CA ILE C 189 -14.28 25.63 15.86
C ILE C 189 -13.39 26.76 15.35
N LEU C 190 -12.31 27.04 16.08
CA LEU C 190 -11.37 28.09 15.70
C LEU C 190 -10.78 27.84 14.32
N LEU C 191 -10.72 26.58 13.91
CA LEU C 191 -10.11 26.21 12.65
C LEU C 191 -10.95 26.62 11.44
N LYS C 192 -12.25 26.74 11.67
CA LYS C 192 -13.16 27.16 10.63
C LYS C 192 -13.40 28.66 10.61
N LEU C 193 -13.26 29.33 11.72
CA LEU C 193 -13.61 30.72 11.78
C LEU C 193 -12.76 31.52 10.86
N PRO C 194 -13.24 32.70 10.45
CA PRO C 194 -12.40 33.64 9.73
C PRO C 194 -11.61 34.49 10.70
N LEU C 195 -10.28 34.47 10.58
CA LEU C 195 -9.42 35.26 11.46
C LEU C 195 -8.42 36.09 10.66
N PRO C 196 -8.25 37.36 11.06
CA PRO C 196 -7.31 38.29 10.42
C PRO C 196 -5.89 37.74 10.36
N GLN C 197 -5.63 36.64 11.07
CA GLN C 197 -4.31 36.01 11.05
C GLN C 197 -4.16 35.10 9.84
N SER C 198 -5.18 34.27 9.60
CA SER C 198 -5.17 33.32 8.49
C SER C 198 -4.83 33.99 7.17
N ALA C 199 -5.50 35.10 6.88
CA ALA C 199 -5.20 35.86 5.67
C ALA C 199 -3.76 36.37 5.72
N ARG C 200 -3.31 36.71 6.92
CA ARG C 200 -1.95 37.21 7.12
C ARG C 200 -0.94 36.12 6.79
N CYS C 201 -1.21 34.91 7.30
CA CYS C 201 -0.35 33.75 7.04
C CYS C 201 -0.35 33.38 5.56
N HIS C 202 -1.54 33.31 4.98
CA HIS C 202 -1.68 32.94 3.58
C HIS C 202 -0.87 33.86 2.68
N GLU C 203 -0.91 35.15 2.98
CA GLU C 203 -0.22 36.15 2.15
C GLU C 203 1.30 36.04 2.26
N ALA C 204 1.77 35.24 3.21
CA ALA C 204 3.20 35.04 3.39
C ALA C 204 3.64 33.74 2.72
N ARG C 205 2.89 32.68 2.96
CA ARG C 205 3.18 31.38 2.36
C ARG C 205 3.21 31.50 0.84
N THR C 206 2.43 32.45 0.33
CA THR C 206 2.39 32.70 -1.11
C THR C 206 3.60 33.51 -1.58
N GLU C 207 4.02 34.46 -0.76
CA GLU C 207 5.21 35.26 -1.08
C GLU C 207 6.41 34.34 -1.33
N LEU C 208 6.53 33.30 -0.51
CA LEU C 208 7.63 32.35 -0.62
C LEU C 208 7.47 31.47 -1.85
N GLN C 209 6.30 30.86 -2.00
CA GLN C 209 6.06 29.98 -3.14
C GLN C 209 6.43 30.66 -4.46
N LYS C 210 6.16 31.94 -4.58
CA LYS C 210 6.52 32.69 -5.78
C LYS C 210 8.03 32.65 -6.01
N ILE C 211 8.79 32.96 -4.95
CA ILE C 211 10.24 32.99 -5.04
C ILE C 211 10.81 31.65 -5.48
N LEU C 212 10.33 30.57 -4.85
CA LEU C 212 10.79 29.23 -5.20
C LEU C 212 10.58 28.92 -6.68
N SER C 213 9.38 29.20 -7.19
CA SER C 213 9.06 28.93 -8.59
C SER C 213 9.95 29.76 -9.51
N GLU C 214 10.22 30.99 -9.12
CA GLU C 214 11.11 31.87 -9.88
C GLU C 214 12.55 31.37 -9.81
N ILE C 215 12.90 30.76 -8.68
CA ILE C 215 14.19 30.11 -8.55
C ILE C 215 14.26 28.90 -9.48
N ILE C 216 13.14 28.17 -9.55
CA ILE C 216 13.05 27.01 -10.42
C ILE C 216 13.08 27.38 -11.90
N ILE C 217 12.34 28.43 -12.27
CA ILE C 217 12.34 28.91 -13.65
C ILE C 217 13.77 29.29 -14.07
N ALA C 218 14.39 30.14 -13.27
CA ALA C 218 15.77 30.56 -13.51
C ALA C 218 16.66 29.35 -13.77
N ARG C 219 16.56 28.35 -12.88
CA ARG C 219 17.34 27.12 -13.00
C ARG C 219 17.02 26.38 -14.30
N LYS C 220 15.77 25.93 -14.44
CA LYS C 220 15.32 25.28 -15.67
C LYS C 220 15.81 26.09 -16.86
N GLU C 221 15.58 27.39 -16.80
CA GLU C 221 16.05 28.32 -17.83
C GLU C 221 17.56 28.26 -17.92
N GLU C 222 18.22 28.27 -16.76
CA GLU C 222 19.68 28.24 -16.69
C GLU C 222 20.24 26.88 -17.06
N GLU C 223 19.68 25.82 -16.49
CA GLU C 223 20.02 24.47 -16.90
C GLU C 223 20.06 24.43 -18.42
N VAL C 224 18.97 24.88 -19.04
CA VAL C 224 18.86 24.95 -20.48
C VAL C 224 19.47 26.26 -21.01
N SER C 229 19.19 22.74 -11.68
CA SER C 229 19.01 21.58 -10.82
C SER C 229 20.28 21.27 -10.04
N THR C 230 20.28 21.75 -8.70
CA THR C 230 21.47 21.43 -7.93
C THR C 230 21.14 20.47 -6.78
N SER C 231 22.12 20.14 -5.98
CA SER C 231 21.93 19.28 -4.83
C SER C 231 21.70 20.18 -3.62
N ASP C 232 20.45 20.58 -3.43
CA ASP C 232 20.05 21.31 -2.24
C ASP C 232 18.64 20.86 -1.83
N LEU C 233 18.20 21.30 -0.66
CA LEU C 233 16.89 20.90 -0.16
C LEU C 233 15.82 21.08 -1.24
N LEU C 234 15.84 22.22 -1.91
CA LEU C 234 14.84 22.55 -2.91
C LEU C 234 14.92 21.60 -4.10
N SER C 235 16.11 21.46 -4.67
CA SER C 235 16.32 20.56 -5.79
C SER C 235 16.13 19.11 -5.36
N GLY C 236 16.51 18.81 -4.12
CA GLY C 236 16.37 17.47 -3.59
C GLY C 236 14.91 17.11 -3.35
N LEU C 237 14.10 18.10 -2.99
CA LEU C 237 12.68 17.87 -2.76
C LEU C 237 11.92 17.82 -4.07
N LEU C 238 12.34 18.62 -5.04
CA LEU C 238 11.73 18.60 -6.36
C LEU C 238 11.96 17.25 -7.04
N SER C 239 13.16 16.70 -6.88
CA SER C 239 13.52 15.44 -7.53
C SER C 239 12.75 14.26 -6.95
N ALA C 240 12.21 14.43 -5.75
CA ALA C 240 11.49 13.35 -5.08
C ALA C 240 10.27 12.88 -5.87
N VAL C 241 9.90 11.62 -5.68
CA VAL C 241 8.74 11.04 -6.35
C VAL C 241 8.10 9.96 -5.50
N TYR C 242 6.82 10.14 -5.19
CA TYR C 242 6.09 9.23 -4.30
C TYR C 242 6.01 7.81 -4.86
N ARG C 243 5.87 6.83 -3.97
CA ARG C 243 5.66 5.45 -4.37
C ARG C 243 4.44 5.38 -5.29
N ASP C 244 3.62 6.43 -5.22
CA ASP C 244 2.45 6.59 -6.07
C ASP C 244 2.87 6.73 -7.53
N GLY C 245 4.08 7.25 -7.74
CA GLY C 245 4.57 7.54 -9.09
C GLY C 245 4.56 9.03 -9.34
N THR C 246 3.92 9.74 -8.45
CA THR C 246 3.80 11.18 -8.52
C THR C 246 4.98 11.94 -7.93
N PRO C 247 5.17 13.15 -8.41
CA PRO C 247 6.24 14.06 -7.97
C PRO C 247 5.79 14.96 -6.86
N MET C 248 6.53 16.01 -6.57
CA MET C 248 6.15 16.90 -5.50
C MET C 248 5.90 18.32 -5.98
N SER C 249 4.80 18.89 -5.51
CA SER C 249 4.34 20.21 -5.93
C SER C 249 5.22 21.31 -5.36
N LEU C 250 5.47 22.35 -6.15
CA LEU C 250 6.12 23.54 -5.65
C LEU C 250 5.43 23.84 -4.33
N HIS C 251 4.14 23.54 -4.28
CA HIS C 251 3.30 23.75 -3.12
C HIS C 251 3.75 22.90 -1.95
N GLU C 252 3.75 21.58 -2.14
CA GLU C 252 4.19 20.65 -1.11
C GLU C 252 5.62 20.95 -0.68
N VAL C 253 6.51 21.06 -1.67
CA VAL C 253 7.91 21.40 -1.39
C VAL C 253 8.00 22.63 -0.49
N CYS C 254 7.25 23.67 -0.85
CA CYS C 254 7.18 24.88 -0.06
C CYS C 254 6.75 24.54 1.37
N GLY C 255 5.54 24.03 1.50
CA GLY C 255 5.01 23.64 2.81
C GLY C 255 6.00 22.82 3.62
N MET C 256 6.70 21.91 2.96
CA MET C 256 7.70 21.08 3.62
C MET C 256 8.88 21.90 4.11
N ILE C 257 9.42 22.73 3.22
CA ILE C 257 10.51 23.63 3.58
C ILE C 257 10.09 24.50 4.77
N VAL C 258 8.86 25.00 4.71
CA VAL C 258 8.31 25.79 5.80
C VAL C 258 8.17 24.96 7.08
N ALA C 259 7.87 23.68 6.91
CA ALA C 259 7.71 22.78 8.04
C ALA C 259 9.04 22.55 8.77
N ALA C 260 10.09 22.27 8.01
CA ALA C 260 11.41 22.04 8.59
C ALA C 260 11.90 23.28 9.33
N MET C 261 11.84 24.43 8.65
CA MET C 261 12.28 25.68 9.24
C MET C 261 11.54 25.94 10.56
N PHE C 262 10.25 25.65 10.57
CA PHE C 262 9.44 25.93 11.74
C PHE C 262 9.87 25.07 12.93
N ALA C 263 10.12 23.80 12.67
CA ALA C 263 10.54 22.89 13.73
C ALA C 263 11.95 23.20 14.21
N GLY C 264 12.79 23.66 13.32
CA GLY C 264 14.14 23.93 13.72
C GLY C 264 14.61 25.31 14.01
N GLN C 265 13.95 26.32 13.52
CA GLN C 265 14.53 27.61 13.73
C GLN C 265 14.58 28.10 15.14
N HIS C 266 13.47 28.14 15.84
CA HIS C 266 13.46 28.60 17.22
C HIS C 266 14.21 27.64 18.16
N THR C 267 13.86 26.36 18.08
CA THR C 267 14.41 25.36 19.00
C THR C 267 15.92 25.27 18.96
N SER C 268 16.50 25.32 17.76
CA SER C 268 17.95 25.20 17.60
C SER C 268 18.67 26.40 18.19
N SER C 269 18.20 27.59 17.86
CA SER C 269 18.80 28.82 18.36
C SER C 269 18.60 28.97 19.87
N ILE C 270 17.49 28.42 20.37
CA ILE C 270 17.20 28.47 21.79
C ILE C 270 18.14 27.57 22.60
N THR C 271 18.44 26.39 22.07
CA THR C 271 19.38 25.48 22.72
C THR C 271 20.78 26.07 22.72
N THR C 272 21.11 26.81 21.67
CA THR C 272 22.41 27.44 21.55
C THR C 272 22.56 28.61 22.51
N THR C 273 21.43 29.19 22.90
CA THR C 273 21.42 30.29 23.86
C THR C 273 21.58 29.77 25.29
N TRP C 274 20.63 28.93 25.70
CA TRP C 274 20.72 28.26 26.99
C TRP C 274 22.12 27.74 27.21
N SER C 275 22.64 27.01 26.22
CA SER C 275 23.96 26.40 26.30
C SER C 275 25.06 27.43 26.55
N MET C 276 25.01 28.52 25.78
CA MET C 276 26.00 29.58 25.92
C MET C 276 25.86 30.28 27.27
N LEU C 277 24.62 30.39 27.74
CA LEU C 277 24.35 31.05 29.01
C LEU C 277 24.91 30.25 30.19
N HIS C 278 24.81 28.93 30.09
CA HIS C 278 25.27 28.05 31.16
C HIS C 278 26.79 28.05 31.29
N LEU C 279 27.47 28.00 30.14
CA LEU C 279 28.92 27.86 30.12
C LEU C 279 29.67 29.12 30.56
N MET C 280 29.15 30.28 30.17
CA MET C 280 29.78 31.55 30.51
C MET C 280 29.63 31.86 32.01
N HIS C 281 28.58 31.31 32.60
CA HIS C 281 28.32 31.47 34.02
C HIS C 281 29.45 30.83 34.84
N PRO C 282 29.81 31.46 35.97
CA PRO C 282 30.94 31.01 36.79
C PRO C 282 30.70 29.67 37.47
N ALA C 283 29.46 29.31 37.70
CA ALA C 283 29.22 28.05 38.36
C ALA C 283 29.72 26.91 37.51
N ASN C 284 29.88 27.18 36.23
CA ASN C 284 30.23 26.16 35.29
C ASN C 284 31.60 26.31 34.67
N VAL C 285 32.51 26.98 35.35
CA VAL C 285 33.81 27.25 34.76
C VAL C 285 34.54 25.98 34.41
N LYS C 286 34.48 25.02 35.30
CA LYS C 286 35.03 23.70 35.03
C LYS C 286 34.46 23.14 33.73
N HIS C 287 33.14 23.18 33.63
CA HIS C 287 32.46 22.74 32.41
C HIS C 287 32.93 23.56 31.23
N LEU C 288 32.95 24.88 31.40
CA LEU C 288 33.40 25.79 30.35
C LEU C 288 34.85 25.49 29.95
N GLU C 289 35.54 24.70 30.76
CA GLU C 289 36.96 24.41 30.50
C GLU C 289 37.16 23.09 29.77
N ALA C 290 36.37 22.08 30.12
CA ALA C 290 36.44 20.80 29.44
C ALA C 290 36.03 20.96 27.98
N LEU C 291 35.22 21.98 27.72
CA LEU C 291 34.85 22.34 26.36
C LEU C 291 36.03 23.03 25.68
N ARG C 292 36.78 23.80 26.45
CA ARG C 292 37.95 24.49 25.93
C ARG C 292 39.07 23.52 25.55
N LYS C 293 39.24 22.47 26.36
CA LYS C 293 40.25 21.46 26.07
C LYS C 293 39.78 20.49 24.99
N GLU C 294 38.49 20.22 24.97
CA GLU C 294 37.90 19.37 23.95
C GLU C 294 38.05 20.00 22.56
N ILE C 295 38.08 21.32 22.53
CA ILE C 295 38.23 22.05 21.27
C ILE C 295 39.62 22.68 21.14
N GLU C 296 40.44 22.52 22.18
CA GLU C 296 41.78 23.11 22.22
C GLU C 296 42.62 22.74 21.00
N GLU C 297 42.51 21.49 20.57
CA GLU C 297 43.37 20.96 19.51
C GLU C 297 42.77 21.06 18.11
N PHE C 298 41.70 21.84 17.97
CA PHE C 298 41.04 21.97 16.67
C PHE C 298 41.69 23.02 15.78
N PRO C 299 41.67 22.78 14.46
CA PRO C 299 42.18 23.72 13.46
C PRO C 299 41.28 24.94 13.34
N ALA C 300 41.76 25.96 12.62
CA ALA C 300 40.98 27.18 12.43
C ALA C 300 39.63 26.88 11.80
N GLN C 301 39.63 26.00 10.81
CA GLN C 301 38.39 25.62 10.14
C GLN C 301 38.04 24.16 10.46
N LEU C 302 36.88 23.97 11.08
CA LEU C 302 36.48 22.65 11.57
C LEU C 302 36.01 21.73 10.47
N ASN C 303 36.57 20.53 10.43
CA ASN C 303 36.14 19.52 9.46
C ASN C 303 35.00 18.67 10.03
N TYR C 304 34.31 17.97 9.13
CA TYR C 304 33.19 17.11 9.52
C TYR C 304 33.49 16.31 10.78
N ASN C 305 34.63 15.64 10.80
CA ASN C 305 35.01 14.79 11.93
C ASN C 305 35.23 15.59 13.22
N ASN C 306 35.79 16.79 13.08
CA ASN C 306 35.97 17.66 14.22
C ASN C 306 34.71 17.76 15.06
N VAL C 307 33.62 18.19 14.43
CA VAL C 307 32.37 18.44 15.13
C VAL C 307 31.56 17.17 15.34
N MET C 308 31.67 16.25 14.39
CA MET C 308 30.84 15.05 14.41
C MET C 308 31.38 13.98 15.36
N ASP C 309 32.69 13.81 15.37
CA ASP C 309 33.30 12.70 16.11
C ASP C 309 34.12 13.14 17.32
N GLU C 310 34.48 14.40 17.34
CA GLU C 310 35.34 14.90 18.38
C GLU C 310 34.74 15.91 19.35
N MET C 311 33.43 16.00 19.47
CA MET C 311 32.85 16.89 20.46
C MET C 311 31.74 16.28 21.26
N PRO C 312 32.04 15.23 22.00
CA PRO C 312 31.07 14.49 22.82
C PRO C 312 30.61 15.25 24.06
N PHE C 313 31.37 16.27 24.45
CA PHE C 313 31.01 17.06 25.63
C PHE C 313 30.17 18.27 25.24
N ALA C 314 30.51 18.89 24.12
CA ALA C 314 29.74 20.01 23.59
C ALA C 314 28.33 19.54 23.25
N GLU C 315 28.16 18.24 23.11
CA GLU C 315 26.86 17.64 22.84
C GLU C 315 26.16 17.37 24.16
N ARG C 316 26.91 16.90 25.15
CA ARG C 316 26.39 16.71 26.50
C ARG C 316 25.88 18.04 27.04
N CYS C 317 26.55 19.12 26.66
CA CYS C 317 26.13 20.47 27.04
C CYS C 317 24.78 20.79 26.40
N ALA C 318 24.67 20.54 25.10
CA ALA C 318 23.47 20.84 24.34
C ALA C 318 22.27 20.04 24.86
N ARG C 319 22.41 18.72 24.86
CA ARG C 319 21.32 17.86 25.29
C ARG C 319 20.86 18.17 26.71
N GLU C 320 21.79 18.62 27.55
CA GLU C 320 21.46 18.97 28.93
C GLU C 320 20.68 20.27 29.02
N SER C 321 21.03 21.24 28.18
CA SER C 321 20.28 22.49 28.10
C SER C 321 18.83 22.18 27.75
N ILE C 322 18.65 21.32 26.76
CA ILE C 322 17.32 20.90 26.34
C ILE C 322 16.61 20.14 27.47
N ARG C 323 17.38 19.42 28.27
CA ARG C 323 16.82 18.64 29.35
C ARG C 323 16.41 19.54 30.52
N ARG C 324 17.24 20.52 30.84
CA ARG C 324 16.92 21.50 31.89
C ARG C 324 15.64 22.24 31.56
N ASP C 325 15.61 22.86 30.39
CA ASP C 325 14.43 23.62 29.95
C ASP C 325 14.16 23.37 28.47
N PRO C 326 13.47 22.26 28.16
CA PRO C 326 13.19 21.82 26.79
C PRO C 326 12.30 22.81 26.05
N PRO C 327 12.71 23.20 24.83
CA PRO C 327 11.96 24.16 24.02
C PRO C 327 10.49 23.81 23.87
N LEU C 328 10.20 22.52 23.74
CA LEU C 328 8.81 22.06 23.65
C LEU C 328 8.36 21.40 24.95
N LEU C 329 7.49 22.08 25.69
CA LEU C 329 7.05 21.64 27.01
C LEU C 329 6.14 20.41 26.96
N MET C 330 5.34 20.30 25.90
CA MET C 330 4.28 19.29 25.86
C MET C 330 4.11 18.65 24.49
N LEU C 331 4.11 17.32 24.46
CA LEU C 331 3.78 16.57 23.25
C LEU C 331 2.42 15.91 23.46
N MET C 332 1.64 15.81 22.39
CA MET C 332 0.26 15.33 22.49
C MET C 332 -0.13 14.36 21.39
N ARG C 333 -1.17 13.58 21.66
CA ARG C 333 -1.73 12.66 20.69
C ARG C 333 -3.23 12.51 20.93
N LYS C 334 -3.94 12.07 19.90
CA LYS C 334 -5.37 11.82 20.00
C LYS C 334 -5.60 10.32 20.17
N VAL C 335 -6.03 9.92 21.36
CA VAL C 335 -6.35 8.52 21.63
C VAL C 335 -7.55 8.10 20.79
N MET C 336 -7.36 7.11 19.92
CA MET C 336 -8.43 6.70 19.01
C MET C 336 -8.86 5.26 19.28
N ALA C 337 -8.01 4.53 19.97
CA ALA C 337 -8.36 3.22 20.45
C ALA C 337 -8.06 3.33 21.92
N ASP C 338 -8.85 2.70 22.77
CA ASP C 338 -8.60 2.81 24.19
C ASP C 338 -7.21 2.26 24.40
N VAL C 339 -6.40 2.96 25.19
CA VAL C 339 -5.03 2.53 25.36
C VAL C 339 -4.77 2.42 26.81
N LYS C 340 -3.84 1.55 27.14
CA LYS C 340 -3.59 1.25 28.55
C LYS C 340 -2.26 1.81 28.99
N VAL C 341 -2.29 2.79 29.88
CA VAL C 341 -1.07 3.38 30.43
C VAL C 341 -0.98 3.12 31.93
N GLY C 342 0.15 2.58 32.36
CA GLY C 342 0.32 2.24 33.77
C GLY C 342 -0.71 1.23 34.22
N SER C 343 -1.45 1.58 35.26
CA SER C 343 -2.50 0.70 35.79
C SER C 343 -3.89 1.27 35.47
N TYR C 344 -3.95 2.15 34.47
CA TYR C 344 -5.21 2.78 34.06
C TYR C 344 -5.39 2.68 32.56
N VAL C 345 -6.61 2.89 32.09
CA VAL C 345 -6.89 2.81 30.65
C VAL C 345 -7.39 4.14 30.09
N VAL C 346 -6.56 4.76 29.25
CA VAL C 346 -6.91 6.03 28.62
C VAL C 346 -7.92 5.82 27.50
N PRO C 347 -9.08 6.50 27.60
CA PRO C 347 -10.23 6.30 26.72
C PRO C 347 -10.12 6.96 25.35
N LYS C 348 -10.62 6.27 24.34
CA LYS C 348 -10.73 6.82 23.00
C LYS C 348 -11.32 8.22 23.05
N GLY C 349 -10.85 9.10 22.16
CA GLY C 349 -11.35 10.47 22.11
C GLY C 349 -10.60 11.38 23.08
N ASP C 350 -9.98 10.77 24.08
CA ASP C 350 -9.15 11.52 25.02
C ASP C 350 -7.94 12.12 24.31
N ILE C 351 -7.46 13.24 24.84
CA ILE C 351 -6.20 13.79 24.38
C ILE C 351 -5.12 13.30 25.34
N ILE C 352 -4.24 12.44 24.83
CA ILE C 352 -3.15 11.92 25.64
C ILE C 352 -1.88 12.73 25.39
N ALA C 353 -1.15 13.03 26.46
CA ALA C 353 0.03 13.89 26.36
C ALA C 353 1.20 13.34 27.17
N CYS C 354 2.39 13.80 26.82
CA CYS C 354 3.62 13.42 27.51
C CYS C 354 4.55 14.63 27.48
N SER C 355 4.98 15.07 28.66
CA SER C 355 5.65 16.37 28.79
C SER C 355 7.16 16.32 29.02
N PRO C 356 7.94 16.77 28.03
CA PRO C 356 9.38 16.92 28.20
C PRO C 356 9.70 17.84 29.37
N LEU C 357 8.74 18.66 29.77
CA LEU C 357 8.92 19.57 30.89
C LEU C 357 8.76 18.82 32.22
N LEU C 358 7.64 18.13 32.36
CA LEU C 358 7.32 17.39 33.59
C LEU C 358 8.37 16.33 33.90
N SER C 359 8.62 15.44 32.95
CA SER C 359 9.54 14.32 33.15
C SER C 359 10.96 14.77 33.46
N HIS C 360 11.39 15.84 32.83
CA HIS C 360 12.75 16.29 32.96
C HIS C 360 12.98 16.69 34.36
N HIS C 361 11.90 16.82 35.10
CA HIS C 361 12.01 17.17 36.49
C HIS C 361 11.53 16.11 37.46
N ASP C 362 11.02 15.00 36.99
CA ASP C 362 10.61 13.99 37.94
C ASP C 362 11.88 13.63 38.64
N GLU C 363 11.83 13.54 39.96
CA GLU C 363 13.05 13.54 40.77
C GLU C 363 13.77 12.20 40.93
N GLU C 364 13.20 11.13 40.41
CA GLU C 364 13.91 9.86 40.37
C GLU C 364 14.75 9.79 39.11
N ALA C 365 14.17 10.24 38.01
CA ALA C 365 14.83 10.22 36.70
C ALA C 365 15.95 11.23 36.63
N PHE C 366 15.71 12.43 37.17
CA PHE C 366 16.72 13.48 37.18
C PHE C 366 16.84 14.13 38.56
N PRO C 367 17.73 13.59 39.40
CA PRO C 367 18.06 14.21 40.68
C PRO C 367 18.45 15.67 40.50
N GLU C 368 18.04 16.55 41.40
CA GLU C 368 18.37 17.97 41.24
C GLU C 368 17.99 18.47 39.88
N PRO C 369 16.72 18.37 39.56
CA PRO C 369 16.28 18.60 38.21
C PRO C 369 16.65 19.97 37.71
N ARG C 370 16.53 20.98 38.53
CA ARG C 370 16.81 22.35 38.12
C ARG C 370 18.30 22.70 38.03
N ARG C 371 19.17 21.74 38.34
CA ARG C 371 20.60 21.97 38.23
C ARG C 371 21.16 21.48 36.89
N TRP C 372 21.81 22.39 36.17
CA TRP C 372 22.38 22.09 34.87
C TRP C 372 23.75 21.42 35.02
N ASP C 373 23.82 20.14 34.70
CA ASP C 373 25.05 19.36 34.86
C ASP C 373 25.27 18.41 33.69
N PRO C 374 26.12 18.81 32.74
CA PRO C 374 26.40 18.07 31.51
C PRO C 374 26.90 16.64 31.73
N GLU C 375 27.37 16.34 32.94
CA GLU C 375 27.98 15.04 33.20
C GLU C 375 26.99 13.95 33.60
N ARG C 376 25.71 14.30 33.70
CA ARG C 376 24.71 13.36 34.21
C ARG C 376 24.03 12.52 33.13
N ASP C 377 23.36 11.46 33.57
CA ASP C 377 22.57 10.60 32.69
C ASP C 377 21.23 10.31 33.36
N GLU C 378 20.19 10.15 32.56
CA GLU C 378 18.88 9.83 33.12
C GLU C 378 18.94 8.49 33.85
N LYS C 379 18.45 8.46 35.08
CA LYS C 379 18.49 7.24 35.89
C LYS C 379 17.33 6.30 35.55
N VAL C 380 16.44 6.78 34.68
CA VAL C 380 15.37 5.95 34.14
C VAL C 380 15.50 5.87 32.63
N GLU C 381 15.64 4.66 32.11
CA GLU C 381 15.88 4.46 30.69
C GLU C 381 14.94 5.29 29.82
N GLY C 382 15.52 6.18 29.03
CA GLY C 382 14.77 7.00 28.08
C GLY C 382 13.80 7.96 28.74
N ALA C 383 14.15 8.46 29.92
CA ALA C 383 13.32 9.43 30.61
C ALA C 383 13.43 10.78 29.92
N PHE C 384 14.54 11.01 29.26
CA PHE C 384 14.73 12.26 28.56
C PHE C 384 14.12 12.21 27.21
N ILE C 385 13.30 13.20 26.90
CA ILE C 385 12.58 13.22 25.65
C ILE C 385 12.62 14.50 24.86
N GLY C 386 13.63 15.29 25.08
CA GLY C 386 13.77 16.60 24.45
C GLY C 386 13.62 16.58 22.94
N PHE C 387 13.86 15.41 22.34
CA PHE C 387 13.70 15.22 20.90
C PHE C 387 12.54 14.29 20.59
N GLY C 388 11.87 13.83 21.64
CA GLY C 388 10.77 12.89 21.48
C GLY C 388 11.31 11.49 21.28
N ALA C 389 10.39 10.55 21.01
CA ALA C 389 10.77 9.16 20.84
C ALA C 389 9.80 8.41 19.94
N GLY C 390 10.07 7.12 19.75
CA GLY C 390 9.16 6.26 19.00
C GLY C 390 8.89 6.70 17.58
N VAL C 391 7.63 6.59 17.18
CA VAL C 391 7.21 6.87 15.80
C VAL C 391 7.63 8.24 15.29
N HIS C 392 7.33 9.28 16.06
CA HIS C 392 7.55 10.64 15.59
C HIS C 392 8.77 11.32 16.22
N LYS C 393 9.83 10.58 16.47
CA LYS C 393 11.00 11.16 17.08
C LYS C 393 11.57 12.14 16.14
N CYS C 394 12.26 13.14 16.67
CA CYS C 394 12.73 14.23 15.85
C CYS C 394 13.66 13.69 14.83
N ILE C 395 13.46 14.07 13.59
CA ILE C 395 14.31 13.59 12.52
C ILE C 395 15.35 14.59 12.14
N GLY C 396 15.22 15.76 12.69
CA GLY C 396 16.18 16.82 12.40
C GLY C 396 17.13 17.14 13.55
N GLN C 397 17.19 16.24 14.53
CA GLN C 397 18.02 16.49 15.71
C GLN C 397 19.53 16.49 15.39
N LYS C 398 19.98 15.53 14.59
CA LYS C 398 21.40 15.46 14.24
C LYS C 398 21.88 16.71 13.51
N PHE C 399 20.95 17.45 12.92
CA PHE C 399 21.28 18.68 12.20
C PHE C 399 21.32 19.86 13.15
N GLY C 400 20.28 20.01 13.96
CA GLY C 400 20.24 21.05 14.97
C GLY C 400 21.45 21.00 15.88
N LEU C 401 21.81 19.79 16.32
CA LEU C 401 22.98 19.62 17.17
C LEU C 401 24.26 19.99 16.41
N LEU C 402 24.41 19.44 15.20
CA LEU C 402 25.57 19.77 14.38
C LEU C 402 25.75 21.27 14.30
N GLN C 403 24.64 22.01 14.32
CA GLN C 403 24.69 23.46 14.29
C GLN C 403 25.11 24.00 15.65
N VAL C 404 24.33 23.65 16.69
CA VAL C 404 24.59 24.12 18.04
C VAL C 404 26.06 24.00 18.39
N LYS C 405 26.60 22.79 18.29
CA LYS C 405 28.00 22.55 18.62
C LYS C 405 28.93 23.42 17.78
N THR C 406 28.78 23.36 16.45
CA THR C 406 29.60 24.14 15.54
C THR C 406 29.67 25.61 15.98
N ILE C 407 28.56 26.13 16.46
CA ILE C 407 28.49 27.51 16.92
C ILE C 407 29.24 27.70 18.22
N LEU C 408 29.17 26.70 19.09
CA LEU C 408 29.88 26.74 20.37
C LEU C 408 31.38 26.63 20.16
N ALA C 409 31.79 25.83 19.19
CA ALA C 409 33.20 25.59 18.91
C ALA C 409 33.85 26.81 18.27
N THR C 410 33.04 27.61 17.58
CA THR C 410 33.53 28.78 16.88
C THR C 410 33.44 30.04 17.75
N ALA C 411 32.41 30.10 18.58
CA ALA C 411 32.22 31.24 19.46
C ALA C 411 33.18 31.21 20.65
N PHE C 412 33.16 30.11 21.40
CA PHE C 412 33.97 29.99 22.60
C PHE C 412 35.47 29.83 22.31
N ARG C 413 35.83 29.76 21.04
CA ARG C 413 37.23 29.63 20.67
C ARG C 413 37.87 31.01 20.51
N SER C 414 37.03 32.05 20.56
CA SER C 414 37.50 33.40 20.33
C SER C 414 36.88 34.42 21.28
N TYR C 415 35.90 33.99 22.07
CA TYR C 415 35.20 34.90 22.97
C TYR C 415 34.94 34.29 24.35
N ASP C 416 35.06 35.12 25.38
CA ASP C 416 34.55 34.77 26.70
C ASP C 416 33.24 35.53 26.88
N PHE C 417 32.47 35.16 27.90
CA PHE C 417 31.18 35.80 28.11
C PHE C 417 30.87 35.96 29.59
N GLN C 418 30.65 37.20 30.03
CA GLN C 418 30.16 37.46 31.37
C GLN C 418 28.68 37.80 31.33
N LEU C 419 27.89 37.08 32.07
CA LEU C 419 26.48 37.33 32.11
C LEU C 419 26.23 38.62 32.86
N LEU C 420 25.40 39.48 32.33
CA LEU C 420 25.07 40.65 33.07
C LEU C 420 23.95 40.22 33.94
N ARG C 421 24.21 39.32 34.87
CA ARG C 421 23.15 38.92 35.79
C ARG C 421 23.67 38.06 36.92
N ASP C 422 22.90 37.98 38.00
CA ASP C 422 23.31 37.14 39.13
C ASP C 422 23.14 35.67 38.76
N GLU C 423 21.91 35.27 38.46
CA GLU C 423 21.58 33.89 38.14
C GLU C 423 21.21 33.75 36.67
N VAL C 424 20.93 32.52 36.26
CA VAL C 424 20.52 32.25 34.88
C VAL C 424 19.11 32.75 34.64
N PRO C 425 18.81 33.18 33.40
CA PRO C 425 17.50 33.69 33.03
C PRO C 425 16.37 32.72 33.37
N ASP C 426 15.15 33.24 33.46
CA ASP C 426 13.98 32.42 33.76
C ASP C 426 13.34 31.87 32.49
N PRO C 427 12.87 30.62 32.55
CA PRO C 427 12.09 30.08 31.44
C PRO C 427 10.79 30.85 31.27
N ASP C 428 10.66 31.53 30.12
CA ASP C 428 9.44 32.26 29.80
C ASP C 428 8.45 31.34 29.12
N TYR C 429 7.35 31.03 29.83
CA TYR C 429 6.40 30.03 29.35
C TYR C 429 5.22 30.62 28.57
N HIS C 430 5.41 31.79 27.96
CA HIS C 430 4.30 32.43 27.24
C HIS C 430 4.42 32.32 25.73
N THR C 431 5.52 31.73 25.25
CA THR C 431 5.73 31.58 23.82
C THR C 431 5.51 30.15 23.35
N MET C 432 4.95 29.99 22.15
CA MET C 432 4.69 28.67 21.59
C MET C 432 5.88 27.74 21.69
N VAL C 433 7.07 28.27 21.39
CA VAL C 433 8.30 27.55 21.61
C VAL C 433 9.06 28.20 22.77
N VAL C 434 9.16 27.46 23.87
CA VAL C 434 9.68 28.00 25.13
C VAL C 434 11.20 28.11 25.16
N GLY C 435 11.69 29.27 25.55
CA GLY C 435 13.12 29.51 25.71
C GLY C 435 13.41 30.45 26.87
N PRO C 436 14.67 30.90 26.98
CA PRO C 436 15.05 31.83 28.04
C PRO C 436 14.55 33.24 27.76
N THR C 437 13.96 33.89 28.77
CA THR C 437 13.42 35.24 28.62
C THR C 437 14.34 36.12 27.78
N ALA C 438 13.78 36.78 26.78
CA ALA C 438 14.55 37.60 25.85
C ALA C 438 15.37 38.69 26.54
N SER C 439 14.73 39.42 27.46
CA SER C 439 15.38 40.55 28.11
C SER C 439 16.54 40.15 29.02
N GLN C 440 16.42 39.01 29.64
CA GLN C 440 17.36 38.60 30.62
C GLN C 440 18.57 38.08 29.94
N CYS C 441 18.59 38.20 28.62
CA CYS C 441 19.64 37.59 27.82
C CYS C 441 20.81 38.45 27.35
N ARG C 442 20.93 39.66 27.87
CA ARG C 442 21.99 40.58 27.49
C ARG C 442 23.34 40.01 27.94
N VAL C 443 24.29 39.94 27.01
CA VAL C 443 25.60 39.32 27.31
C VAL C 443 26.78 40.16 26.83
N LYS C 444 27.88 40.08 27.57
CA LYS C 444 29.09 40.83 27.25
C LYS C 444 30.09 39.96 26.50
N TYR C 445 30.33 40.29 25.23
CA TYR C 445 31.27 39.54 24.42
C TYR C 445 32.69 40.09 24.54
N ILE C 446 33.67 39.20 24.65
CA ILE C 446 35.03 39.60 24.88
C ILE C 446 36.03 38.82 24.08
N ARG C 447 36.75 39.49 23.22
CA ARG C 447 37.70 38.81 22.36
C ARG C 447 38.81 38.23 23.19
N ARG C 448 39.57 37.33 22.59
CA ARG C 448 40.64 36.68 23.31
C ARG C 448 41.98 36.78 22.54
N GLY D 1 -27.64 -39.56 -3.05
CA GLY D 1 -26.85 -40.01 -1.86
C GLY D 1 -26.79 -38.95 -0.76
N LYS D 2 -25.58 -38.51 -0.43
CA LYS D 2 -25.40 -37.49 0.58
C LYS D 2 -24.67 -36.26 0.03
N LEU D 3 -25.35 -35.12 0.04
CA LEU D 3 -24.79 -33.87 -0.44
C LEU D 3 -23.73 -33.34 0.52
N PRO D 4 -22.63 -32.80 -0.03
CA PRO D 4 -21.61 -32.17 0.79
C PRO D 4 -22.17 -30.97 1.52
N PRO D 5 -21.45 -30.47 2.54
CA PRO D 5 -21.92 -29.36 3.36
C PRO D 5 -22.15 -28.09 2.56
N VAL D 6 -23.33 -27.49 2.72
CA VAL D 6 -23.60 -26.17 2.15
C VAL D 6 -23.04 -25.12 3.08
N TYR D 7 -22.74 -23.93 2.54
CA TYR D 7 -22.15 -22.87 3.33
C TYR D 7 -23.14 -21.73 3.56
N PRO D 8 -23.25 -21.27 4.82
CA PRO D 8 -24.23 -20.28 5.26
C PRO D 8 -24.48 -19.17 4.24
N VAL D 9 -25.74 -19.04 3.84
CA VAL D 9 -26.15 -17.97 2.92
C VAL D 9 -26.57 -16.73 3.68
N THR D 10 -25.93 -15.61 3.39
CA THR D 10 -26.22 -14.36 4.11
C THR D 10 -27.25 -13.52 3.36
N VAL D 11 -27.11 -13.38 2.05
CA VAL D 11 -28.15 -12.76 1.23
C VAL D 11 -28.63 -13.78 0.23
N PRO D 12 -29.89 -14.12 0.35
CA PRO D 12 -30.47 -15.30 -0.29
C PRO D 12 -30.53 -15.43 -1.80
N ILE D 13 -30.97 -14.43 -2.53
CA ILE D 13 -30.95 -14.58 -3.98
C ILE D 13 -29.60 -14.24 -4.61
N LEU D 14 -28.80 -13.45 -3.91
CA LEU D 14 -27.48 -13.09 -4.41
C LEU D 14 -26.46 -14.18 -4.13
N GLY D 15 -26.54 -14.77 -2.94
CA GLY D 15 -25.60 -15.82 -2.54
C GLY D 15 -24.27 -15.23 -2.13
N HIS D 16 -23.20 -15.99 -2.37
CA HIS D 16 -21.86 -15.59 -1.95
C HIS D 16 -21.09 -14.93 -3.10
N ILE D 17 -21.79 -14.61 -4.17
CA ILE D 17 -21.15 -14.07 -5.37
C ILE D 17 -20.37 -12.78 -5.09
N ILE D 18 -20.94 -11.91 -4.26
CA ILE D 18 -20.28 -10.65 -3.93
C ILE D 18 -19.02 -10.88 -3.10
N GLN D 19 -19.12 -11.73 -2.09
CA GLN D 19 -17.97 -12.07 -1.27
C GLN D 19 -16.86 -12.70 -2.10
N PHE D 20 -17.23 -13.66 -2.94
CA PHE D 20 -16.26 -14.33 -3.78
C PHE D 20 -15.63 -13.35 -4.77
N GLY D 21 -16.41 -12.34 -5.19
CA GLY D 21 -15.93 -11.35 -6.13
C GLY D 21 -14.85 -10.45 -5.56
N LYS D 22 -14.88 -10.26 -4.25
CA LYS D 22 -13.92 -9.39 -3.57
C LYS D 22 -12.62 -10.11 -3.23
N SER D 23 -12.74 -11.17 -2.43
CA SER D 23 -11.57 -11.93 -1.98
C SER D 23 -11.81 -13.42 -2.18
N PRO D 24 -11.79 -13.87 -3.43
CA PRO D 24 -12.10 -15.27 -3.79
C PRO D 24 -11.37 -16.26 -2.90
N LEU D 25 -10.07 -16.04 -2.73
CA LEU D 25 -9.25 -16.93 -1.92
C LEU D 25 -9.76 -16.96 -0.48
N GLY D 26 -9.82 -15.80 0.15
CA GLY D 26 -10.32 -15.68 1.52
C GLY D 26 -11.66 -16.37 1.68
N PHE D 27 -12.63 -15.95 0.88
CA PHE D 27 -13.96 -16.55 0.93
C PHE D 27 -13.88 -18.07 0.84
N MET D 28 -13.28 -18.57 -0.23
CA MET D 28 -13.15 -20.01 -0.41
C MET D 28 -12.32 -20.63 0.71
N GLN D 29 -11.22 -19.97 1.05
CA GLN D 29 -10.31 -20.47 2.08
C GLN D 29 -10.99 -20.46 3.44
N GLU D 30 -11.99 -19.61 3.60
CA GLU D 30 -12.75 -19.51 4.83
C GLU D 30 -13.75 -20.66 4.91
N CYS D 31 -14.31 -21.01 3.77
CA CYS D 31 -15.33 -22.04 3.70
C CYS D 31 -14.79 -23.44 3.94
N LYS D 32 -13.47 -23.60 3.81
CA LYS D 32 -12.84 -24.90 4.02
C LYS D 32 -12.52 -25.11 5.49
N ARG D 33 -12.28 -24.02 6.21
CA ARG D 33 -12.08 -24.08 7.65
C ARG D 33 -13.40 -24.45 8.33
N GLN D 34 -14.38 -23.57 8.15
CA GLN D 34 -15.69 -23.72 8.79
C GLN D 34 -16.34 -25.09 8.62
N LEU D 35 -16.32 -25.62 7.39
CA LEU D 35 -17.11 -26.81 7.08
C LEU D 35 -16.37 -28.13 7.29
N LYS D 36 -15.15 -28.06 7.82
CA LYS D 36 -14.39 -29.26 8.14
C LYS D 36 -14.35 -30.21 6.94
N SER D 37 -14.31 -29.63 5.75
CA SER D 37 -14.33 -30.42 4.51
C SER D 37 -13.77 -29.62 3.34
N GLY D 38 -12.92 -30.26 2.55
CA GLY D 38 -12.35 -29.62 1.37
C GLY D 38 -13.29 -29.68 0.18
N ILE D 39 -14.24 -30.61 0.24
CA ILE D 39 -15.26 -30.75 -0.80
C ILE D 39 -16.61 -30.28 -0.26
N PHE D 40 -16.97 -29.05 -0.60
CA PHE D 40 -18.21 -28.46 -0.10
C PHE D 40 -18.98 -27.74 -1.20
N THR D 41 -20.05 -27.04 -0.82
CA THR D 41 -20.92 -26.36 -1.77
C THR D 41 -21.22 -24.93 -1.35
N ILE D 42 -20.97 -23.98 -2.25
CA ILE D 42 -21.36 -22.59 -2.01
C ILE D 42 -22.58 -22.21 -2.86
N ASN D 43 -23.07 -20.99 -2.67
CA ASN D 43 -24.33 -20.57 -3.28
C ASN D 43 -24.21 -19.25 -4.04
N ILE D 44 -23.95 -19.34 -5.34
CA ILE D 44 -23.84 -18.15 -6.19
C ILE D 44 -25.16 -17.85 -6.89
N VAL D 45 -25.73 -16.69 -6.59
CA VAL D 45 -27.01 -16.31 -7.16
C VAL D 45 -28.03 -17.44 -6.97
N GLY D 46 -28.00 -18.05 -5.81
CA GLY D 46 -28.93 -19.13 -5.49
C GLY D 46 -28.65 -20.43 -6.22
N LYS D 47 -27.51 -20.49 -6.92
CA LYS D 47 -27.13 -21.69 -7.63
C LYS D 47 -26.15 -22.51 -6.81
N ARG D 48 -26.48 -23.78 -6.57
CA ARG D 48 -25.58 -24.67 -5.86
C ARG D 48 -24.33 -24.94 -6.68
N VAL D 49 -23.19 -24.48 -6.18
CA VAL D 49 -21.90 -24.77 -6.82
C VAL D 49 -21.04 -25.58 -5.86
N THR D 50 -20.69 -26.80 -6.26
CA THR D 50 -19.88 -27.67 -5.43
C THR D 50 -18.40 -27.60 -5.80
N ILE D 51 -17.61 -27.03 -4.89
CA ILE D 51 -16.18 -26.86 -5.12
C ILE D 51 -15.36 -28.07 -4.64
N VAL D 52 -14.70 -28.73 -5.57
CA VAL D 52 -13.82 -29.84 -5.23
C VAL D 52 -12.48 -29.30 -4.74
N GLY D 53 -12.49 -28.78 -3.51
CA GLY D 53 -11.32 -28.08 -2.97
C GLY D 53 -10.37 -28.93 -2.15
N ASP D 54 -10.19 -30.18 -2.56
CA ASP D 54 -9.27 -31.08 -1.89
C ASP D 54 -8.35 -31.74 -2.90
N PRO D 55 -7.06 -31.37 -2.87
CA PRO D 55 -6.06 -31.87 -3.80
C PRO D 55 -6.15 -33.38 -4.01
N HIS D 56 -6.50 -34.12 -2.95
CA HIS D 56 -6.55 -35.58 -3.03
C HIS D 56 -7.70 -36.08 -3.90
N GLU D 57 -8.58 -35.19 -4.31
CA GLU D 57 -9.78 -35.58 -5.04
C GLU D 57 -9.92 -34.94 -6.42
N HIS D 58 -8.87 -34.24 -6.86
CA HIS D 58 -8.89 -33.55 -8.15
C HIS D 58 -9.30 -34.45 -9.32
N SER D 59 -8.92 -35.72 -9.26
CA SER D 59 -9.19 -36.64 -10.36
C SER D 59 -10.68 -36.86 -10.58
N ARG D 60 -11.46 -36.73 -9.51
CA ARG D 60 -12.90 -36.93 -9.60
C ARG D 60 -13.57 -35.80 -10.38
N PHE D 61 -12.86 -34.69 -10.54
CA PHE D 61 -13.38 -33.55 -11.28
C PHE D 61 -12.95 -33.57 -12.75
N PHE D 62 -11.71 -33.98 -13.00
CA PHE D 62 -11.12 -33.90 -14.33
C PHE D 62 -11.28 -35.17 -15.17
N LEU D 63 -11.60 -36.29 -14.53
CA LEU D 63 -11.57 -37.58 -15.20
C LEU D 63 -12.86 -37.94 -15.94
N PRO D 64 -14.02 -37.65 -15.35
CA PRO D 64 -15.29 -38.00 -15.99
C PRO D 64 -15.40 -37.40 -17.39
N ARG D 65 -15.94 -38.16 -18.34
CA ARG D 65 -16.11 -37.67 -19.70
C ARG D 65 -17.38 -36.82 -19.82
N ASN D 66 -17.45 -36.03 -20.88
CA ASN D 66 -18.47 -35.00 -21.06
C ASN D 66 -19.90 -35.41 -20.73
N GLU D 67 -20.18 -36.71 -20.79
CA GLU D 67 -21.53 -37.21 -20.51
C GLU D 67 -21.88 -37.15 -19.03
N VAL D 68 -20.86 -37.15 -18.18
CA VAL D 68 -21.06 -37.06 -16.74
C VAL D 68 -20.86 -35.63 -16.26
N LEU D 69 -19.75 -35.02 -16.65
CA LEU D 69 -19.45 -33.64 -16.28
C LEU D 69 -19.25 -32.77 -17.51
N SER D 70 -20.25 -31.93 -17.80
CA SER D 70 -20.27 -31.16 -19.04
C SER D 70 -19.93 -29.69 -18.82
N PRO D 71 -19.08 -29.13 -19.71
CA PRO D 71 -18.68 -27.75 -19.67
C PRO D 71 -19.51 -26.84 -20.57
N ARG D 72 -20.12 -27.42 -21.61
CA ARG D 72 -20.91 -26.62 -22.54
C ARG D 72 -21.90 -25.71 -21.80
N GLU D 73 -22.73 -26.31 -20.94
CA GLU D 73 -23.69 -25.54 -20.15
C GLU D 73 -22.99 -24.46 -19.32
N VAL D 74 -21.73 -24.69 -19.00
CA VAL D 74 -20.97 -23.79 -18.14
C VAL D 74 -20.10 -22.82 -18.92
N TYR D 75 -19.77 -23.16 -20.15
CA TYR D 75 -18.88 -22.35 -20.97
C TYR D 75 -19.62 -21.80 -22.19
N SER D 76 -20.95 -21.80 -22.10
CA SER D 76 -21.79 -21.33 -23.19
C SER D 76 -21.54 -19.86 -23.52
N PHE D 77 -21.36 -19.05 -22.52
CA PHE D 77 -21.35 -17.63 -22.74
C PHE D 77 -20.24 -17.28 -23.67
N MET D 78 -19.42 -18.26 -23.95
CA MET D 78 -18.29 -18.10 -24.87
C MET D 78 -18.73 -18.23 -26.33
N VAL D 79 -19.97 -18.66 -26.53
CA VAL D 79 -20.49 -18.95 -27.86
C VAL D 79 -20.35 -17.78 -28.84
N PRO D 80 -20.73 -16.57 -28.40
CA PRO D 80 -20.71 -15.41 -29.31
C PRO D 80 -19.28 -14.98 -29.64
N VAL D 81 -18.31 -15.49 -28.89
CA VAL D 81 -16.92 -15.15 -29.13
C VAL D 81 -16.29 -16.08 -30.16
N PHE D 82 -16.43 -17.38 -29.94
CA PHE D 82 -16.16 -18.34 -31.00
C PHE D 82 -17.35 -18.21 -31.94
N GLY D 83 -17.22 -18.72 -33.16
CA GLY D 83 -18.36 -18.74 -34.06
C GLY D 83 -19.47 -19.57 -33.45
N GLU D 84 -20.56 -19.75 -34.19
CA GLU D 84 -21.59 -20.69 -33.77
C GLU D 84 -21.39 -22.01 -34.48
N GLY D 85 -21.44 -23.10 -33.71
CA GLY D 85 -21.10 -24.42 -34.22
C GLY D 85 -19.64 -24.74 -33.94
N VAL D 86 -18.90 -23.74 -33.50
CA VAL D 86 -17.50 -23.91 -33.17
C VAL D 86 -17.32 -24.11 -31.71
N ALA D 87 -16.43 -24.99 -31.32
CA ALA D 87 -16.17 -25.20 -29.92
C ALA D 87 -17.38 -25.71 -29.23
N TYR D 88 -17.81 -24.99 -28.22
CA TYR D 88 -18.98 -25.39 -27.47
C TYR D 88 -20.26 -25.30 -28.24
N ALA D 89 -20.29 -24.48 -29.27
CA ALA D 89 -21.48 -24.32 -30.11
C ALA D 89 -21.65 -25.55 -30.99
N ALA D 90 -20.78 -26.54 -30.80
CA ALA D 90 -20.85 -27.79 -31.55
C ALA D 90 -20.89 -28.98 -30.60
N PRO D 91 -21.44 -30.11 -31.08
CA PRO D 91 -21.48 -31.33 -30.29
C PRO D 91 -20.08 -31.70 -29.82
N TYR D 92 -19.98 -32.64 -28.90
CA TYR D 92 -18.69 -32.99 -28.36
C TYR D 92 -17.71 -33.54 -29.39
N PRO D 93 -18.18 -34.36 -30.30
CA PRO D 93 -17.30 -34.96 -31.30
C PRO D 93 -16.67 -33.92 -32.22
N ARG D 94 -17.45 -32.91 -32.61
CA ARG D 94 -16.96 -31.88 -33.51
C ARG D 94 -15.94 -30.95 -32.82
N MET D 95 -16.15 -30.71 -31.52
CA MET D 95 -15.20 -29.91 -30.75
C MET D 95 -13.88 -30.63 -30.62
N ARG D 96 -13.93 -31.89 -30.17
CA ARG D 96 -12.73 -32.70 -30.06
C ARG D 96 -11.98 -32.67 -31.39
N GLU D 97 -12.74 -32.88 -32.47
CA GLU D 97 -12.20 -32.90 -33.81
C GLU D 97 -11.54 -31.57 -34.14
N GLN D 98 -12.20 -30.48 -33.76
CA GLN D 98 -11.66 -29.14 -33.98
C GLN D 98 -10.46 -28.87 -33.08
N LEU D 99 -10.50 -29.43 -31.88
CA LEU D 99 -9.40 -29.28 -30.92
C LEU D 99 -8.17 -30.03 -31.38
N ASN D 100 -8.36 -31.21 -31.94
CA ASN D 100 -7.25 -32.03 -32.42
C ASN D 100 -6.61 -31.47 -33.68
N PHE D 101 -7.34 -30.62 -34.39
CA PHE D 101 -6.78 -29.89 -35.51
C PHE D 101 -5.85 -28.80 -34.99
N LEU D 102 -6.27 -28.15 -33.90
CA LEU D 102 -5.54 -27.04 -33.31
C LEU D 102 -4.30 -27.52 -32.54
N ALA D 103 -4.42 -28.64 -31.84
CA ALA D 103 -3.31 -29.19 -31.08
C ALA D 103 -2.23 -29.72 -32.01
N GLU D 104 -2.56 -29.91 -33.28
CA GLU D 104 -1.60 -30.41 -34.25
C GLU D 104 -0.86 -29.29 -34.97
N GLU D 105 -1.41 -28.09 -34.92
CA GLU D 105 -0.71 -26.92 -35.44
C GLU D 105 0.28 -26.42 -34.39
N LEU D 106 0.53 -27.24 -33.39
CA LEU D 106 1.39 -26.86 -32.28
C LEU D 106 2.32 -28.00 -31.85
N THR D 107 2.40 -29.05 -32.67
CA THR D 107 3.27 -30.18 -32.36
C THR D 107 4.74 -29.77 -32.27
N ILE D 108 5.54 -30.59 -31.60
CA ILE D 108 6.96 -30.32 -31.43
C ILE D 108 7.62 -29.97 -32.76
N ALA D 109 7.09 -30.54 -33.85
CA ALA D 109 7.68 -30.37 -35.17
C ALA D 109 7.73 -28.92 -35.63
N LYS D 110 6.84 -28.09 -35.11
CA LYS D 110 6.77 -26.69 -35.49
C LYS D 110 7.64 -25.83 -34.59
N PHE D 111 8.32 -26.46 -33.63
CA PHE D 111 8.98 -25.73 -32.55
C PHE D 111 10.36 -25.13 -32.86
N GLN D 112 11.09 -25.71 -33.81
CA GLN D 112 12.37 -25.10 -34.21
C GLN D 112 12.12 -23.85 -35.06
N ASN D 113 10.97 -23.83 -35.73
CA ASN D 113 10.56 -22.67 -36.50
C ASN D 113 10.15 -21.51 -35.59
N PHE D 114 9.51 -21.84 -34.47
CA PHE D 114 9.02 -20.84 -33.54
C PHE D 114 10.13 -20.24 -32.68
N VAL D 115 11.01 -21.11 -32.16
CA VAL D 115 12.06 -20.68 -31.24
C VAL D 115 12.75 -19.39 -31.67
N PRO D 116 13.28 -19.36 -32.89
CA PRO D 116 13.95 -18.15 -33.41
C PRO D 116 12.96 -17.08 -33.86
N ALA D 117 11.86 -17.51 -34.49
CA ALA D 117 10.84 -16.58 -34.96
C ALA D 117 10.15 -15.88 -33.79
N ILE D 118 10.38 -16.40 -32.58
CA ILE D 118 9.80 -15.82 -31.38
C ILE D 118 10.79 -14.89 -30.67
N GLN D 119 12.07 -15.25 -30.71
CA GLN D 119 13.08 -14.59 -29.89
C GLN D 119 13.50 -13.21 -30.40
N HIS D 120 13.83 -13.11 -31.68
CA HIS D 120 14.26 -11.83 -32.24
C HIS D 120 13.16 -10.77 -32.09
N GLU D 121 11.92 -11.23 -32.05
CA GLU D 121 10.79 -10.37 -31.77
C GLU D 121 10.88 -9.82 -30.35
N VAL D 122 11.34 -10.68 -29.42
CA VAL D 122 11.49 -10.29 -28.03
C VAL D 122 12.62 -9.29 -27.86
N ARG D 123 13.51 -9.23 -28.85
CA ARG D 123 14.61 -8.27 -28.83
C ARG D 123 14.20 -6.94 -29.46
N LYS D 124 13.48 -7.02 -30.57
CA LYS D 124 13.01 -5.81 -31.25
C LYS D 124 12.20 -4.95 -30.28
N PHE D 125 11.70 -5.59 -29.23
CA PHE D 125 10.89 -4.90 -28.22
C PHE D 125 11.77 -4.37 -27.10
N MET D 126 12.66 -5.23 -26.59
CA MET D 126 13.59 -4.84 -25.55
C MET D 126 14.42 -3.66 -26.02
N ALA D 127 14.88 -3.73 -27.27
CA ALA D 127 15.71 -2.68 -27.85
C ALA D 127 14.93 -1.41 -28.11
N ALA D 128 13.92 -1.50 -28.96
CA ALA D 128 13.10 -0.33 -29.31
C ALA D 128 12.62 0.39 -28.05
N ASN D 129 11.91 -0.33 -27.19
CA ASN D 129 11.33 0.25 -25.99
C ASN D 129 12.29 0.33 -24.81
N TRP D 130 13.25 -0.58 -24.76
CA TRP D 130 14.18 -0.65 -23.64
C TRP D 130 15.60 -0.26 -24.04
N ASP D 131 15.73 0.60 -25.05
CA ASP D 131 17.03 0.97 -25.59
C ASP D 131 17.91 1.76 -24.61
N LYS D 132 17.29 2.69 -23.88
CA LYS D 132 18.03 3.47 -22.89
C LYS D 132 18.54 2.59 -21.75
N ASP D 133 19.69 2.95 -21.20
CA ASP D 133 20.32 2.17 -20.13
C ASP D 133 19.34 1.90 -18.98
N GLU D 134 18.77 2.96 -18.42
CA GLU D 134 17.80 2.82 -17.35
C GLU D 134 16.45 3.42 -17.74
N GLY D 135 15.38 2.76 -17.34
CA GLY D 135 14.03 3.24 -17.66
C GLY D 135 12.95 2.56 -16.84
N GLU D 136 11.84 3.27 -16.65
CA GLU D 136 10.69 2.73 -15.94
C GLU D 136 9.63 2.28 -16.93
N ILE D 137 9.02 1.12 -16.66
CA ILE D 137 7.98 0.59 -17.53
C ILE D 137 6.91 -0.16 -16.75
N ASN D 138 5.81 -0.49 -17.43
CA ASN D 138 4.78 -1.33 -16.86
C ASN D 138 4.90 -2.73 -17.45
N LEU D 139 5.55 -3.62 -16.71
CA LEU D 139 5.88 -4.96 -17.22
C LEU D 139 4.67 -5.68 -17.80
N LEU D 140 3.52 -5.55 -17.16
CA LEU D 140 2.30 -6.18 -17.65
C LEU D 140 1.99 -5.71 -19.06
N GLU D 141 1.88 -4.40 -19.23
CA GLU D 141 1.65 -3.80 -20.54
C GLU D 141 2.60 -4.39 -21.58
N ASP D 142 3.86 -4.53 -21.18
CA ASP D 142 4.92 -4.91 -22.11
C ASP D 142 5.02 -6.42 -22.35
N CYS D 143 4.89 -7.20 -21.28
CA CYS D 143 4.90 -8.65 -21.42
C CYS D 143 3.76 -9.10 -22.32
N SER D 144 2.71 -8.30 -22.35
CA SER D 144 1.54 -8.61 -23.17
C SER D 144 1.83 -8.32 -24.64
N THR D 145 2.18 -7.08 -24.94
CA THR D 145 2.54 -6.69 -26.30
C THR D 145 3.51 -7.70 -26.87
N MET D 146 4.62 -7.90 -26.16
CA MET D 146 5.62 -8.88 -26.53
C MET D 146 4.94 -10.20 -26.86
N ILE D 147 4.10 -10.66 -25.94
CA ILE D 147 3.42 -11.95 -26.10
C ILE D 147 2.55 -12.03 -27.34
N ILE D 148 1.78 -10.97 -27.60
CA ILE D 148 0.93 -10.93 -28.79
C ILE D 148 1.77 -11.04 -30.07
N ASN D 149 2.81 -10.22 -30.15
CA ASN D 149 3.71 -10.23 -31.30
C ASN D 149 4.30 -11.62 -31.56
N THR D 150 4.98 -12.16 -30.55
CA THR D 150 5.59 -13.49 -30.67
C THR D 150 4.59 -14.51 -31.20
N ALA D 151 3.41 -14.55 -30.59
CA ALA D 151 2.37 -15.46 -31.04
C ALA D 151 2.04 -15.23 -32.51
N CYS D 152 1.80 -13.96 -32.85
CA CYS D 152 1.48 -13.60 -34.22
C CYS D 152 2.63 -13.93 -35.16
N GLN D 153 3.86 -13.65 -34.71
CA GLN D 153 5.04 -13.92 -35.52
C GLN D 153 5.18 -15.42 -35.78
N CYS D 154 4.65 -16.23 -34.87
CA CYS D 154 4.72 -17.68 -34.98
C CYS D 154 3.61 -18.23 -35.88
N LEU D 155 2.40 -17.71 -35.72
CA LEU D 155 1.23 -18.31 -36.34
C LEU D 155 0.70 -17.56 -37.56
N PHE D 156 1.16 -16.33 -37.77
CA PHE D 156 0.68 -15.52 -38.89
C PHE D 156 1.75 -15.28 -39.95
N GLY D 157 1.34 -15.27 -41.21
CA GLY D 157 2.24 -14.98 -42.32
C GLY D 157 2.46 -13.49 -42.51
N GLU D 158 3.69 -13.10 -42.82
CA GLU D 158 4.05 -11.69 -42.93
C GLU D 158 2.96 -10.87 -43.61
N ASP D 159 2.36 -11.43 -44.66
CA ASP D 159 1.29 -10.74 -45.39
C ASP D 159 0.11 -10.45 -44.46
N LEU D 160 -0.12 -11.35 -43.51
CA LEU D 160 -1.22 -11.22 -42.56
C LEU D 160 -0.85 -10.33 -41.38
N ARG D 161 0.38 -10.48 -40.89
CA ARG D 161 0.88 -9.67 -39.78
C ARG D 161 0.91 -8.19 -40.16
N LYS D 162 1.15 -7.92 -41.44
CA LYS D 162 1.18 -6.54 -41.95
C LYS D 162 -0.22 -5.95 -42.00
N ARG D 163 -1.15 -6.71 -42.56
CA ARG D 163 -2.55 -6.30 -42.67
C ARG D 163 -3.17 -6.14 -41.28
N LEU D 164 -2.78 -7.01 -40.36
CA LEU D 164 -3.32 -6.98 -39.02
C LEU D 164 -2.18 -6.89 -38.03
N ASP D 165 -1.72 -5.69 -37.77
CA ASP D 165 -0.58 -5.52 -36.91
C ASP D 165 -0.93 -6.02 -35.54
N ALA D 166 0.08 -6.27 -34.75
CA ALA D 166 -0.13 -6.83 -33.44
C ALA D 166 -1.02 -5.87 -32.73
N ARG D 167 -0.77 -4.58 -32.92
CA ARG D 167 -1.54 -3.57 -32.21
C ARG D 167 -3.03 -3.64 -32.54
N ARG D 168 -3.36 -3.93 -33.80
CA ARG D 168 -4.74 -3.87 -34.26
C ARG D 168 -5.50 -5.16 -33.98
N PHE D 169 -4.78 -6.26 -33.90
CA PHE D 169 -5.39 -7.56 -33.60
C PHE D 169 -5.76 -7.62 -32.12
N ALA D 170 -4.89 -7.08 -31.26
CA ALA D 170 -5.19 -6.97 -29.84
C ALA D 170 -6.31 -5.96 -29.64
N GLN D 171 -6.44 -5.02 -30.56
CA GLN D 171 -7.54 -4.07 -30.55
C GLN D 171 -8.86 -4.81 -30.68
N LEU D 172 -8.89 -5.80 -31.55
CA LEU D 172 -10.11 -6.56 -31.83
C LEU D 172 -10.40 -7.58 -30.74
N LEU D 173 -9.35 -8.22 -30.22
CA LEU D 173 -9.52 -9.19 -29.15
C LEU D 173 -10.16 -8.55 -27.92
N ALA D 174 -9.71 -7.37 -27.57
CA ALA D 174 -10.22 -6.66 -26.40
C ALA D 174 -11.69 -6.31 -26.56
N LYS D 175 -12.13 -6.07 -27.79
CA LYS D 175 -13.51 -5.69 -28.06
C LYS D 175 -14.47 -6.86 -27.86
N MET D 176 -14.00 -8.07 -28.17
CA MET D 176 -14.81 -9.27 -27.97
C MET D 176 -14.81 -9.66 -26.49
N GLU D 177 -13.65 -9.59 -25.85
CA GLU D 177 -13.54 -9.89 -24.43
C GLU D 177 -14.35 -8.90 -23.61
N SER D 178 -14.64 -7.74 -24.21
CA SER D 178 -15.42 -6.72 -23.54
C SER D 178 -16.88 -7.12 -23.45
N SER D 179 -17.32 -7.97 -24.38
CA SER D 179 -18.72 -8.36 -24.47
C SER D 179 -19.03 -9.64 -23.69
N LEU D 180 -18.00 -10.23 -23.07
CA LEU D 180 -18.19 -11.47 -22.34
C LEU D 180 -18.69 -11.22 -20.92
N ILE D 181 -19.79 -11.87 -20.56
CA ILE D 181 -20.33 -11.77 -19.21
C ILE D 181 -20.49 -13.15 -18.57
N PRO D 182 -19.48 -13.58 -17.81
CA PRO D 182 -19.45 -14.92 -17.19
C PRO D 182 -20.60 -15.16 -16.22
N ALA D 183 -21.11 -14.09 -15.62
CA ALA D 183 -22.22 -14.20 -14.69
C ALA D 183 -23.36 -14.99 -15.29
N ALA D 184 -23.42 -15.00 -16.62
CA ALA D 184 -24.48 -15.71 -17.33
C ALA D 184 -24.56 -17.18 -16.94
N VAL D 185 -23.48 -17.70 -16.38
CA VAL D 185 -23.43 -19.08 -15.94
C VAL D 185 -24.45 -19.33 -14.84
N PHE D 186 -24.82 -18.27 -14.14
CA PHE D 186 -25.78 -18.36 -13.04
C PHE D 186 -27.02 -17.54 -13.36
N LEU D 187 -26.98 -16.84 -14.49
CA LEU D 187 -28.13 -16.16 -15.04
C LEU D 187 -28.19 -16.40 -16.54
N PRO D 188 -28.54 -17.63 -16.94
CA PRO D 188 -28.57 -18.05 -18.33
C PRO D 188 -29.43 -17.14 -19.20
N ILE D 189 -30.35 -16.42 -18.58
CA ILE D 189 -31.25 -15.52 -19.30
C ILE D 189 -30.47 -14.45 -20.06
N LEU D 190 -29.31 -14.07 -19.52
CA LEU D 190 -28.47 -13.06 -20.14
C LEU D 190 -28.06 -13.44 -21.55
N LEU D 191 -27.91 -14.74 -21.78
CA LEU D 191 -27.55 -15.24 -23.10
C LEU D 191 -28.69 -15.01 -24.09
N LYS D 192 -29.83 -14.55 -23.59
CA LYS D 192 -31.01 -14.33 -24.42
C LYS D 192 -31.19 -12.86 -24.76
N LEU D 193 -31.02 -12.00 -23.76
CA LEU D 193 -31.15 -10.56 -23.96
C LEU D 193 -30.10 -10.06 -24.94
N PRO D 194 -30.53 -9.20 -25.89
CA PRO D 194 -29.60 -8.62 -26.86
C PRO D 194 -28.89 -7.41 -26.27
N LEU D 195 -27.92 -7.66 -25.41
CA LEU D 195 -27.19 -6.60 -24.72
C LEU D 195 -26.42 -5.72 -25.70
N PRO D 196 -26.03 -4.52 -25.25
CA PRO D 196 -25.30 -3.56 -26.07
C PRO D 196 -23.98 -4.13 -26.55
N GLN D 197 -23.15 -4.61 -25.62
CA GLN D 197 -21.83 -5.13 -25.98
C GLN D 197 -21.92 -6.30 -26.95
N SER D 198 -23.01 -7.07 -26.86
CA SER D 198 -23.17 -8.26 -27.68
C SER D 198 -22.95 -7.97 -29.17
N ALA D 199 -23.57 -6.90 -29.66
CA ALA D 199 -23.36 -6.47 -31.03
C ALA D 199 -21.95 -5.89 -31.17
N ARG D 200 -21.48 -5.27 -30.09
CA ARG D 200 -20.14 -4.72 -30.05
C ARG D 200 -19.11 -5.81 -30.28
N CYS D 201 -19.41 -7.01 -29.78
CA CYS D 201 -18.54 -8.16 -29.95
C CYS D 201 -18.54 -8.69 -31.38
N HIS D 202 -19.72 -8.71 -32.00
CA HIS D 202 -19.86 -9.25 -33.34
C HIS D 202 -19.14 -8.40 -34.39
N GLU D 203 -19.40 -7.10 -34.37
CA GLU D 203 -18.75 -6.20 -35.32
C GLU D 203 -17.27 -6.51 -35.39
N ALA D 204 -16.70 -6.90 -34.25
CA ALA D 204 -15.28 -7.23 -34.18
C ALA D 204 -14.97 -8.56 -34.84
N ARG D 205 -15.82 -9.55 -34.56
CA ARG D 205 -15.62 -10.90 -35.10
C ARG D 205 -15.83 -10.93 -36.61
N THR D 206 -16.61 -9.99 -37.12
CA THR D 206 -16.83 -9.87 -38.55
C THR D 206 -15.60 -9.27 -39.23
N GLU D 207 -14.93 -8.36 -38.53
CA GLU D 207 -13.74 -7.72 -39.05
C GLU D 207 -12.60 -8.72 -39.20
N LEU D 208 -12.45 -9.59 -38.21
CA LEU D 208 -11.43 -10.63 -38.28
C LEU D 208 -11.70 -11.54 -39.47
N GLN D 209 -12.89 -12.16 -39.48
CA GLN D 209 -13.30 -13.00 -40.59
C GLN D 209 -13.18 -12.23 -41.91
N LYS D 210 -13.33 -10.91 -41.83
CA LYS D 210 -13.24 -10.06 -43.01
C LYS D 210 -11.80 -9.95 -43.49
N ILE D 211 -10.89 -9.61 -42.58
CA ILE D 211 -9.48 -9.51 -42.91
C ILE D 211 -8.93 -10.88 -43.28
N LEU D 212 -9.51 -11.92 -42.71
CA LEU D 212 -9.05 -13.29 -42.96
C LEU D 212 -9.41 -13.78 -44.36
N SER D 213 -10.57 -13.37 -44.85
CA SER D 213 -11.03 -13.81 -46.17
C SER D 213 -10.29 -13.07 -47.28
N GLU D 214 -9.70 -11.93 -46.95
CA GLU D 214 -9.04 -11.10 -47.94
C GLU D 214 -7.57 -11.47 -48.10
N ILE D 215 -6.93 -11.86 -47.01
CA ILE D 215 -5.57 -12.39 -47.06
C ILE D 215 -5.60 -13.74 -47.78
N ILE D 216 -6.70 -14.48 -47.61
CA ILE D 216 -6.87 -15.77 -48.27
C ILE D 216 -6.98 -15.62 -49.79
N ILE D 217 -7.55 -14.52 -50.24
CA ILE D 217 -7.68 -14.25 -51.67
C ILE D 217 -6.36 -13.81 -52.27
N ALA D 218 -5.53 -13.14 -51.46
CA ALA D 218 -4.23 -12.70 -51.89
C ALA D 218 -3.25 -13.87 -51.97
N ARG D 219 -3.49 -14.89 -51.15
CA ARG D 219 -2.64 -16.08 -51.11
C ARG D 219 -2.90 -17.01 -52.29
N LYS D 220 -4.18 -17.17 -52.65
CA LYS D 220 -4.54 -17.93 -53.84
C LYS D 220 -4.20 -17.10 -55.07
N GLU D 221 -3.78 -15.86 -54.83
CA GLU D 221 -3.30 -14.98 -55.89
C GLU D 221 -1.82 -15.22 -56.13
N GLU D 222 -1.14 -15.75 -55.12
CA GLU D 222 0.32 -15.85 -55.15
C GLU D 222 0.85 -17.27 -54.97
N GLU D 223 0.00 -18.19 -54.53
CA GLU D 223 0.43 -19.58 -54.34
C GLU D 223 0.59 -20.26 -55.69
N VAL D 224 -0.45 -20.20 -56.52
CA VAL D 224 -0.38 -20.73 -57.88
C VAL D 224 0.33 -19.72 -58.79
N ASN D 225 0.88 -18.68 -58.18
CA ASN D 225 1.62 -17.65 -58.91
C ASN D 225 3.08 -17.57 -58.45
N LYS D 226 3.28 -17.71 -57.14
CA LYS D 226 4.61 -17.69 -56.56
C LYS D 226 4.90 -19.02 -55.89
N ASP D 227 6.15 -19.23 -55.49
CA ASP D 227 6.48 -20.40 -54.69
C ASP D 227 6.11 -20.11 -53.24
N SER D 228 5.15 -19.21 -53.06
CA SER D 228 4.76 -18.82 -51.72
C SER D 228 3.79 -19.85 -51.17
N SER D 229 4.30 -21.05 -50.95
CA SER D 229 3.52 -22.09 -50.32
C SER D 229 3.69 -21.78 -48.85
N THR D 230 3.22 -20.60 -48.47
CA THR D 230 3.33 -20.11 -47.10
C THR D 230 2.72 -21.09 -46.10
N SER D 231 3.55 -21.61 -45.21
CA SER D 231 3.10 -22.58 -44.21
C SER D 231 2.94 -21.93 -42.84
N ASP D 232 1.69 -21.77 -42.40
CA ASP D 232 1.41 -21.18 -41.10
C ASP D 232 0.21 -21.85 -40.45
N LEU D 233 -0.25 -21.28 -39.33
CA LEU D 233 -1.41 -21.78 -38.61
C LEU D 233 -2.66 -21.75 -39.49
N LEU D 234 -2.91 -20.59 -40.10
CA LEU D 234 -4.11 -20.39 -40.92
C LEU D 234 -4.15 -21.30 -42.15
N SER D 235 -3.05 -21.37 -42.88
CA SER D 235 -2.99 -22.22 -44.07
C SER D 235 -3.34 -23.66 -43.70
N GLY D 236 -2.76 -24.14 -42.61
CA GLY D 236 -2.98 -25.52 -42.17
C GLY D 236 -4.38 -25.78 -41.68
N LEU D 237 -5.07 -24.71 -41.25
CA LEU D 237 -6.42 -24.84 -40.72
C LEU D 237 -7.50 -25.00 -41.79
N LEU D 238 -7.26 -24.42 -42.97
CA LEU D 238 -8.23 -24.49 -44.06
C LEU D 238 -8.12 -25.77 -44.88
N SER D 239 -7.01 -26.49 -44.72
CA SER D 239 -6.83 -27.77 -45.39
C SER D 239 -7.21 -28.91 -44.45
N ALA D 240 -8.18 -28.65 -43.58
CA ALA D 240 -8.62 -29.65 -42.62
C ALA D 240 -9.94 -30.29 -43.05
N VAL D 241 -10.01 -31.61 -42.93
CA VAL D 241 -11.22 -32.34 -43.27
C VAL D 241 -11.68 -33.21 -42.09
N TYR D 242 -12.94 -33.05 -41.74
CA TYR D 242 -13.51 -33.79 -40.65
C TYR D 242 -13.65 -35.20 -41.08
N ARG D 243 -13.94 -36.04 -40.10
CA ARG D 243 -14.04 -37.46 -40.33
C ARG D 243 -15.19 -37.66 -41.26
N ASP D 244 -15.99 -36.64 -41.48
CA ASP D 244 -17.10 -36.87 -42.34
C ASP D 244 -16.63 -36.39 -43.67
N GLY D 245 -15.37 -36.05 -43.71
CA GLY D 245 -14.73 -35.72 -44.95
C GLY D 245 -15.13 -34.35 -45.39
N THR D 246 -15.91 -33.68 -44.57
CA THR D 246 -16.28 -32.32 -44.83
C THR D 246 -15.09 -31.43 -44.60
N PRO D 247 -15.04 -30.33 -45.31
CA PRO D 247 -13.98 -29.36 -45.06
C PRO D 247 -14.44 -28.32 -44.05
N MET D 248 -13.50 -27.71 -43.33
CA MET D 248 -13.82 -26.74 -42.30
C MET D 248 -14.14 -25.37 -42.90
N SER D 249 -15.32 -24.84 -42.59
CA SER D 249 -15.74 -23.54 -43.09
C SER D 249 -14.95 -22.42 -42.43
N LEU D 250 -14.56 -21.42 -43.22
CA LEU D 250 -13.75 -20.32 -42.73
C LEU D 250 -14.30 -19.74 -41.43
N HIS D 251 -15.62 -19.65 -41.35
CA HIS D 251 -16.28 -19.15 -40.14
C HIS D 251 -15.77 -19.88 -38.91
N GLU D 252 -15.54 -21.18 -39.06
CA GLU D 252 -15.04 -22.00 -37.96
C GLU D 252 -13.54 -21.83 -37.76
N VAL D 253 -12.81 -21.75 -38.86
CA VAL D 253 -11.38 -21.49 -38.81
C VAL D 253 -11.13 -20.17 -38.09
N CYS D 254 -11.95 -19.17 -38.43
CA CYS D 254 -11.87 -17.87 -37.79
C CYS D 254 -12.23 -17.97 -36.31
N GLY D 255 -13.10 -18.93 -35.98
CA GLY D 255 -13.47 -19.17 -34.60
C GLY D 255 -12.30 -19.73 -33.82
N MET D 256 -11.70 -20.80 -34.34
CA MET D 256 -10.53 -21.41 -33.73
C MET D 256 -9.47 -20.36 -33.41
N ILE D 257 -9.04 -19.63 -34.44
CA ILE D 257 -8.02 -18.61 -34.27
C ILE D 257 -8.32 -17.71 -33.08
N VAL D 258 -9.58 -17.33 -32.94
CA VAL D 258 -10.01 -16.52 -31.81
C VAL D 258 -9.91 -17.31 -30.51
N ALA D 259 -10.30 -18.59 -30.57
CA ALA D 259 -10.25 -19.45 -29.39
C ALA D 259 -8.82 -19.65 -28.93
N ALA D 260 -7.91 -19.82 -29.89
CA ALA D 260 -6.50 -19.95 -29.58
C ALA D 260 -5.99 -18.67 -28.92
N MET D 261 -6.13 -17.56 -29.64
CA MET D 261 -5.70 -16.27 -29.12
C MET D 261 -6.32 -15.96 -27.76
N PHE D 262 -7.56 -16.37 -27.58
CA PHE D 262 -8.29 -16.03 -26.37
C PHE D 262 -7.80 -16.85 -25.18
N ALA D 263 -7.47 -18.11 -25.44
CA ALA D 263 -6.94 -18.97 -24.39
C ALA D 263 -5.48 -18.61 -24.13
N GLY D 264 -4.81 -18.07 -25.12
CA GLY D 264 -3.36 -17.89 -25.07
C GLY D 264 -2.84 -16.52 -24.67
N GLN D 265 -3.47 -15.47 -25.18
CA GLN D 265 -2.94 -14.11 -25.00
C GLN D 265 -2.72 -13.67 -23.55
N HIS D 266 -3.80 -13.56 -22.79
CA HIS D 266 -3.70 -13.07 -21.42
C HIS D 266 -2.93 -14.03 -20.52
N THR D 267 -3.28 -15.31 -20.58
CA THR D 267 -2.64 -16.31 -19.72
C THR D 267 -1.13 -16.26 -19.83
N SER D 268 -0.62 -16.29 -21.05
CA SER D 268 0.82 -16.36 -21.29
C SER D 268 1.55 -15.08 -20.89
N SER D 269 1.03 -13.93 -21.32
CA SER D 269 1.64 -12.65 -20.98
C SER D 269 1.61 -12.44 -19.46
N ILE D 270 0.59 -13.00 -18.82
CA ILE D 270 0.46 -12.92 -17.37
C ILE D 270 1.48 -13.82 -16.67
N THR D 271 1.66 -15.01 -17.21
CA THR D 271 2.64 -15.95 -16.66
C THR D 271 4.05 -15.40 -16.84
N THR D 272 4.29 -14.80 -18.01
CA THR D 272 5.58 -14.17 -18.29
C THR D 272 5.83 -13.06 -17.27
N THR D 273 4.78 -12.34 -16.90
CA THR D 273 4.91 -11.21 -16.01
C THR D 273 5.18 -11.60 -14.55
N TRP D 274 4.23 -12.30 -13.93
CA TRP D 274 4.42 -12.78 -12.57
C TRP D 274 5.84 -13.30 -12.40
N SER D 275 6.24 -14.20 -13.31
CA SER D 275 7.55 -14.83 -13.26
C SER D 275 8.67 -13.84 -12.99
N MET D 276 8.63 -12.69 -13.66
CA MET D 276 9.70 -11.70 -13.58
C MET D 276 9.60 -10.82 -12.33
N LEU D 277 8.40 -10.73 -11.77
CA LEU D 277 8.21 -9.98 -10.52
C LEU D 277 8.56 -10.85 -9.32
N HIS D 278 9.00 -12.07 -9.63
CA HIS D 278 9.42 -12.99 -8.61
C HIS D 278 10.92 -13.09 -8.52
N LEU D 279 11.59 -12.71 -9.59
CA LEU D 279 13.03 -12.80 -9.68
C LEU D 279 13.75 -11.50 -9.33
N MET D 280 13.10 -10.37 -9.62
CA MET D 280 13.70 -9.06 -9.35
C MET D 280 13.60 -8.67 -7.88
N HIS D 281 12.94 -9.52 -7.09
CA HIS D 281 12.80 -9.29 -5.65
C HIS D 281 13.98 -9.89 -4.89
N PRO D 282 14.49 -9.15 -3.89
CA PRO D 282 15.63 -9.60 -3.09
C PRO D 282 15.45 -11.01 -2.53
N ALA D 283 14.23 -11.34 -2.13
CA ALA D 283 13.96 -12.65 -1.53
C ALA D 283 14.26 -13.79 -2.50
N ASN D 284 14.38 -13.47 -3.78
CA ASN D 284 14.53 -14.49 -4.81
C ASN D 284 15.80 -14.35 -5.67
N VAL D 285 16.75 -13.54 -5.22
CA VAL D 285 18.02 -13.45 -5.91
C VAL D 285 18.67 -14.83 -5.92
N LYS D 286 18.28 -15.66 -4.96
CA LYS D 286 18.75 -17.03 -4.89
C LYS D 286 18.36 -17.79 -6.14
N HIS D 287 17.11 -17.62 -6.56
CA HIS D 287 16.57 -18.34 -7.71
C HIS D 287 16.97 -17.71 -9.04
N LEU D 288 17.12 -16.39 -9.05
CA LEU D 288 17.57 -15.69 -10.25
C LEU D 288 19.04 -15.97 -10.50
N GLU D 289 19.84 -15.93 -9.45
CA GLU D 289 21.25 -16.29 -9.54
C GLU D 289 21.36 -17.70 -10.09
N ALA D 290 20.48 -18.58 -9.63
CA ALA D 290 20.46 -19.96 -10.09
C ALA D 290 19.85 -20.05 -11.49
N LEU D 291 19.38 -18.91 -11.99
CA LEU D 291 18.74 -18.85 -13.31
C LEU D 291 19.73 -18.62 -14.43
N ARG D 292 20.64 -17.66 -14.25
CA ARG D 292 21.61 -17.32 -15.29
C ARG D 292 22.65 -18.42 -15.51
N LYS D 293 22.83 -19.27 -14.51
CA LYS D 293 23.73 -20.41 -14.65
C LYS D 293 23.18 -21.35 -15.71
N GLU D 294 21.86 -21.40 -15.83
CA GLU D 294 21.18 -22.29 -16.75
C GLU D 294 21.10 -21.66 -18.15
N ILE D 295 21.37 -20.37 -18.24
CA ILE D 295 21.33 -19.66 -19.52
C ILE D 295 22.67 -18.97 -19.80
N GLU D 296 23.66 -19.25 -18.98
CA GLU D 296 24.97 -18.66 -19.15
C GLU D 296 25.66 -19.09 -20.43
N GLU D 297 25.49 -20.35 -20.77
CA GLU D 297 26.23 -20.94 -21.86
C GLU D 297 25.58 -20.84 -23.20
N PHE D 298 24.46 -20.14 -23.30
CA PHE D 298 23.69 -20.16 -24.53
C PHE D 298 24.10 -19.33 -25.73
N PRO D 299 23.85 -19.87 -26.91
CA PRO D 299 24.18 -19.22 -28.17
C PRO D 299 23.39 -17.91 -28.33
N ALA D 300 23.93 -16.98 -29.09
CA ALA D 300 23.30 -15.67 -29.26
C ALA D 300 21.91 -15.84 -29.87
N GLN D 301 21.79 -16.74 -30.83
CA GLN D 301 20.51 -17.03 -31.39
C GLN D 301 20.24 -18.32 -30.71
N LEU D 302 19.41 -18.26 -29.68
CA LEU D 302 19.00 -19.46 -28.98
C LEU D 302 18.34 -20.45 -29.92
N ASN D 303 18.53 -21.73 -29.65
CA ASN D 303 18.00 -22.78 -30.51
C ASN D 303 16.96 -23.65 -29.81
N TYR D 304 16.34 -24.54 -30.59
CA TYR D 304 15.34 -25.47 -30.08
C TYR D 304 15.84 -26.21 -28.85
N ASN D 305 16.95 -26.92 -29.00
CA ASN D 305 17.55 -27.68 -27.91
C ASN D 305 17.70 -26.85 -26.64
N ASN D 306 18.23 -25.64 -26.80
CA ASN D 306 18.39 -24.73 -25.68
C ASN D 306 17.11 -24.55 -24.87
N VAL D 307 16.04 -24.16 -25.55
CA VAL D 307 14.78 -23.85 -24.89
C VAL D 307 14.03 -25.11 -24.46
N MET D 308 14.02 -26.12 -25.33
CA MET D 308 13.22 -27.31 -25.10
C MET D 308 13.81 -28.22 -24.03
N ASP D 309 15.12 -28.46 -24.11
CA ASP D 309 15.76 -29.47 -23.27
C ASP D 309 16.65 -28.92 -22.16
N GLU D 310 17.24 -27.77 -22.41
CA GLU D 310 18.20 -27.19 -21.48
C GLU D 310 17.70 -26.10 -20.55
N MET D 311 16.40 -25.98 -20.37
CA MET D 311 15.87 -25.01 -19.43
C MET D 311 14.81 -25.50 -18.45
N PRO D 312 15.16 -26.37 -17.53
CA PRO D 312 14.22 -26.87 -16.52
C PRO D 312 13.85 -25.82 -15.47
N PHE D 313 14.83 -25.09 -14.95
CA PHE D 313 14.55 -24.12 -13.90
C PHE D 313 13.63 -23.02 -14.40
N ALA D 314 13.91 -22.50 -15.59
CA ALA D 314 13.06 -21.48 -16.18
C ALA D 314 11.62 -21.98 -16.22
N GLU D 315 11.45 -23.23 -16.62
CA GLU D 315 10.12 -23.84 -16.68
C GLU D 315 9.53 -23.97 -15.28
N ARG D 316 10.37 -24.28 -14.30
CA ARG D 316 9.94 -24.37 -12.91
C ARG D 316 9.53 -23.00 -12.40
N CYS D 317 10.07 -21.96 -13.01
CA CYS D 317 9.72 -20.59 -12.63
C CYS D 317 8.35 -20.22 -13.20
N ALA D 318 8.10 -20.64 -14.43
CA ALA D 318 6.81 -20.44 -15.06
C ALA D 318 5.73 -21.20 -14.30
N ARG D 319 5.92 -22.52 -14.17
CA ARG D 319 4.93 -23.37 -13.52
C ARG D 319 4.63 -22.96 -12.08
N GLU D 320 5.66 -22.50 -11.35
CA GLU D 320 5.48 -22.09 -9.97
C GLU D 320 4.71 -20.79 -9.82
N SER D 321 4.86 -19.90 -10.80
CA SER D 321 4.15 -18.63 -10.82
C SER D 321 2.67 -18.87 -11.07
N ILE D 322 2.37 -19.86 -11.90
CA ILE D 322 1.01 -20.25 -12.18
C ILE D 322 0.40 -20.98 -10.98
N ARG D 323 1.26 -21.51 -10.11
CA ARG D 323 0.81 -22.18 -8.90
C ARG D 323 0.27 -21.17 -7.91
N ARG D 324 1.09 -20.19 -7.60
CA ARG D 324 0.73 -19.16 -6.65
C ARG D 324 -0.38 -18.29 -7.15
N ASP D 325 -0.36 -17.93 -8.42
CA ASP D 325 -1.47 -17.17 -8.95
C ASP D 325 -1.97 -17.62 -10.29
N PRO D 326 -2.67 -18.73 -10.29
CA PRO D 326 -3.13 -19.31 -11.55
C PRO D 326 -4.04 -18.34 -12.30
N PRO D 327 -3.69 -18.03 -13.56
CA PRO D 327 -4.46 -17.14 -14.43
C PRO D 327 -5.97 -17.43 -14.39
N LEU D 328 -6.33 -18.71 -14.36
CA LEU D 328 -7.73 -19.11 -14.28
C LEU D 328 -8.09 -19.65 -12.90
N LEU D 329 -8.82 -18.85 -12.13
CA LEU D 329 -9.17 -19.22 -10.75
C LEU D 329 -10.07 -20.44 -10.64
N MET D 330 -11.10 -20.50 -11.50
CA MET D 330 -12.16 -21.49 -11.35
C MET D 330 -12.51 -22.25 -12.63
N LEU D 331 -12.30 -23.57 -12.60
CA LEU D 331 -12.71 -24.44 -13.71
C LEU D 331 -13.99 -25.17 -13.32
N MET D 332 -14.98 -25.15 -14.21
CA MET D 332 -16.32 -25.65 -13.86
C MET D 332 -16.90 -26.70 -14.81
N ARG D 333 -17.70 -27.59 -14.25
CA ARG D 333 -18.42 -28.59 -15.04
C ARG D 333 -19.86 -28.68 -14.54
N LYS D 334 -20.79 -28.82 -15.47
CA LYS D 334 -22.20 -29.01 -15.12
C LYS D 334 -22.39 -30.47 -14.75
N VAL D 335 -22.85 -30.72 -13.52
CA VAL D 335 -23.03 -32.10 -13.05
C VAL D 335 -24.25 -32.75 -13.70
N MET D 336 -23.98 -33.59 -14.71
CA MET D 336 -25.06 -34.22 -15.46
C MET D 336 -25.54 -35.52 -14.82
N ALA D 337 -24.75 -36.05 -13.90
CA ALA D 337 -25.11 -37.27 -13.21
C ALA D 337 -24.45 -37.32 -11.83
N ASP D 338 -25.21 -37.69 -10.81
CA ASP D 338 -24.67 -37.60 -9.46
C ASP D 338 -23.35 -38.35 -9.43
N VAL D 339 -22.35 -37.68 -8.86
CA VAL D 339 -20.99 -38.20 -8.81
C VAL D 339 -20.47 -38.29 -7.38
N LYS D 340 -19.96 -39.46 -7.02
CA LYS D 340 -19.31 -39.65 -5.73
C LYS D 340 -17.98 -38.91 -5.75
N VAL D 341 -17.78 -38.02 -4.79
CA VAL D 341 -16.53 -37.34 -4.69
C VAL D 341 -15.87 -37.53 -3.35
N GLY D 342 -14.92 -38.43 -3.23
CA GLY D 342 -14.23 -38.61 -1.97
C GLY D 342 -15.08 -39.28 -0.93
N SER D 343 -16.23 -38.68 -0.68
CA SER D 343 -17.21 -39.21 0.22
C SER D 343 -18.57 -38.92 -0.33
N TYR D 344 -18.91 -37.64 -0.38
CA TYR D 344 -20.24 -37.19 -0.74
C TYR D 344 -20.53 -37.38 -2.20
N VAL D 345 -21.77 -37.13 -2.58
CA VAL D 345 -22.20 -37.25 -3.97
C VAL D 345 -22.76 -35.93 -4.47
N VAL D 346 -22.21 -35.43 -5.58
CA VAL D 346 -22.69 -34.19 -6.16
C VAL D 346 -23.95 -34.43 -6.99
N PRO D 347 -25.10 -33.98 -6.48
CA PRO D 347 -26.41 -34.12 -7.12
C PRO D 347 -26.42 -33.58 -8.54
N LYS D 348 -26.93 -34.39 -9.47
CA LYS D 348 -27.09 -33.94 -10.85
C LYS D 348 -27.75 -32.57 -10.87
N GLY D 349 -27.33 -31.71 -11.80
CA GLY D 349 -27.88 -30.36 -11.90
C GLY D 349 -27.00 -29.35 -11.19
N ASP D 350 -26.25 -29.80 -10.19
CA ASP D 350 -25.29 -28.97 -9.50
C ASP D 350 -24.23 -28.45 -10.46
N ILE D 351 -23.64 -27.32 -10.12
CA ILE D 351 -22.44 -26.87 -10.80
C ILE D 351 -21.26 -27.30 -9.94
N ILE D 352 -20.43 -28.19 -10.48
CA ILE D 352 -19.22 -28.62 -9.79
C ILE D 352 -18.03 -27.86 -10.35
N ALA D 353 -17.15 -27.40 -9.47
CA ALA D 353 -16.01 -26.59 -9.88
C ALA D 353 -14.74 -27.06 -9.21
N CYS D 354 -13.61 -26.74 -9.83
CA CYS D 354 -12.31 -27.07 -9.27
C CYS D 354 -11.41 -25.84 -9.38
N SER D 355 -11.12 -25.22 -8.25
CA SER D 355 -10.40 -23.95 -8.23
C SER D 355 -8.89 -24.08 -8.11
N PRO D 356 -8.17 -23.84 -9.22
CA PRO D 356 -6.71 -23.80 -9.17
C PRO D 356 -6.25 -22.83 -8.10
N LEU D 357 -7.06 -21.81 -7.82
CA LEU D 357 -6.73 -20.81 -6.81
C LEU D 357 -6.76 -21.41 -5.40
N LEU D 358 -7.64 -22.39 -5.19
CA LEU D 358 -7.80 -22.98 -3.86
C LEU D 358 -6.95 -24.24 -3.66
N SER D 359 -6.82 -25.03 -4.72
CA SER D 359 -6.00 -26.23 -4.66
C SER D 359 -4.51 -25.87 -4.52
N HIS D 360 -4.14 -24.73 -5.09
CA HIS D 360 -2.75 -24.28 -5.08
C HIS D 360 -2.32 -23.71 -3.74
N HIS D 361 -3.30 -23.42 -2.89
CA HIS D 361 -3.01 -22.81 -1.60
C HIS D 361 -3.32 -23.76 -0.44
N ASP D 362 -3.60 -25.02 -0.78
CA ASP D 362 -3.78 -26.04 0.24
C ASP D 362 -2.46 -26.29 0.96
N GLU D 363 -2.49 -26.21 2.28
CA GLU D 363 -1.27 -26.21 3.09
C GLU D 363 -0.57 -27.56 3.14
N GLU D 364 -1.28 -28.62 2.79
CA GLU D 364 -0.67 -29.95 2.72
C GLU D 364 0.14 -30.07 1.43
N ALA D 365 -0.51 -29.82 0.30
CA ALA D 365 0.14 -29.92 -1.01
C ALA D 365 1.15 -28.82 -1.26
N PHE D 366 0.82 -27.61 -0.80
CA PHE D 366 1.70 -26.46 -0.99
C PHE D 366 1.88 -25.65 0.29
N PRO D 367 2.65 -26.19 1.25
CA PRO D 367 2.96 -25.49 2.48
C PRO D 367 3.37 -24.04 2.21
N GLU D 368 2.84 -23.12 3.01
CA GLU D 368 3.17 -21.70 2.85
C GLU D 368 2.99 -21.21 1.41
N PRO D 369 1.80 -21.43 0.85
CA PRO D 369 1.44 -21.18 -0.54
C PRO D 369 1.94 -19.87 -1.14
N ARG D 370 1.91 -18.80 -0.36
CA ARG D 370 2.29 -17.48 -0.87
C ARG D 370 3.79 -17.35 -1.07
N ARG D 371 4.56 -18.31 -0.55
CA ARG D 371 6.00 -18.34 -0.80
C ARG D 371 6.26 -18.88 -2.19
N TRP D 372 6.82 -18.03 -3.06
CA TRP D 372 7.15 -18.44 -4.41
C TRP D 372 8.44 -19.27 -4.40
N ASP D 373 8.28 -20.57 -4.21
CA ASP D 373 9.40 -21.49 -4.19
C ASP D 373 9.38 -22.39 -5.42
N PRO D 374 10.01 -21.94 -6.52
CA PRO D 374 10.07 -22.69 -7.76
C PRO D 374 10.90 -23.96 -7.60
N GLU D 375 11.58 -24.06 -6.46
CA GLU D 375 12.42 -25.22 -6.17
C GLU D 375 11.61 -26.25 -5.40
N ARG D 376 10.35 -25.94 -5.16
CA ARG D 376 9.49 -26.84 -4.39
C ARG D 376 8.81 -27.86 -5.30
N ASP D 377 8.05 -28.75 -4.67
CA ASP D 377 7.24 -29.72 -5.40
C ASP D 377 5.98 -30.00 -4.58
N GLU D 378 4.91 -30.41 -5.26
CA GLU D 378 3.67 -30.74 -4.57
C GLU D 378 3.86 -31.98 -3.70
N LYS D 379 3.36 -31.92 -2.47
CA LYS D 379 3.43 -33.07 -1.56
C LYS D 379 2.23 -33.99 -1.76
N VAL D 380 1.26 -33.53 -2.55
CA VAL D 380 0.10 -34.33 -2.90
C VAL D 380 0.04 -34.49 -4.41
N GLU D 381 -0.26 -35.70 -4.87
CA GLU D 381 -0.29 -36.02 -6.29
C GLU D 381 -1.40 -35.26 -7.02
N GLY D 382 -1.06 -34.70 -8.18
CA GLY D 382 -2.03 -33.98 -9.00
C GLY D 382 -2.48 -32.67 -8.39
N ALA D 383 -1.70 -32.16 -7.44
CA ALA D 383 -2.07 -30.95 -6.71
C ALA D 383 -1.97 -29.70 -7.59
N PHE D 384 -1.19 -29.79 -8.67
CA PHE D 384 -1.09 -28.68 -9.60
C PHE D 384 -2.07 -28.85 -10.76
N ILE D 385 -2.85 -27.81 -11.02
CA ILE D 385 -3.88 -27.87 -12.05
C ILE D 385 -3.91 -26.60 -12.89
N GLY D 386 -2.84 -25.81 -12.80
CA GLY D 386 -2.74 -24.55 -13.53
C GLY D 386 -3.14 -24.65 -14.99
N PHE D 387 -2.77 -25.76 -15.63
CA PHE D 387 -3.15 -26.01 -17.02
C PHE D 387 -4.33 -26.98 -17.06
N GLY D 388 -4.92 -27.23 -15.94
CA GLY D 388 -5.97 -28.19 -15.91
C GLY D 388 -5.36 -29.54 -15.83
N ALA D 389 -6.17 -30.53 -16.12
CA ALA D 389 -5.77 -31.89 -16.08
C ALA D 389 -6.89 -32.65 -16.74
N GLY D 390 -6.72 -33.93 -16.94
CA GLY D 390 -7.78 -34.76 -17.45
C GLY D 390 -8.32 -34.49 -18.82
N VAL D 391 -9.61 -34.66 -19.00
CA VAL D 391 -10.18 -34.58 -20.32
C VAL D 391 -9.97 -33.26 -21.01
N HIS D 392 -9.98 -32.17 -20.26
CA HIS D 392 -9.80 -30.88 -20.86
C HIS D 392 -8.46 -30.26 -20.54
N LYS D 393 -7.40 -31.02 -20.54
CA LYS D 393 -6.16 -30.43 -20.17
C LYS D 393 -5.83 -29.46 -21.24
N CYS D 394 -4.94 -28.54 -20.94
CA CYS D 394 -4.49 -27.58 -21.91
C CYS D 394 -3.80 -28.23 -23.08
N ILE D 395 -4.04 -27.71 -24.27
CA ILE D 395 -3.33 -28.22 -25.41
C ILE D 395 -2.39 -27.20 -25.97
N GLY D 396 -2.34 -26.05 -25.36
CA GLY D 396 -1.49 -24.96 -25.78
C GLY D 396 -0.46 -24.73 -24.73
N GLN D 397 -0.20 -25.76 -24.00
CA GLN D 397 0.64 -25.70 -22.81
C GLN D 397 2.12 -25.46 -23.14
N LYS D 398 2.71 -26.34 -23.94
CA LYS D 398 4.11 -26.21 -24.31
C LYS D 398 4.42 -24.95 -25.09
N PHE D 399 3.43 -24.45 -25.81
CA PHE D 399 3.61 -23.23 -26.62
C PHE D 399 3.67 -22.00 -25.72
N GLY D 400 2.72 -21.90 -24.79
CA GLY D 400 2.70 -20.80 -23.84
C GLY D 400 3.96 -20.80 -23.01
N LEU D 401 4.47 -21.99 -22.70
CA LEU D 401 5.68 -22.11 -21.91
C LEU D 401 6.91 -21.76 -22.75
N LEU D 402 6.93 -22.25 -23.98
CA LEU D 402 7.99 -21.91 -24.91
C LEU D 402 8.15 -20.40 -24.97
N GLN D 403 7.06 -19.71 -25.33
CA GLN D 403 7.07 -18.26 -25.39
C GLN D 403 7.59 -17.68 -24.08
N VAL D 404 6.94 -18.05 -22.98
CA VAL D 404 7.31 -17.54 -21.67
C VAL D 404 8.80 -17.73 -21.40
N LYS D 405 9.29 -18.94 -21.60
CA LYS D 405 10.69 -19.25 -21.36
C LYS D 405 11.61 -18.48 -22.31
N THR D 406 11.33 -18.56 -23.61
CA THR D 406 12.08 -17.80 -24.59
C THR D 406 12.24 -16.36 -24.12
N ILE D 407 11.12 -15.74 -23.77
CA ILE D 407 11.13 -14.37 -23.25
C ILE D 407 11.98 -14.29 -21.98
N LEU D 408 11.84 -15.29 -21.11
CA LEU D 408 12.62 -15.34 -19.87
C LEU D 408 14.12 -15.42 -20.16
N ALA D 409 14.51 -16.41 -20.96
CA ALA D 409 15.92 -16.64 -21.25
C ALA D 409 16.58 -15.42 -21.91
N THR D 410 15.77 -14.57 -22.53
CA THR D 410 16.28 -13.41 -23.23
C THR D 410 16.24 -12.15 -22.37
N ALA D 411 15.27 -12.08 -21.46
CA ALA D 411 15.09 -10.90 -20.64
C ALA D 411 16.24 -10.68 -19.65
N PHE D 412 16.39 -11.60 -18.70
CA PHE D 412 17.39 -11.46 -17.64
C PHE D 412 18.82 -11.55 -18.15
N ARG D 413 19.01 -12.12 -19.33
CA ARG D 413 20.33 -12.28 -19.91
C ARG D 413 20.95 -10.94 -20.28
N SER D 414 20.11 -10.01 -20.73
CA SER D 414 20.57 -8.69 -21.15
C SER D 414 20.30 -7.63 -20.10
N TYR D 415 19.47 -7.96 -19.11
CA TYR D 415 18.98 -6.96 -18.17
C TYR D 415 19.01 -7.35 -16.71
N ASP D 416 18.89 -6.32 -15.87
CA ASP D 416 18.45 -6.48 -14.49
C ASP D 416 17.09 -5.80 -14.43
N PHE D 417 16.37 -5.99 -13.33
CA PHE D 417 15.11 -5.31 -13.13
C PHE D 417 14.92 -5.02 -11.66
N GLN D 418 14.42 -3.82 -11.34
CA GLN D 418 14.17 -3.46 -9.96
C GLN D 418 12.71 -3.18 -9.71
N LEU D 419 12.10 -3.95 -8.81
CA LEU D 419 10.75 -3.68 -8.37
C LEU D 419 10.68 -2.27 -7.82
N LEU D 420 9.77 -1.47 -8.37
CA LEU D 420 9.55 -0.12 -7.87
C LEU D 420 8.63 -0.20 -6.65
N ARG D 421 8.65 -1.34 -5.99
CA ARG D 421 7.85 -1.58 -4.79
C ARG D 421 8.65 -2.37 -3.76
N ASP D 422 8.20 -2.31 -2.51
CA ASP D 422 8.84 -3.05 -1.43
C ASP D 422 8.55 -4.55 -1.56
N GLU D 423 7.31 -4.88 -1.88
CA GLU D 423 6.91 -6.27 -2.05
C GLU D 423 6.32 -6.52 -3.43
N VAL D 424 5.82 -7.73 -3.66
CA VAL D 424 5.23 -8.08 -4.94
C VAL D 424 3.83 -7.52 -5.11
N PRO D 425 3.39 -7.32 -6.36
CA PRO D 425 2.09 -6.72 -6.68
C PRO D 425 0.92 -7.59 -6.26
N ASP D 426 -0.10 -6.97 -5.67
CA ASP D 426 -1.33 -7.66 -5.33
C ASP D 426 -2.05 -8.10 -6.60
N PRO D 427 -2.45 -9.39 -6.65
CA PRO D 427 -3.16 -9.94 -7.79
C PRO D 427 -4.54 -9.30 -7.98
N ASP D 428 -4.73 -8.62 -9.09
CA ASP D 428 -6.01 -7.99 -9.41
C ASP D 428 -7.05 -9.04 -9.81
N TYR D 429 -8.01 -9.29 -8.92
CA TYR D 429 -8.98 -10.37 -9.11
C TYR D 429 -10.23 -9.97 -9.88
N HIS D 430 -10.29 -8.73 -10.36
CA HIS D 430 -11.54 -8.22 -10.93
C HIS D 430 -11.79 -8.57 -12.40
N THR D 431 -10.89 -9.36 -12.98
CA THR D 431 -10.94 -9.71 -14.40
C THR D 431 -11.01 -11.20 -14.69
N MET D 432 -11.42 -11.55 -15.88
CA MET D 432 -11.62 -12.94 -16.20
C MET D 432 -10.38 -13.78 -16.12
N VAL D 433 -9.28 -13.31 -16.64
CA VAL D 433 -8.07 -14.05 -16.53
C VAL D 433 -7.36 -13.21 -15.56
N VAL D 434 -6.90 -13.77 -14.47
CA VAL D 434 -6.32 -12.99 -13.38
C VAL D 434 -4.80 -12.84 -13.50
N GLY D 435 -4.35 -11.60 -13.63
CA GLY D 435 -2.93 -11.28 -13.63
C GLY D 435 -2.60 -10.30 -12.52
N PRO D 436 -1.35 -9.80 -12.51
CA PRO D 436 -0.95 -8.79 -11.53
C PRO D 436 -1.45 -7.40 -11.92
N THR D 437 -1.84 -6.60 -10.93
CA THR D 437 -2.37 -5.27 -11.16
C THR D 437 -1.47 -4.46 -12.09
N ALA D 438 -2.05 -3.89 -13.13
CA ALA D 438 -1.29 -3.10 -14.09
C ALA D 438 -0.54 -1.97 -13.40
N SER D 439 -1.18 -1.33 -12.44
CA SER D 439 -0.59 -0.20 -11.72
C SER D 439 0.53 -0.63 -10.79
N GLN D 440 0.32 -1.72 -10.06
CA GLN D 440 1.30 -2.22 -9.11
C GLN D 440 2.47 -2.93 -9.79
N CYS D 441 2.44 -2.97 -11.12
CA CYS D 441 3.46 -3.68 -11.89
C CYS D 441 4.50 -2.75 -12.52
N ARG D 442 4.86 -1.69 -11.81
CA ARG D 442 5.91 -0.79 -12.28
C ARG D 442 7.26 -1.49 -12.15
N VAL D 443 8.22 -1.08 -12.97
CA VAL D 443 9.53 -1.72 -12.98
C VAL D 443 10.60 -0.79 -13.54
N LYS D 444 11.84 -1.00 -13.10
CA LYS D 444 12.97 -0.25 -13.64
C LYS D 444 14.03 -1.20 -14.18
N TYR D 445 14.17 -1.23 -15.50
CA TYR D 445 15.14 -2.11 -16.14
C TYR D 445 16.53 -1.47 -16.19
N ILE D 446 17.55 -2.30 -16.13
CA ILE D 446 18.94 -1.83 -16.15
C ILE D 446 19.82 -2.79 -16.95
N ARG D 447 20.19 -2.38 -18.16
CA ARG D 447 21.00 -3.23 -19.03
C ARG D 447 22.34 -3.57 -18.40
N ARG D 448 22.99 -4.62 -18.92
CA ARG D 448 24.25 -5.11 -18.38
C ARG D 448 25.40 -4.88 -19.35
CHA HEM E . -32.10 15.59 -19.35
CHB HEM E . -32.38 15.13 -24.19
CHC HEM E . -28.23 17.63 -24.67
CHD HEM E . -27.94 18.11 -19.85
C1A HEM E . -32.53 15.25 -20.62
C2A HEM E . -33.73 14.49 -20.94
C3A HEM E . -33.81 14.37 -22.26
C4A HEM E . -32.66 15.04 -22.85
CMA HEM E . -34.92 13.65 -23.04
CAA HEM E . -34.74 13.94 -19.91
CBA HEM E . -34.22 12.64 -19.32
CGA HEM E . -35.38 11.86 -18.74
O1A HEM E . -36.53 12.37 -18.81
O2A HEM E . -35.15 10.74 -18.21
C1B HEM E . -31.28 15.77 -24.76
C2B HEM E . -30.98 15.87 -26.17
C3B HEM E . -29.84 16.56 -26.30
C4B HEM E . -29.38 16.92 -24.97
CMB HEM E . -31.82 15.29 -27.32
CAB HEM E . -29.15 16.89 -27.63
CBB HEM E . -29.86 17.39 -28.66
C1C HEM E . -27.77 17.95 -23.41
C2C HEM E . -26.53 18.61 -23.08
C3C HEM E . -26.45 18.74 -21.76
C4C HEM E . -27.65 18.16 -21.19
CMC HEM E . -25.47 19.09 -24.10
CAC HEM E . -25.31 19.39 -20.93
CBC HEM E . -24.15 19.69 -21.52
C1D HEM E . -28.99 17.44 -19.26
C2D HEM E . -29.14 17.24 -17.82
C3D HEM E . -30.45 16.46 -17.67
C4D HEM E . -30.95 16.26 -19.02
CMD HEM E . -28.20 17.73 -16.71
CAD HEM E . -31.10 15.99 -16.35
CBD HEM E . -32.09 17.06 -15.88
CGD HEM E . -32.88 16.57 -14.70
O1D HEM E . -33.38 17.43 -13.93
O2D HEM E . -33.02 15.34 -14.52
NA HEM E . -31.90 15.57 -21.81
NB HEM E . -30.28 16.42 -24.06
NC HEM E . -28.44 17.70 -22.22
ND HEM E . -30.06 16.85 -19.91
FE HEM E . -30.16 16.65 -21.98
CAA LNP F . -30.96 10.43 -18.10
CAB LNP F . -30.00 9.33 -18.60
CAC LNP F . -28.94 9.93 -19.49
CAD LNP F . -28.46 11.32 -19.16
CAE LNP F . -28.78 11.58 -17.70
CAF LNP F . -30.28 11.69 -17.55
CAG LNP F . -30.84 8.29 -19.33
CAH LNP F . -30.03 7.33 -20.24
CAI LNP F . -28.57 7.71 -20.48
CAJ LNP F . -28.43 9.23 -20.52
CAK LNP F . -31.94 9.00 -20.07
CAL LNP F . -32.84 7.95 -20.69
CAM LNP F . -32.09 7.37 -21.87
CAN LNP F . -30.71 6.82 -21.53
CAO LNP F . -26.97 11.57 -19.23
CAP LNP F . -26.71 12.68 -18.21
CAQ LNP F . -27.99 12.82 -17.39
CAR LNP F . -29.15 12.30 -20.08
CAS LNP F . -28.26 10.43 -16.84
CAT LNP F . -31.47 7.42 -18.25
CAV LNP F . -27.70 12.98 -15.90
CAW LNP F . -29.79 7.14 -22.70
CAX LNP F . -30.83 5.30 -21.40
CAY LNP F . -28.98 12.89 -15.08
CAZ LNP F . -26.97 14.29 -15.62
CBA LNP F . -26.97 14.64 -14.13
CBB LNP F . -25.60 15.10 -13.66
CBC LNP F . -25.70 16.25 -12.66
CBD LNP F . -26.63 15.89 -11.51
CBE LNP F . -24.33 16.67 -12.15
CBF LNP F . -29.01 12.14 -21.40
CBG LNP F . -29.34 12.62 -22.77
CBH LNP F . -28.44 11.36 -22.53
OBH LNP F . -32.87 6.33 -22.46
CHA HEM G . 16.76 -15.40 33.06
CHB HEM G . 17.35 -15.67 28.25
CHC HEM G . 21.40 -13.02 28.59
CHD HEM G . 21.02 -13.00 33.42
C1A HEM G . 16.56 -15.72 31.73
C2A HEM G . 15.47 -16.50 31.19
C3A HEM G . 15.64 -16.57 29.87
C4A HEM G . 16.83 -15.83 29.52
CMA HEM G . 14.73 -17.31 28.87
CAA HEM G . 14.32 -17.14 32.00
CBA HEM G . 14.71 -18.53 32.52
CGA HEM G . 13.57 -19.12 33.32
O1A HEM G . 12.42 -18.63 33.17
O2A HEM G . 13.81 -20.06 34.11
C1B HEM G . 18.49 -14.97 27.92
C2B HEM G . 19.02 -14.80 26.59
C3B HEM G . 20.14 -14.08 26.67
C4B HEM G . 20.36 -13.75 28.07
CMB HEM G . 18.40 -15.38 25.28
CAB HEM G . 21.06 -13.64 25.51
CBB HEM G . 20.54 -13.31 24.33
C1C HEM G . 21.67 -12.80 29.92
C2C HEM G . 22.82 -12.10 30.45
C3C HEM G . 22.71 -12.10 31.78
C4C HEM G . 21.49 -12.79 32.14
CMC HEM G . 23.97 -11.48 29.63
CAC HEM G . 23.72 -11.47 32.77
CBC HEM G . 24.44 -10.41 32.39
C1D HEM G . 19.87 -13.67 33.77
C2D HEM G . 19.47 -13.95 35.14
C3D HEM G . 18.15 -14.70 35.02
C4D HEM G . 17.88 -14.80 33.61
CMD HEM G . 20.23 -13.58 36.42
CAD HEM G . 17.28 -15.25 36.18
CBD HEM G . 16.48 -14.09 36.77
CGD HEM G . 15.32 -14.64 37.54
O1D HEM G . 14.48 -13.83 38.01
O2D HEM G . 15.23 -15.88 37.68
NA HEM G . 17.37 -15.32 30.69
NB HEM G . 19.33 -14.31 28.81
NC HEM G . 20.87 -13.19 30.98
ND HEM G . 18.91 -14.18 32.91
FE HEM G . 19.13 -14.28 30.86
CAA LNP H . 17.66 -20.85 34.63
CAB LNP H . 18.78 -21.75 34.11
CAC LNP H . 19.88 -20.94 33.48
CAD LNP H . 20.21 -19.61 34.10
CAE LNP H . 19.61 -19.57 35.48
CAF LNP H . 18.10 -19.58 35.37
CAG LNP H . 18.21 -22.74 33.10
CAH LNP H . 19.31 -23.56 32.40
CAI LNP H . 20.61 -22.83 32.07
CAJ LNP H . 20.52 -21.36 32.39
CAK LNP H . 17.38 -21.96 32.10
CAL LNP H . 16.72 -22.93 31.15
CAM LNP H . 17.82 -23.59 30.32
CAN LNP H . 18.79 -24.37 31.20
CAO LNP H . 21.68 -19.31 34.34
CAP LNP H . 21.66 -18.32 35.50
CAQ LNP H . 20.25 -18.32 36.08
CAR LNP H . 19.67 -18.53 33.20
CAS LNP H . 20.07 -20.77 36.29
CAT LNP H . 17.31 -23.70 33.84
CAV LNP H . 20.25 -18.33 37.59
CAW LNP H . 20.00 -24.75 30.35
CAX LNP H . 18.11 -25.63 31.72
CAY LNP H . 18.94 -17.77 38.13
CAZ LNP H . 21.44 -17.53 38.13
CBA LNP H . 21.00 -16.42 39.08
CBB LNP H . 22.22 -15.71 39.68
CBC LNP H . 21.81 -14.58 40.62
CBD LNP H . 22.51 -14.70 41.96
CBE LNP H . 22.08 -13.22 39.99
CBF LNP H . 20.15 -18.44 31.95
CBG LNP H . 20.16 -17.76 30.63
CBH LNP H . 21.09 -18.99 30.93
OBH LNP H . 17.22 -24.46 29.35
CHA HEM I . 9.57 16.40 15.56
CHB HEM I . 12.19 18.44 19.10
CHC HEM I . 15.25 20.16 15.72
CHD HEM I . 12.42 18.49 12.17
C1A HEM I . 10.05 16.75 16.81
C2A HEM I . 9.53 16.27 18.08
C3A HEM I . 10.25 16.82 19.06
C4A HEM I . 11.25 17.69 18.43
CMA HEM I . 10.07 16.61 20.58
CAA HEM I . 8.36 15.27 18.26
CBA HEM I . 7.17 16.00 18.88
CGA HEM I . 5.96 15.10 18.84
O1A HEM I . 6.08 13.91 19.27
O2A HEM I . 4.89 15.56 18.39
C1B HEM I . 13.23 19.11 18.49
C2B HEM I . 14.21 19.95 19.14
C3B HEM I . 15.05 20.42 18.20
C4B HEM I . 14.62 19.89 16.92
CMB HEM I . 14.28 20.25 20.66
CAB HEM I . 16.26 21.36 18.41
CBB HEM I . 17.24 21.03 19.25
C1C HEM I . 14.73 19.91 14.48
C2C HEM I . 15.26 20.41 13.23
C3C HEM I . 14.48 19.95 12.25
C4C HEM I . 13.43 19.14 12.83
CMC HEM I . 16.50 21.31 13.07
CAC HEM I . 14.68 20.25 10.74
CBC HEM I . 14.41 19.30 9.84
C1D HEM I . 11.41 17.75 12.73
C2D HEM I . 10.40 17.02 12.00
C3D HEM I . 9.51 16.36 13.06
C4D HEM I . 10.07 16.77 14.34
CMD HEM I . 10.25 16.91 10.47
CAD HEM I . 8.27 15.47 12.81
CBD HEM I . 8.49 14.10 13.45
CGD HEM I . 7.39 13.17 12.99
O1D HEM I . 7.68 12.21 12.24
O2D HEM I . 6.22 13.38 13.38
NA HEM I . 11.09 17.61 17.07
NB HEM I . 13.52 19.11 17.13
NC HEM I . 13.62 19.14 14.20
ND HEM I . 11.18 17.58 14.10
FE HEM I . 12.41 18.34 15.65
CAA LNP J . 4.58 19.37 15.32
CAB LNP J . 4.68 20.85 15.74
CAC LNP J . 6.02 21.48 15.51
CAD LNP J . 6.99 20.87 14.54
CAE LNP J . 6.21 20.02 13.56
CAF LNP J . 5.65 18.85 14.34
CAG LNP J . 4.36 20.95 17.22
CAH LNP J . 4.38 22.40 17.74
CAI LNP J . 5.28 23.33 16.94
CAJ LNP J . 6.35 22.57 16.20
CAK LNP J . 5.38 20.12 17.97
CAL LNP J . 4.91 19.90 19.41
CAM LNP J . 4.40 21.20 20.02
CAN LNP J . 4.77 22.46 19.23
CAO LNP J . 7.73 21.84 13.62
CAP LNP J . 8.03 21.01 12.37
CAQ LNP J . 7.22 19.72 12.48
CAR LNP J . 8.02 20.10 15.32
CAS LNP J . 5.08 20.84 12.96
CAT LNP J . 2.96 20.38 17.44
CAV LNP J . 6.58 19.32 11.16
CAW LNP J . 6.27 22.67 19.31
CAX LNP J . 4.05 23.65 19.84
CAY LNP J . 5.71 18.08 11.35
CAZ LNP J . 7.62 19.11 10.07
CBA LNP J . 7.10 18.17 8.98
CBB LNP J . 7.49 18.66 7.59
CBC LNP J . 7.37 17.57 6.53
CBD LNP J . 6.76 18.09 5.24
CBE LNP J . 8.72 16.91 6.27
CBF LNP J . 8.87 20.79 16.09
CBG LNP J . 10.02 20.79 17.03
CBH LNP J . 9.34 22.12 16.56
OBH LNP J . 2.98 21.14 20.22
CHA HEM K . -7.56 -25.36 -21.61
CHB HEM K . -4.65 -22.74 -18.75
CHC HEM K . -2.02 -21.45 -22.62
CHD HEM K . -5.29 -23.52 -25.54
C1A HEM K . -7.00 -24.78 -20.51
C2A HEM K . -7.43 -24.96 -19.14
C3A HEM K . -6.63 -24.25 -18.34
C4A HEM K . -5.66 -23.58 -19.18
CMA HEM K . -6.72 -24.14 -16.80
CAA HEM K . -8.61 -25.85 -18.69
CBA HEM K . -9.85 -25.02 -18.38
CGA HEM K . -10.97 -25.95 -18.02
O1A HEM K . -10.71 -27.00 -17.36
O2A HEM K . -12.14 -25.66 -18.39
C1B HEM K . -3.67 -22.18 -19.54
C2B HEM K . -2.56 -21.39 -19.07
C3B HEM K . -1.83 -21.03 -20.13
C4B HEM K . -2.46 -21.58 -21.32
CMB HEM K . -2.28 -21.02 -17.60
CAB HEM K . -0.55 -20.16 -20.10
CBB HEM K . 0.63 -20.68 -20.47
C1C HEM K . -2.71 -21.83 -23.75
C2C HEM K . -2.40 -21.47 -25.13
C3C HEM K . -3.30 -22.05 -25.91
C4C HEM K . -4.23 -22.79 -25.09
CMC HEM K . -1.22 -20.59 -25.59
CAC HEM K . -3.35 -21.94 -27.45
CBC HEM K . -2.66 -22.79 -28.20
C1D HEM K . -6.22 -24.20 -24.77
C2D HEM K . -7.36 -24.91 -25.29
C3D HEM K . -8.07 -25.50 -24.07
C4D HEM K . -7.29 -25.06 -22.93
CMD HEM K . -7.78 -25.06 -26.78
CAD HEM K . -9.36 -26.35 -24.05
CBD HEM K . -9.09 -27.73 -23.48
CGD HEM K . -10.22 -28.65 -23.85
O1D HEM K . -9.94 -29.84 -24.21
O2D HEM K . -11.40 -28.23 -23.81
NA HEM K . -5.91 -23.93 -20.49
NB HEM K . -3.57 -22.28 -20.91
NC HEM K . -3.83 -22.64 -23.77
ND HEM K . -6.21 -24.32 -23.39
FE HEM K . -4.89 -23.26 -22.12
CAA LNP L . -12.25 -22.71 -21.65
CAB LNP L . -12.61 -21.20 -21.59
CAC LNP L . -11.51 -20.38 -22.22
CAD LNP L . -10.64 -21.07 -23.22
CAE LNP L . -11.48 -22.08 -23.95
CAF LNP L . -11.78 -23.23 -23.01
CAG LNP L . -12.86 -20.82 -20.13
CAH LNP L . -12.77 -19.32 -19.87
CAI LNP L . -11.51 -18.66 -20.41
CAJ LNP L . -11.31 -19.09 -21.89
CAK LNP L . -11.84 -21.53 -19.28
CAL LNP L . -12.30 -21.39 -17.83
CAM LNP L . -12.29 -19.92 -17.42
CAN LNP L . -12.97 -18.96 -18.39
CAO LNP L . -10.10 -20.17 -24.32
CAP LNP L . -9.96 -21.09 -25.53
CAQ LNP L . -10.61 -22.42 -25.15
CAR LNP L . -9.48 -21.72 -22.50
CAS LNP L . -12.78 -21.45 -24.44
CAT LNP L . -14.26 -21.30 -19.78
CAV LNP L . -11.38 -23.04 -26.31
CAW LNP L . -12.38 -17.57 -18.17
CAX LNP L . -14.47 -18.93 -18.09
CAY LNP L . -12.02 -24.35 -25.89
CAZ LNP L . -10.47 -23.23 -27.51
CBA LNP L . -11.15 -24.01 -28.63
CBB LNP L . -10.72 -23.49 -29.99
CBC LNP L . -10.83 -24.57 -31.07
CBD LNP L . -11.96 -25.54 -30.76
CBE LNP L . -11.00 -23.95 -32.45
CBF LNP L . -8.60 -20.96 -21.83
CBG LNP L . -7.37 -20.90 -21.00
CBH LNP L . -8.17 -19.61 -21.42
OBH LNP L . -12.95 -19.82 -16.14
#